data_1COM
#
_entry.id   1COM
#
_cell.length_a   102.400
_cell.length_b   68.300
_cell.length_c   102.800
_cell.angle_alpha   90.00
_cell.angle_beta   105.60
_cell.angle_gamma   90.00
#
_symmetry.space_group_name_H-M   'P 1 21 1'
#
loop_
_entity.id
_entity.type
_entity.pdbx_description
1 polymer 'CHORISMATE MUTASE'
2 non-polymer 'PREPHENIC ACID'
3 water water
#
_entity_poly.entity_id   1
_entity_poly.type   'polypeptide(L)'
_entity_poly.pdbx_seq_one_letter_code
;MMIRGIRGATTVERDTEEEILQKTKQLLEKIIEENHTKPEDVVQMLLSATPDLHAVFPAKAVRELSGWQYVPVTCMQEMD
VTGGLKKCIRVMMTVQTDVPQDQIRHVYLEKAVVLRPDLSLTKNTEL
;
_entity_poly.pdbx_strand_id   A,B,C,D,E,F,G,H,I,J,K,L
#
# COMPACT_ATOMS: atom_id res chain seq x y z
N MET A 2 -6.67 -41.32 -8.94
CA MET A 2 -7.00 -40.84 -7.61
C MET A 2 -5.95 -39.81 -7.27
N ILE A 3 -6.31 -38.94 -6.35
CA ILE A 3 -5.39 -37.96 -5.76
C ILE A 3 -5.54 -38.27 -4.27
N ARG A 4 -4.48 -38.15 -3.47
CA ARG A 4 -4.62 -38.54 -2.07
C ARG A 4 -3.84 -37.52 -1.26
N GLY A 5 -4.30 -37.44 -0.01
CA GLY A 5 -3.68 -36.57 0.99
C GLY A 5 -2.57 -37.28 1.80
N ILE A 6 -1.44 -36.61 1.95
CA ILE A 6 -0.29 -37.07 2.71
C ILE A 6 -0.04 -36.03 3.81
N ARG A 7 -0.33 -36.51 5.02
CA ARG A 7 -0.06 -35.86 6.29
C ARG A 7 1.37 -35.89 6.79
N GLY A 8 1.69 -34.82 7.54
CA GLY A 8 2.99 -34.56 8.12
C GLY A 8 2.83 -33.66 9.36
N ALA A 9 3.78 -33.67 10.29
CA ALA A 9 3.73 -32.96 11.56
C ALA A 9 5.13 -32.94 12.15
N THR A 10 5.54 -31.87 12.83
CA THR A 10 6.87 -31.66 13.39
C THR A 10 6.70 -30.55 14.46
N THR A 11 7.60 -30.43 15.42
CA THR A 11 7.51 -29.37 16.40
C THR A 11 8.85 -28.63 16.32
N VAL A 12 8.88 -27.33 16.65
CA VAL A 12 10.08 -26.50 16.70
C VAL A 12 10.46 -26.33 18.17
N GLU A 13 11.66 -25.85 18.49
CA GLU A 13 11.99 -25.62 19.88
C GLU A 13 11.82 -24.16 20.25
N ARG A 14 12.22 -23.26 19.37
CA ARG A 14 12.07 -21.84 19.59
C ARG A 14 11.25 -21.35 18.41
N ASP A 15 10.62 -20.20 18.59
CA ASP A 15 9.87 -19.60 17.52
C ASP A 15 10.80 -18.64 16.74
N THR A 16 11.66 -19.16 15.86
CA THR A 16 12.48 -18.27 15.06
C THR A 16 12.25 -18.62 13.58
N GLU A 17 12.58 -17.70 12.67
CA GLU A 17 12.46 -17.92 11.24
C GLU A 17 13.27 -19.12 10.78
N GLU A 18 14.53 -19.13 11.26
CA GLU A 18 15.52 -20.16 10.97
C GLU A 18 15.05 -21.52 11.48
N GLU A 19 14.56 -21.59 12.71
CA GLU A 19 14.08 -22.85 13.28
C GLU A 19 12.83 -23.34 12.61
N ILE A 20 11.86 -22.46 12.35
CA ILE A 20 10.60 -22.86 11.73
C ILE A 20 10.84 -23.30 10.29
N LEU A 21 11.59 -22.54 9.51
CA LEU A 21 11.90 -22.97 8.16
C LEU A 21 12.79 -24.22 8.12
N GLN A 22 13.81 -24.38 8.99
CA GLN A 22 14.64 -25.58 9.05
C GLN A 22 13.85 -26.87 9.31
N LYS A 23 13.04 -26.94 10.37
CA LYS A 23 12.29 -28.12 10.68
C LYS A 23 11.17 -28.31 9.69
N THR A 24 10.56 -27.28 9.07
CA THR A 24 9.54 -27.52 8.07
C THR A 24 10.17 -28.11 6.80
N LYS A 25 11.34 -27.63 6.36
CA LYS A 25 11.99 -28.18 5.19
C LYS A 25 12.39 -29.61 5.49
N GLN A 26 12.84 -29.90 6.70
CA GLN A 26 13.14 -31.25 7.10
C GLN A 26 11.89 -32.10 6.92
N LEU A 27 10.72 -31.60 7.30
CA LEU A 27 9.54 -32.44 7.24
C LEU A 27 9.18 -32.79 5.81
N LEU A 28 9.24 -31.79 4.95
CA LEU A 28 8.79 -31.98 3.58
C LEU A 28 9.76 -32.87 2.84
N GLU A 29 11.07 -32.69 3.01
CA GLU A 29 12.05 -33.56 2.38
C GLU A 29 11.78 -35.02 2.73
N LYS A 30 11.38 -35.21 3.96
CA LYS A 30 11.17 -36.53 4.47
C LYS A 30 9.95 -37.12 3.80
N ILE A 31 8.84 -36.39 3.70
CA ILE A 31 7.60 -36.88 3.04
C ILE A 31 7.85 -37.27 1.59
N ILE A 32 8.58 -36.38 0.91
CA ILE A 32 8.95 -36.54 -0.47
C ILE A 32 9.74 -37.83 -0.62
N GLU A 33 10.76 -38.02 0.20
CA GLU A 33 11.57 -39.21 0.14
C GLU A 33 10.72 -40.44 0.30
N GLU A 34 9.95 -40.52 1.39
CA GLU A 34 9.12 -41.66 1.71
C GLU A 34 8.12 -42.00 0.63
N ASN A 35 7.54 -41.00 -0.02
CA ASN A 35 6.43 -41.27 -0.96
C ASN A 35 6.76 -41.03 -2.41
N HIS A 36 8.00 -40.59 -2.65
CA HIS A 36 8.60 -40.39 -3.97
C HIS A 36 7.88 -39.39 -4.84
N THR A 37 7.37 -38.38 -4.13
CA THR A 37 6.55 -37.33 -4.66
C THR A 37 7.23 -36.48 -5.69
N LYS A 38 6.67 -36.24 -6.87
CA LYS A 38 7.27 -35.36 -7.87
C LYS A 38 6.53 -34.03 -7.77
N PRO A 39 7.14 -32.84 -7.78
CA PRO A 39 6.46 -31.56 -7.69
C PRO A 39 5.25 -31.46 -8.61
N GLU A 40 5.33 -31.83 -9.89
CA GLU A 40 4.16 -31.77 -10.76
C GLU A 40 3.02 -32.74 -10.49
N ASP A 41 3.10 -33.56 -9.48
CA ASP A 41 1.98 -34.42 -9.15
C ASP A 41 1.28 -33.86 -7.94
N VAL A 42 1.71 -32.71 -7.46
CA VAL A 42 1.14 -32.17 -6.26
C VAL A 42 0.13 -31.15 -6.75
N VAL A 43 -1.11 -31.45 -6.41
CA VAL A 43 -2.27 -30.58 -6.66
C VAL A 43 -2.06 -29.30 -5.84
N GLN A 44 -1.77 -29.44 -4.55
CA GLN A 44 -1.61 -28.32 -3.63
C GLN A 44 -1.20 -28.81 -2.24
N MET A 45 -0.78 -27.88 -1.38
CA MET A 45 -0.34 -28.17 -0.02
C MET A 45 -0.83 -27.05 0.89
N LEU A 46 -1.24 -27.46 2.08
CA LEU A 46 -1.72 -26.60 3.16
C LEU A 46 -0.75 -26.84 4.31
N LEU A 47 -0.36 -25.81 5.01
CA LEU A 47 0.53 -25.98 6.15
C LEU A 47 -0.10 -25.24 7.30
N SER A 48 -0.30 -25.79 8.48
CA SER A 48 -0.85 -25.06 9.60
C SER A 48 0.13 -24.91 10.75
N ALA A 49 0.08 -23.85 11.58
CA ALA A 49 0.98 -23.71 12.71
C ALA A 49 0.16 -23.43 13.92
N THR A 50 0.64 -23.89 15.07
CA THR A 50 -0.08 -23.68 16.33
C THR A 50 -0.03 -22.20 16.68
N PRO A 51 -0.94 -21.59 17.45
CA PRO A 51 -1.03 -20.12 17.64
C PRO A 51 0.07 -19.35 18.38
N ASP A 52 1.00 -20.12 18.92
CA ASP A 52 2.23 -19.69 19.56
C ASP A 52 3.37 -19.46 18.56
N LEU A 53 3.29 -19.93 17.32
CA LEU A 53 4.34 -19.65 16.35
C LEU A 53 4.01 -18.45 15.49
N HIS A 54 4.91 -17.47 15.48
CA HIS A 54 4.73 -16.20 14.81
C HIS A 54 5.84 -15.68 13.92
N ALA A 55 7.07 -16.10 14.09
CA ALA A 55 8.17 -15.52 13.34
C ALA A 55 8.18 -15.61 11.82
N VAL A 56 7.63 -16.63 11.15
CA VAL A 56 7.64 -16.71 9.68
C VAL A 56 6.57 -17.72 9.31
N PHE A 57 6.08 -17.59 8.07
CA PHE A 57 5.13 -18.54 7.53
C PHE A 57 5.82 -19.88 7.19
N PRO A 58 5.35 -21.08 7.58
CA PRO A 58 5.92 -22.38 7.22
C PRO A 58 6.11 -22.58 5.70
N ALA A 59 5.14 -22.10 4.92
CA ALA A 59 5.15 -22.16 3.45
C ALA A 59 6.38 -21.59 2.76
N LYS A 60 7.15 -20.68 3.37
CA LYS A 60 8.31 -20.13 2.70
C LYS A 60 9.34 -21.24 2.56
N ALA A 61 9.26 -22.30 3.37
CA ALA A 61 10.18 -23.43 3.33
C ALA A 61 10.01 -24.20 2.06
N VAL A 62 8.80 -24.29 1.47
CA VAL A 62 8.57 -25.02 0.21
C VAL A 62 9.39 -24.48 -0.99
N ARG A 63 9.67 -23.18 -1.03
CA ARG A 63 10.43 -22.61 -2.10
C ARG A 63 11.93 -22.85 -1.92
N GLU A 64 12.37 -23.48 -0.84
CA GLU A 64 13.75 -23.89 -0.71
C GLU A 64 14.01 -25.18 -1.47
N LEU A 65 12.96 -25.95 -1.74
CA LEU A 65 13.06 -27.22 -2.45
C LEU A 65 13.20 -26.94 -3.94
N SER A 66 14.19 -27.46 -4.68
CA SER A 66 14.23 -27.24 -6.12
C SER A 66 13.09 -27.93 -6.84
N GLY A 67 12.51 -27.16 -7.74
CA GLY A 67 11.41 -27.60 -8.57
C GLY A 67 10.03 -27.47 -7.98
N TRP A 68 9.88 -26.87 -6.78
CA TRP A 68 8.58 -26.66 -6.12
C TRP A 68 8.00 -25.23 -6.16
N GLN A 69 8.61 -24.42 -7.03
CA GLN A 69 8.22 -23.04 -7.35
C GLN A 69 6.74 -22.91 -7.74
N TYR A 70 6.14 -23.94 -8.33
CA TYR A 70 4.80 -23.83 -8.83
C TYR A 70 3.79 -24.65 -8.06
N VAL A 71 4.17 -25.22 -6.92
CA VAL A 71 3.20 -26.03 -6.22
C VAL A 71 2.41 -25.01 -5.43
N PRO A 72 1.08 -24.96 -5.58
CA PRO A 72 0.29 -24.04 -4.81
C PRO A 72 0.23 -24.42 -3.32
N VAL A 73 0.58 -23.46 -2.46
CA VAL A 73 0.62 -23.59 -1.01
C VAL A 73 -0.01 -22.36 -0.33
N THR A 74 -0.67 -22.65 0.78
CA THR A 74 -1.17 -21.63 1.68
C THR A 74 -1.24 -22.28 3.07
N CYS A 75 -1.05 -21.39 4.03
CA CYS A 75 -1.09 -21.70 5.44
C CYS A 75 -2.42 -21.27 6.04
N MET A 76 -2.61 -21.83 7.22
CA MET A 76 -3.76 -21.62 8.04
C MET A 76 -3.26 -21.83 9.48
N GLN A 77 -4.13 -21.53 10.41
CA GLN A 77 -3.84 -21.67 11.79
C GLN A 77 -4.54 -22.90 12.34
N GLU A 78 -3.77 -23.60 13.12
CA GLU A 78 -4.25 -24.77 13.79
C GLU A 78 -5.11 -24.28 14.96
N MET A 79 -6.15 -25.04 15.31
CA MET A 79 -6.96 -24.71 16.46
C MET A 79 -6.20 -24.92 17.76
N ASP A 80 -6.42 -24.07 18.75
CA ASP A 80 -5.76 -24.17 20.03
C ASP A 80 -6.53 -25.19 20.88
N VAL A 81 -5.95 -26.36 21.10
CA VAL A 81 -6.58 -27.37 21.91
C VAL A 81 -5.85 -27.44 23.23
N THR A 82 -6.66 -27.63 24.27
CA THR A 82 -6.23 -27.84 25.63
C THR A 82 -5.44 -29.15 25.65
N GLY A 83 -4.17 -29.07 26.02
CA GLY A 83 -3.34 -30.25 26.12
C GLY A 83 -2.81 -30.67 24.76
N GLY A 84 -2.80 -29.74 23.82
CA GLY A 84 -2.29 -30.02 22.51
C GLY A 84 -0.78 -29.86 22.48
N LEU A 85 -0.21 -30.26 21.37
CA LEU A 85 1.22 -30.20 21.18
C LEU A 85 1.53 -28.76 20.84
N LYS A 86 2.37 -28.13 21.65
CA LYS A 86 2.75 -26.76 21.43
C LYS A 86 3.78 -26.77 20.32
N LYS A 87 3.96 -25.61 19.71
CA LYS A 87 4.92 -25.37 18.64
C LYS A 87 4.95 -26.43 17.54
N CYS A 88 3.77 -26.86 17.09
CA CYS A 88 3.65 -27.89 16.05
C CYS A 88 3.30 -27.26 14.69
N ILE A 89 3.88 -27.83 13.63
CA ILE A 89 3.68 -27.42 12.25
C ILE A 89 3.09 -28.66 11.61
N ARG A 90 1.92 -28.65 11.00
CA ARG A 90 1.37 -29.83 10.34
C ARG A 90 1.28 -29.56 8.83
N VAL A 91 1.20 -30.55 7.93
CA VAL A 91 1.10 -30.27 6.49
C VAL A 91 0.07 -31.22 5.90
N MET A 92 -0.59 -30.82 4.84
CA MET A 92 -1.54 -31.67 4.14
C MET A 92 -1.07 -31.46 2.70
N MET A 93 -0.50 -32.52 2.11
CA MET A 93 -0.05 -32.44 0.74
C MET A 93 -1.03 -33.22 -0.16
N THR A 94 -1.49 -32.70 -1.29
CA THR A 94 -2.45 -33.46 -2.09
C THR A 94 -1.72 -33.78 -3.38
N VAL A 95 -1.55 -35.08 -3.61
CA VAL A 95 -0.77 -35.59 -4.73
C VAL A 95 -1.60 -36.52 -5.59
N GLN A 96 -1.23 -36.63 -6.87
CA GLN A 96 -1.86 -37.59 -7.79
C GLN A 96 -1.19 -38.93 -7.48
N THR A 97 -1.91 -40.01 -7.21
CA THR A 97 -1.24 -41.24 -6.86
C THR A 97 -2.22 -42.37 -6.90
N ASP A 98 -1.59 -43.50 -7.22
CA ASP A 98 -2.27 -44.78 -7.36
C ASP A 98 -2.04 -45.71 -6.17
N VAL A 99 -1.16 -45.30 -5.23
CA VAL A 99 -0.81 -46.07 -4.03
C VAL A 99 -2.07 -46.17 -3.17
N PRO A 100 -2.40 -47.32 -2.60
CA PRO A 100 -3.51 -47.43 -1.68
C PRO A 100 -3.31 -46.49 -0.48
N GLN A 101 -4.49 -46.14 0.04
CA GLN A 101 -4.66 -45.23 1.17
C GLN A 101 -3.95 -45.80 2.37
N ASP A 102 -4.14 -47.09 2.64
CA ASP A 102 -3.49 -47.71 3.79
C ASP A 102 -2.01 -47.85 3.61
N GLN A 103 -1.42 -47.37 2.53
CA GLN A 103 -0.01 -47.53 2.29
C GLN A 103 0.72 -46.20 2.18
N ILE A 104 0.02 -45.07 2.36
CA ILE A 104 0.63 -43.74 2.18
C ILE A 104 1.55 -43.58 3.38
N ARG A 105 2.71 -42.97 3.24
CA ARG A 105 3.61 -42.80 4.37
C ARG A 105 3.46 -41.39 4.92
N HIS A 106 2.83 -41.26 6.08
CA HIS A 106 2.64 -39.96 6.69
C HIS A 106 3.77 -39.83 7.72
N VAL A 107 4.42 -38.67 7.76
CA VAL A 107 5.66 -38.45 8.46
C VAL A 107 5.49 -37.61 9.72
N TYR A 108 5.84 -38.14 10.89
CA TYR A 108 5.67 -37.48 12.18
C TYR A 108 7.01 -37.33 12.85
N LEU A 109 7.57 -36.12 12.86
CA LEU A 109 8.91 -35.87 13.34
C LEU A 109 8.99 -35.01 14.58
N GLU A 110 10.22 -34.82 15.08
CA GLU A 110 10.54 -34.12 16.32
C GLU A 110 9.62 -34.57 17.46
N LYS A 111 8.99 -33.72 18.26
CA LYS A 111 8.11 -34.21 19.33
C LYS A 111 6.82 -34.79 18.80
N ALA A 112 6.57 -34.69 17.50
CA ALA A 112 5.35 -35.28 17.00
C ALA A 112 5.52 -36.76 16.68
N VAL A 113 6.62 -37.39 17.12
CA VAL A 113 6.79 -38.85 17.02
C VAL A 113 5.76 -39.60 17.84
N VAL A 114 5.06 -38.92 18.74
CA VAL A 114 4.04 -39.53 19.57
C VAL A 114 2.75 -39.96 18.83
N LEU A 115 2.78 -39.85 17.49
CA LEU A 115 1.66 -40.01 16.58
C LEU A 115 2.07 -41.05 15.51
N MET B 2 -5.86 -33.83 -14.71
CA MET B 2 -5.32 -33.76 -13.36
C MET B 2 -6.26 -32.79 -12.62
N ILE B 3 -6.14 -32.58 -11.30
CA ILE B 3 -6.86 -31.50 -10.67
C ILE B 3 -5.73 -30.65 -10.11
N ARG B 4 -5.79 -29.34 -10.20
CA ARG B 4 -4.72 -28.47 -9.78
C ARG B 4 -5.25 -27.35 -8.89
N GLY B 5 -4.46 -26.81 -7.96
CA GLY B 5 -4.93 -25.74 -7.08
C GLY B 5 -4.62 -24.37 -7.68
N ILE B 6 -5.35 -23.30 -7.39
CA ILE B 6 -5.02 -22.01 -7.97
C ILE B 6 -5.01 -21.13 -6.75
N ARG B 7 -4.03 -20.26 -6.72
CA ARG B 7 -3.82 -19.41 -5.58
C ARG B 7 -4.14 -18.00 -5.98
N GLY B 8 -4.75 -17.31 -5.06
CA GLY B 8 -4.97 -15.92 -5.29
C GLY B 8 -4.79 -15.18 -4.00
N ALA B 9 -4.51 -13.89 -4.07
CA ALA B 9 -4.44 -13.07 -2.87
C ALA B 9 -4.78 -11.61 -3.18
N THR B 10 -5.37 -10.88 -2.22
CA THR B 10 -5.75 -9.45 -2.35
C THR B 10 -5.83 -8.87 -0.95
N THR B 11 -5.78 -7.54 -0.87
CA THR B 11 -5.91 -6.81 0.38
C THR B 11 -7.11 -5.84 0.37
N VAL B 12 -7.71 -5.65 1.55
CA VAL B 12 -8.75 -4.67 1.74
C VAL B 12 -8.09 -3.49 2.47
N GLU B 13 -8.66 -2.29 2.33
CA GLU B 13 -8.20 -1.10 3.02
C GLU B 13 -8.78 -1.03 4.41
N ARG B 14 -10.01 -1.49 4.57
CA ARG B 14 -10.71 -1.40 5.83
C ARG B 14 -11.47 -2.70 6.02
N ASP B 15 -11.70 -3.06 7.27
CA ASP B 15 -12.49 -4.21 7.58
C ASP B 15 -13.99 -3.90 7.45
N THR B 16 -14.47 -3.90 6.22
CA THR B 16 -15.86 -3.68 5.99
C THR B 16 -16.43 -4.80 5.16
N GLU B 17 -17.69 -5.16 5.42
CA GLU B 17 -18.42 -6.11 4.63
C GLU B 17 -18.42 -5.72 3.16
N GLU B 18 -18.55 -4.44 2.85
CA GLU B 18 -18.57 -4.02 1.46
C GLU B 18 -17.22 -4.21 0.78
N GLU B 19 -16.12 -3.85 1.44
CA GLU B 19 -14.86 -3.91 0.73
C GLU B 19 -14.35 -5.33 0.64
N ILE B 20 -14.62 -6.14 1.66
CA ILE B 20 -14.25 -7.54 1.66
C ILE B 20 -14.98 -8.18 0.52
N LEU B 21 -16.30 -8.11 0.43
CA LEU B 21 -17.03 -8.73 -0.68
C LEU B 21 -16.63 -8.17 -2.04
N GLN B 22 -16.49 -6.87 -2.27
CA GLN B 22 -16.06 -6.42 -3.59
C GLN B 22 -14.64 -6.87 -3.92
N LYS B 23 -13.64 -6.80 -3.04
CA LYS B 23 -12.28 -7.17 -3.43
C LYS B 23 -12.17 -8.69 -3.56
N THR B 24 -12.86 -9.51 -2.76
CA THR B 24 -12.86 -10.92 -2.97
C THR B 24 -13.51 -11.26 -4.32
N LYS B 25 -14.64 -10.63 -4.66
CA LYS B 25 -15.31 -10.88 -5.94
C LYS B 25 -14.40 -10.61 -7.07
N GLN B 26 -13.75 -9.47 -6.97
CA GLN B 26 -12.85 -9.05 -8.01
C GLN B 26 -11.71 -10.00 -8.15
N LEU B 27 -11.16 -10.61 -7.11
CA LEU B 27 -10.06 -11.60 -7.23
C LEU B 27 -10.51 -12.89 -7.93
N LEU B 28 -11.57 -13.48 -7.40
CA LEU B 28 -12.19 -14.64 -7.99
C LEU B 28 -12.54 -14.39 -9.45
N GLU B 29 -13.10 -13.24 -9.84
CA GLU B 29 -13.41 -12.99 -11.23
C GLU B 29 -12.18 -13.02 -12.08
N LYS B 30 -11.06 -12.60 -11.54
CA LYS B 30 -9.86 -12.56 -12.32
C LYS B 30 -9.32 -13.98 -12.44
N ILE B 31 -9.32 -14.82 -11.40
CA ILE B 31 -8.83 -16.18 -11.48
C ILE B 31 -9.64 -16.91 -12.57
N ILE B 32 -10.96 -16.78 -12.55
CA ILE B 32 -11.85 -17.42 -13.51
C ILE B 32 -11.50 -16.99 -14.92
N GLU B 33 -11.28 -15.70 -15.11
CA GLU B 33 -10.99 -15.12 -16.40
C GLU B 33 -9.69 -15.64 -16.96
N GLU B 34 -8.69 -15.59 -16.11
CA GLU B 34 -7.33 -16.00 -16.44
C GLU B 34 -7.20 -17.51 -16.70
N ASN B 35 -7.94 -18.31 -15.96
CA ASN B 35 -7.83 -19.74 -16.09
C ASN B 35 -9.01 -20.36 -16.79
N HIS B 36 -9.99 -19.59 -17.31
CA HIS B 36 -11.18 -20.11 -17.98
C HIS B 36 -12.02 -21.00 -17.10
N THR B 37 -12.11 -20.71 -15.82
CA THR B 37 -12.76 -21.65 -14.92
C THR B 37 -14.26 -21.62 -15.09
N LYS B 38 -14.89 -22.78 -15.25
CA LYS B 38 -16.34 -22.85 -15.32
C LYS B 38 -16.63 -23.52 -14.00
N PRO B 39 -17.66 -23.14 -13.25
CA PRO B 39 -18.01 -23.69 -11.93
C PRO B 39 -18.02 -25.17 -11.73
N GLU B 40 -18.49 -25.96 -12.70
CA GLU B 40 -18.56 -27.41 -12.54
C GLU B 40 -17.22 -28.16 -12.52
N ASP B 41 -16.17 -27.43 -12.85
CA ASP B 41 -14.81 -27.92 -12.83
C ASP B 41 -14.23 -27.65 -11.44
N VAL B 42 -14.90 -26.95 -10.52
CA VAL B 42 -14.26 -26.63 -9.26
C VAL B 42 -14.56 -27.75 -8.29
N VAL B 43 -13.48 -28.33 -7.77
CA VAL B 43 -13.63 -29.38 -6.79
C VAL B 43 -14.10 -28.70 -5.52
N GLN B 44 -13.42 -27.65 -5.07
CA GLN B 44 -13.77 -26.96 -3.84
C GLN B 44 -12.92 -25.70 -3.82
N MET B 45 -13.05 -24.86 -2.77
CA MET B 45 -12.32 -23.60 -2.68
C MET B 45 -12.16 -23.23 -1.21
N LEU B 46 -11.00 -22.72 -0.77
CA LEU B 46 -10.77 -22.34 0.61
C LEU B 46 -10.33 -20.88 0.66
N LEU B 47 -10.91 -20.10 1.56
CA LEU B 47 -10.53 -18.70 1.66
C LEU B 47 -10.00 -18.42 3.05
N SER B 48 -8.92 -17.70 3.16
CA SER B 48 -8.43 -17.36 4.46
C SER B 48 -8.36 -15.83 4.54
N ALA B 49 -8.48 -15.34 5.77
CA ALA B 49 -8.25 -13.92 6.01
C ALA B 49 -7.35 -13.82 7.22
N THR B 50 -6.47 -12.83 7.23
CA THR B 50 -5.63 -12.53 8.38
C THR B 50 -6.43 -12.22 9.65
N PRO B 51 -5.95 -12.37 10.90
CA PRO B 51 -6.77 -12.26 12.09
C PRO B 51 -7.30 -10.84 12.39
N ASP B 52 -7.13 -9.91 11.45
CA ASP B 52 -7.61 -8.55 11.54
C ASP B 52 -8.88 -8.31 10.67
N LEU B 53 -9.55 -9.33 10.10
CA LEU B 53 -10.75 -9.10 9.30
C LEU B 53 -11.92 -9.82 9.93
N HIS B 54 -12.98 -9.11 10.36
CA HIS B 54 -14.09 -9.74 11.08
C HIS B 54 -15.46 -9.36 10.56
N ALA B 55 -15.55 -8.50 9.55
CA ALA B 55 -16.83 -7.95 9.09
C ALA B 55 -17.79 -8.92 8.44
N VAL B 56 -17.26 -9.82 7.60
CA VAL B 56 -18.06 -10.81 6.89
C VAL B 56 -17.05 -11.91 6.55
N PHE B 57 -17.58 -13.07 6.13
CA PHE B 57 -16.81 -14.23 5.68
C PHE B 57 -16.60 -14.03 4.18
N PRO B 58 -15.39 -14.03 3.63
CA PRO B 58 -15.14 -13.75 2.22
C PRO B 58 -15.93 -14.71 1.31
N ALA B 59 -16.23 -15.94 1.77
CA ALA B 59 -16.99 -16.91 1.01
C ALA B 59 -18.35 -16.39 0.59
N LYS B 60 -18.95 -15.42 1.29
CA LYS B 60 -20.21 -14.81 0.92
C LYS B 60 -20.06 -14.14 -0.46
N ALA B 61 -18.90 -13.61 -0.86
CA ALA B 61 -18.67 -13.06 -2.20
C ALA B 61 -18.92 -14.06 -3.34
N VAL B 62 -18.86 -15.36 -3.09
CA VAL B 62 -19.06 -16.38 -4.12
C VAL B 62 -20.50 -16.34 -4.55
N ARG B 63 -21.41 -15.87 -3.70
CA ARG B 63 -22.82 -15.76 -4.04
C ARG B 63 -23.11 -14.80 -5.19
N GLU B 64 -22.21 -13.88 -5.54
CA GLU B 64 -22.46 -12.95 -6.61
C GLU B 64 -21.94 -13.44 -7.94
N LEU B 65 -21.42 -14.67 -8.00
CA LEU B 65 -20.95 -15.25 -9.24
C LEU B 65 -22.06 -16.21 -9.68
N SER B 66 -22.69 -15.99 -10.83
CA SER B 66 -23.80 -16.83 -11.24
C SER B 66 -23.29 -18.19 -11.63
N GLY B 67 -24.01 -19.23 -11.27
CA GLY B 67 -23.59 -20.55 -11.65
C GLY B 67 -22.70 -21.20 -10.59
N TRP B 68 -22.27 -20.45 -9.56
CA TRP B 68 -21.39 -20.94 -8.54
C TRP B 68 -22.07 -21.33 -7.26
N GLN B 69 -23.39 -21.32 -7.20
CA GLN B 69 -24.13 -21.75 -6.02
C GLN B 69 -23.71 -23.11 -5.42
N TYR B 70 -23.31 -24.08 -6.27
CA TYR B 70 -22.94 -25.38 -5.77
C TYR B 70 -21.45 -25.59 -5.55
N VAL B 71 -20.56 -24.63 -5.82
CA VAL B 71 -19.14 -24.78 -5.48
C VAL B 71 -19.01 -24.89 -3.94
N PRO B 72 -18.41 -25.94 -3.35
CA PRO B 72 -18.17 -26.09 -1.91
C PRO B 72 -17.08 -25.14 -1.49
N VAL B 73 -17.35 -24.28 -0.53
CA VAL B 73 -16.43 -23.22 -0.12
C VAL B 73 -16.33 -23.29 1.39
N THR B 74 -15.17 -23.07 1.99
CA THR B 74 -15.13 -22.81 3.40
C THR B 74 -13.88 -21.97 3.63
N CYS B 75 -13.93 -21.30 4.78
CA CYS B 75 -12.91 -20.31 5.13
C CYS B 75 -12.11 -20.84 6.30
N MET B 76 -11.01 -20.14 6.61
CA MET B 76 -10.13 -20.48 7.72
C MET B 76 -9.32 -19.24 8.00
N GLN B 77 -8.70 -19.21 9.15
CA GLN B 77 -7.93 -18.09 9.61
C GLN B 77 -6.49 -18.24 9.23
N GLU B 78 -5.94 -17.23 8.59
CA GLU B 78 -4.54 -17.25 8.22
C GLU B 78 -3.72 -17.21 9.48
N MET B 79 -2.51 -17.75 9.56
CA MET B 79 -1.76 -17.62 10.81
C MET B 79 -1.20 -16.20 10.88
N ASP B 80 -1.01 -15.87 12.13
CA ASP B 80 -0.64 -14.51 12.48
C ASP B 80 0.86 -14.44 12.66
N VAL B 81 1.48 -13.97 11.59
CA VAL B 81 2.90 -13.87 11.50
C VAL B 81 3.26 -12.42 11.70
N THR B 82 4.23 -12.22 12.55
CA THR B 82 4.73 -10.92 12.93
C THR B 82 5.25 -10.31 11.65
N GLY B 83 4.67 -9.18 11.23
CA GLY B 83 5.12 -8.52 10.02
C GLY B 83 4.53 -9.17 8.76
N GLY B 84 3.49 -10.00 8.85
CA GLY B 84 2.85 -10.51 7.66
C GLY B 84 2.02 -9.39 7.01
N LEU B 85 1.68 -9.48 5.72
CA LEU B 85 0.81 -8.54 5.02
C LEU B 85 -0.53 -8.53 5.72
N LYS B 86 -0.97 -7.32 6.09
CA LYS B 86 -2.21 -7.10 6.82
C LYS B 86 -3.41 -7.17 5.90
N LYS B 87 -4.59 -7.39 6.51
CA LYS B 87 -5.87 -7.33 5.82
C LYS B 87 -5.85 -8.06 4.49
N CYS B 88 -5.50 -9.33 4.59
CA CYS B 88 -5.27 -10.12 3.41
C CYS B 88 -6.22 -11.28 3.38
N ILE B 89 -6.76 -11.39 2.18
CA ILE B 89 -7.66 -12.47 1.81
C ILE B 89 -6.92 -13.28 0.71
N ARG B 90 -6.90 -14.58 0.84
CA ARG B 90 -6.15 -15.49 0.00
C ARG B 90 -7.11 -16.61 -0.36
N VAL B 91 -7.02 -17.21 -1.53
CA VAL B 91 -7.94 -18.29 -1.89
C VAL B 91 -7.10 -19.44 -2.42
N MET B 92 -7.57 -20.65 -2.24
CA MET B 92 -6.93 -21.83 -2.79
C MET B 92 -8.12 -22.46 -3.49
N MET B 93 -8.17 -22.26 -4.80
CA MET B 93 -9.23 -22.84 -5.60
C MET B 93 -8.76 -24.14 -6.20
N THR B 94 -9.42 -25.26 -6.03
CA THR B 94 -8.96 -26.50 -6.60
C THR B 94 -9.80 -26.83 -7.85
N VAL B 95 -9.20 -26.98 -9.03
CA VAL B 95 -9.93 -27.17 -10.28
C VAL B 95 -9.53 -28.41 -11.07
N GLN B 96 -10.46 -29.05 -11.73
CA GLN B 96 -10.22 -30.06 -12.72
C GLN B 96 -9.52 -29.35 -13.87
N THR B 97 -8.30 -29.66 -14.28
CA THR B 97 -7.65 -29.03 -15.43
C THR B 97 -6.50 -29.90 -16.03
N ASP B 98 -6.28 -29.58 -17.31
CA ASP B 98 -5.21 -30.17 -18.09
C ASP B 98 -4.10 -29.17 -18.28
N VAL B 99 -4.26 -27.92 -17.85
CA VAL B 99 -3.19 -26.95 -17.99
C VAL B 99 -2.06 -27.47 -17.10
N PRO B 100 -0.84 -27.37 -17.60
CA PRO B 100 0.38 -27.57 -16.85
C PRO B 100 0.50 -26.73 -15.60
N GLN B 101 0.98 -27.31 -14.49
CA GLN B 101 1.30 -26.63 -13.24
C GLN B 101 1.98 -25.25 -13.33
N ASP B 102 2.96 -25.12 -14.20
CA ASP B 102 3.71 -23.91 -14.42
C ASP B 102 2.99 -22.92 -15.34
N GLN B 103 1.82 -23.29 -15.83
CA GLN B 103 1.06 -22.41 -16.67
C GLN B 103 -0.21 -21.93 -16.04
N ILE B 104 -0.54 -22.47 -14.86
CA ILE B 104 -1.69 -22.00 -14.10
C ILE B 104 -1.39 -20.53 -13.77
N ARG B 105 -2.40 -19.69 -13.89
CA ARG B 105 -2.32 -18.27 -13.67
C ARG B 105 -2.67 -18.00 -12.21
N HIS B 106 -1.71 -17.75 -11.32
CA HIS B 106 -2.09 -17.45 -9.94
C HIS B 106 -2.35 -15.95 -9.92
N VAL B 107 -3.26 -15.42 -9.09
CA VAL B 107 -3.58 -13.99 -9.18
C VAL B 107 -3.33 -13.30 -7.86
N TYR B 108 -2.59 -12.20 -7.93
CA TYR B 108 -2.25 -11.41 -6.77
C TYR B 108 -2.60 -9.97 -7.08
N LEU B 109 -3.54 -9.44 -6.30
CA LEU B 109 -4.05 -8.10 -6.55
C LEU B 109 -3.84 -7.21 -5.34
N GLU B 110 -3.92 -5.89 -5.55
CA GLU B 110 -3.83 -4.86 -4.53
C GLU B 110 -2.48 -4.84 -3.84
N LYS B 111 -2.35 -4.78 -2.52
CA LYS B 111 -1.01 -4.77 -1.91
C LYS B 111 -0.45 -6.18 -1.92
N ALA B 112 -1.28 -7.19 -2.22
CA ALA B 112 -0.85 -8.57 -2.23
C ALA B 112 0.09 -8.79 -3.36
N VAL B 113 0.24 -7.89 -4.33
CA VAL B 113 1.18 -8.10 -5.42
C VAL B 113 2.63 -8.29 -4.95
N VAL B 114 2.90 -7.94 -3.70
CA VAL B 114 4.22 -8.08 -3.17
C VAL B 114 4.55 -9.50 -2.75
N LEU B 115 3.53 -10.33 -2.51
CA LEU B 115 3.73 -11.64 -1.93
C LEU B 115 4.51 -12.66 -2.75
N ARG B 116 4.14 -12.88 -4.01
CA ARG B 116 4.88 -13.80 -4.82
C ARG B 116 5.10 -13.07 -6.11
N PRO B 117 6.10 -12.20 -6.24
CA PRO B 117 6.44 -11.52 -7.52
C PRO B 117 6.83 -12.39 -8.72
N ASP B 118 6.28 -13.62 -8.89
CA ASP B 118 6.74 -14.57 -9.87
C ASP B 118 5.65 -15.62 -10.10
N LEU B 119 4.34 -15.31 -10.21
CA LEU B 119 3.35 -16.38 -10.24
C LEU B 119 1.97 -16.17 -10.95
N MET C 2 -15.45 -37.04 -10.85
CA MET C 2 -14.32 -36.13 -10.82
C MET C 2 -13.93 -36.17 -9.34
N ILE C 3 -13.03 -35.35 -8.80
CA ILE C 3 -13.03 -35.23 -7.37
C ILE C 3 -13.92 -34.00 -7.09
N ARG C 4 -14.68 -34.03 -6.00
CA ARG C 4 -15.63 -33.00 -5.65
C ARG C 4 -15.60 -32.92 -4.13
N GLY C 5 -15.69 -31.72 -3.57
CA GLY C 5 -15.71 -31.58 -2.13
C GLY C 5 -17.14 -31.66 -1.64
N ILE C 6 -17.35 -32.16 -0.43
CA ILE C 6 -18.65 -32.26 0.19
C ILE C 6 -18.49 -31.43 1.45
N ARG C 7 -19.50 -30.65 1.82
CA ARG C 7 -19.47 -29.70 2.93
C ARG C 7 -20.49 -30.15 3.95
N GLY C 8 -20.18 -29.91 5.19
CA GLY C 8 -21.13 -30.23 6.25
C GLY C 8 -20.88 -29.28 7.41
N ALA C 9 -21.83 -29.12 8.34
CA ALA C 9 -21.62 -28.20 9.46
C ALA C 9 -22.59 -28.58 10.54
N THR C 10 -22.15 -28.37 11.78
CA THR C 10 -22.84 -28.74 12.98
C THR C 10 -22.42 -27.74 14.08
N THR C 11 -23.07 -27.78 15.25
CA THR C 11 -22.73 -26.94 16.38
C THR C 11 -22.78 -27.82 17.61
N VAL C 12 -22.16 -27.43 18.73
CA VAL C 12 -22.29 -28.12 20.01
C VAL C 12 -22.77 -27.06 20.99
N GLU C 13 -23.42 -27.45 22.08
CA GLU C 13 -23.86 -26.54 23.13
C GLU C 13 -22.79 -26.31 24.20
N ARG C 14 -21.78 -27.16 24.31
CA ARG C 14 -20.73 -27.01 25.31
C ARG C 14 -19.40 -27.44 24.71
N ASP C 15 -18.34 -26.76 25.12
CA ASP C 15 -16.99 -27.15 24.76
C ASP C 15 -16.57 -28.19 25.79
N THR C 16 -16.55 -29.42 25.33
CA THR C 16 -16.21 -30.55 26.14
C THR C 16 -15.79 -31.59 25.10
N GLU C 17 -15.01 -32.59 25.49
CA GLU C 17 -14.56 -33.61 24.57
C GLU C 17 -15.76 -34.42 24.09
N GLU C 18 -16.50 -34.90 25.07
CA GLU C 18 -17.68 -35.71 24.92
C GLU C 18 -18.66 -35.20 23.87
N GLU C 19 -19.12 -33.95 23.94
CA GLU C 19 -20.06 -33.42 22.97
C GLU C 19 -19.43 -33.24 21.59
N ILE C 20 -18.23 -32.68 21.45
CA ILE C 20 -17.56 -32.43 20.16
C ILE C 20 -17.37 -33.72 19.36
N LEU C 21 -16.94 -34.80 20.04
CA LEU C 21 -16.72 -36.05 19.34
C LEU C 21 -18.04 -36.71 18.99
N GLN C 22 -19.09 -36.51 19.82
CA GLN C 22 -20.43 -37.05 19.54
C GLN C 22 -21.05 -36.36 18.34
N LYS C 23 -21.03 -35.03 18.35
CA LYS C 23 -21.61 -34.25 17.26
C LYS C 23 -20.76 -34.32 15.98
N THR C 24 -19.43 -34.37 16.02
CA THR C 24 -18.72 -34.56 14.76
C THR C 24 -18.98 -35.93 14.18
N LYS C 25 -18.97 -37.03 14.97
CA LYS C 25 -19.32 -38.37 14.50
C LYS C 25 -20.67 -38.41 13.78
N GLN C 26 -21.73 -37.91 14.45
CA GLN C 26 -23.04 -37.71 13.83
C GLN C 26 -23.02 -37.02 12.46
N LEU C 27 -22.24 -35.95 12.31
CA LEU C 27 -22.16 -35.22 11.06
C LEU C 27 -21.54 -36.04 9.95
N LEU C 28 -20.39 -36.67 10.23
CA LEU C 28 -19.67 -37.46 9.24
C LEU C 28 -20.54 -38.62 8.78
N GLU C 29 -21.27 -39.25 9.68
CA GLU C 29 -22.17 -40.34 9.34
C GLU C 29 -23.33 -39.98 8.43
N LYS C 30 -23.88 -38.75 8.53
CA LYS C 30 -24.98 -38.35 7.68
C LYS C 30 -24.43 -38.09 6.29
N ILE C 31 -23.30 -37.41 6.18
CA ILE C 31 -22.63 -37.16 4.90
C ILE C 31 -22.28 -38.48 4.16
N ILE C 32 -21.65 -39.45 4.83
CA ILE C 32 -21.30 -40.74 4.25
C ILE C 32 -22.50 -41.53 3.74
N GLU C 33 -23.57 -41.47 4.50
CA GLU C 33 -24.81 -42.14 4.18
C GLU C 33 -25.43 -41.57 2.91
N GLU C 34 -25.79 -40.27 3.00
CA GLU C 34 -26.39 -39.50 1.93
C GLU C 34 -25.60 -39.49 0.63
N ASN C 35 -24.28 -39.47 0.76
CA ASN C 35 -23.39 -39.47 -0.37
C ASN C 35 -22.79 -40.84 -0.64
N HIS C 36 -23.12 -41.88 0.15
CA HIS C 36 -22.61 -43.23 -0.11
C HIS C 36 -21.08 -43.18 -0.16
N THR C 37 -20.43 -42.45 0.73
CA THR C 37 -19.00 -42.31 0.70
C THR C 37 -18.25 -43.53 1.22
N LYS C 38 -17.27 -44.04 0.48
CA LYS C 38 -16.43 -45.11 0.98
C LYS C 38 -15.19 -44.44 1.54
N PRO C 39 -14.59 -44.79 2.69
CA PRO C 39 -13.27 -44.29 3.09
C PRO C 39 -12.21 -44.24 1.99
N GLU C 40 -12.07 -45.27 1.20
CA GLU C 40 -11.07 -45.25 0.15
C GLU C 40 -11.34 -44.29 -1.01
N ASP C 41 -12.38 -43.47 -0.98
CA ASP C 41 -12.62 -42.53 -2.07
C ASP C 41 -12.36 -41.13 -1.59
N VAL C 42 -12.06 -41.04 -0.29
CA VAL C 42 -11.86 -39.77 0.33
C VAL C 42 -10.41 -39.39 0.14
N VAL C 43 -10.16 -38.36 -0.64
CA VAL C 43 -8.82 -37.87 -0.84
C VAL C 43 -8.21 -37.41 0.48
N GLN C 44 -9.02 -36.71 1.28
CA GLN C 44 -8.65 -36.03 2.52
C GLN C 44 -9.88 -35.35 3.13
N MET C 45 -9.75 -34.84 4.35
CA MET C 45 -10.86 -34.23 5.06
C MET C 45 -10.32 -33.09 5.90
N LEU C 46 -10.94 -31.93 5.90
CA LEU C 46 -10.48 -30.87 6.79
C LEU C 46 -11.62 -30.56 7.74
N LEU C 47 -11.32 -30.33 9.02
CA LEU C 47 -12.34 -29.94 9.95
C LEU C 47 -12.00 -28.58 10.50
N SER C 48 -12.89 -27.61 10.60
CA SER C 48 -12.53 -26.39 11.29
C SER C 48 -13.48 -26.23 12.45
N ALA C 49 -13.02 -25.45 13.40
CA ALA C 49 -13.82 -25.08 14.53
C ALA C 49 -13.70 -23.56 14.72
N THR C 50 -14.74 -22.87 15.18
CA THR C 50 -14.64 -21.44 15.51
C THR C 50 -13.72 -21.27 16.74
N PRO C 51 -13.07 -20.14 17.07
CA PRO C 51 -12.06 -20.12 18.13
C PRO C 51 -12.50 -20.29 19.58
N ASP C 52 -13.75 -20.65 19.78
CA ASP C 52 -14.30 -20.90 21.10
C ASP C 52 -14.32 -22.38 21.44
N LEU C 53 -13.68 -23.26 20.65
CA LEU C 53 -13.70 -24.68 20.96
C LEU C 53 -12.28 -25.17 21.15
N HIS C 54 -12.05 -25.65 22.38
CA HIS C 54 -10.71 -26.04 22.80
C HIS C 54 -10.53 -27.40 23.49
N ALA C 55 -11.52 -28.24 23.76
CA ALA C 55 -11.28 -29.45 24.51
C ALA C 55 -10.65 -30.62 23.77
N VAL C 56 -10.96 -30.79 22.49
CA VAL C 56 -10.51 -31.95 21.74
C VAL C 56 -10.45 -31.54 20.28
N PHE C 57 -9.53 -32.14 19.50
CA PHE C 57 -9.56 -31.94 18.07
C PHE C 57 -10.75 -32.75 17.52
N PRO C 58 -11.72 -32.16 16.78
CA PRO C 58 -12.91 -32.80 16.21
C PRO C 58 -12.56 -34.05 15.41
N ALA C 59 -11.39 -33.93 14.77
CA ALA C 59 -10.76 -34.95 13.95
C ALA C 59 -10.61 -36.29 14.64
N LYS C 60 -10.64 -36.28 15.97
CA LYS C 60 -10.51 -37.52 16.72
C LYS C 60 -11.77 -38.39 16.60
N ALA C 61 -12.86 -37.85 16.07
CA ALA C 61 -14.05 -38.63 15.84
C ALA C 61 -13.87 -39.54 14.63
N VAL C 62 -13.00 -39.20 13.67
CA VAL C 62 -12.87 -39.93 12.40
C VAL C 62 -12.49 -41.39 12.61
N ARG C 63 -11.66 -41.63 13.61
CA ARG C 63 -11.18 -42.94 13.97
C ARG C 63 -12.31 -43.79 14.57
N GLU C 64 -13.42 -43.20 15.04
CA GLU C 64 -14.50 -44.01 15.57
C GLU C 64 -15.37 -44.57 14.46
N LEU C 65 -15.09 -44.12 13.24
CA LEU C 65 -15.81 -44.55 12.08
C LEU C 65 -14.97 -45.65 11.48
N SER C 66 -15.49 -46.83 11.63
CA SER C 66 -14.83 -48.05 11.21
C SER C 66 -14.35 -48.05 9.76
N GLY C 67 -13.04 -48.13 9.53
CA GLY C 67 -12.54 -48.17 8.17
C GLY C 67 -12.00 -46.82 7.74
N TRP C 68 -12.27 -45.80 8.55
CA TRP C 68 -11.83 -44.46 8.26
C TRP C 68 -10.48 -44.20 8.86
N GLN C 69 -9.84 -45.19 9.52
CA GLN C 69 -8.58 -44.90 10.18
C GLN C 69 -7.41 -44.62 9.25
N TYR C 70 -7.64 -44.64 7.94
CA TYR C 70 -6.62 -44.30 6.97
C TYR C 70 -6.83 -43.00 6.23
N VAL C 71 -7.97 -42.34 6.47
CA VAL C 71 -8.30 -41.06 5.82
C VAL C 71 -7.41 -39.92 6.37
N PRO C 72 -6.69 -39.12 5.56
CA PRO C 72 -5.92 -37.98 6.03
C PRO C 72 -6.85 -36.87 6.55
N VAL C 73 -6.66 -36.37 7.78
CA VAL C 73 -7.45 -35.29 8.41
C VAL C 73 -6.56 -34.21 8.99
N THR C 74 -7.01 -32.97 9.02
CA THR C 74 -6.32 -31.95 9.78
C THR C 74 -7.40 -30.89 10.08
N CYS C 75 -7.19 -30.24 11.21
CA CYS C 75 -8.12 -29.25 11.74
C CYS C 75 -7.54 -27.86 11.52
N MET C 76 -8.38 -26.84 11.50
CA MET C 76 -7.90 -25.49 11.32
C MET C 76 -8.86 -24.61 12.05
N GLN C 77 -8.51 -23.35 12.16
CA GLN C 77 -9.38 -22.42 12.82
C GLN C 77 -10.26 -21.66 11.87
N GLU C 78 -11.55 -21.60 12.19
CA GLU C 78 -12.44 -20.76 11.42
C GLU C 78 -12.16 -19.33 11.85
N MET C 79 -12.26 -18.43 10.90
CA MET C 79 -12.12 -17.01 11.19
C MET C 79 -13.24 -16.40 12.04
N ASP C 80 -12.77 -15.50 12.92
CA ASP C 80 -13.60 -14.86 13.92
C ASP C 80 -14.42 -13.71 13.33
N VAL C 81 -15.57 -13.97 12.77
CA VAL C 81 -16.40 -12.96 12.17
C VAL C 81 -17.54 -12.56 13.11
N THR C 82 -17.76 -11.23 13.20
CA THR C 82 -18.81 -10.66 14.03
C THR C 82 -20.13 -11.28 13.62
N GLY C 83 -20.82 -12.01 14.47
CA GLY C 83 -22.12 -12.54 14.11
C GLY C 83 -22.06 -13.89 13.42
N GLY C 84 -20.88 -14.50 13.25
CA GLY C 84 -20.83 -15.83 12.69
C GLY C 84 -21.36 -16.81 13.72
N LEU C 85 -21.74 -18.02 13.29
CA LEU C 85 -22.28 -19.00 14.22
C LEU C 85 -21.19 -19.51 15.13
N LYS C 86 -21.51 -19.52 16.42
CA LYS C 86 -20.60 -19.91 17.50
C LYS C 86 -20.60 -21.42 17.73
N LYS C 87 -19.52 -21.94 18.30
CA LYS C 87 -19.26 -23.35 18.58
C LYS C 87 -19.76 -24.22 17.45
N CYS C 88 -19.16 -23.93 16.29
CA CYS C 88 -19.46 -24.59 15.02
C CYS C 88 -18.25 -25.28 14.41
N ILE C 89 -18.51 -26.54 14.07
CA ILE C 89 -17.53 -27.40 13.47
C ILE C 89 -18.03 -27.60 12.04
N ARG C 90 -17.17 -27.28 11.08
CA ARG C 90 -17.51 -27.43 9.68
C ARG C 90 -16.49 -28.42 9.13
N VAL C 91 -16.88 -29.13 8.07
CA VAL C 91 -16.07 -30.13 7.41
C VAL C 91 -16.01 -29.90 5.89
N MET C 92 -14.86 -30.16 5.27
CA MET C 92 -14.75 -30.15 3.83
C MET C 92 -14.16 -31.53 3.49
N MET C 93 -14.89 -32.50 2.96
CA MET C 93 -14.42 -33.86 2.66
C MET C 93 -14.17 -33.86 1.15
N THR C 94 -12.98 -34.11 0.61
CA THR C 94 -12.75 -34.11 -0.83
C THR C 94 -12.95 -35.54 -1.34
N VAL C 95 -13.85 -35.88 -2.26
CA VAL C 95 -14.04 -37.27 -2.61
C VAL C 95 -13.99 -37.48 -4.11
N GLN C 96 -13.70 -38.71 -4.53
CA GLN C 96 -13.78 -39.07 -5.92
C GLN C 96 -15.21 -39.55 -6.10
N THR C 97 -15.98 -38.87 -6.95
CA THR C 97 -17.35 -39.25 -7.20
C THR C 97 -17.65 -38.94 -8.63
N ASP C 98 -18.75 -39.50 -9.09
CA ASP C 98 -19.28 -39.29 -10.43
C ASP C 98 -20.43 -38.30 -10.32
N VAL C 99 -21.08 -38.30 -9.14
CA VAL C 99 -22.24 -37.47 -8.92
C VAL C 99 -21.87 -36.02 -9.23
N PRO C 100 -22.70 -35.40 -10.07
CA PRO C 100 -22.56 -34.00 -10.43
C PRO C 100 -22.73 -33.07 -9.25
N GLN C 101 -22.09 -31.91 -9.43
CA GLN C 101 -21.99 -30.84 -8.45
C GLN C 101 -23.30 -30.57 -7.82
N ASP C 102 -24.29 -30.38 -8.66
CA ASP C 102 -25.64 -30.03 -8.19
C ASP C 102 -26.38 -31.17 -7.53
N GLN C 103 -25.84 -32.37 -7.43
CA GLN C 103 -26.52 -33.46 -6.75
C GLN C 103 -25.68 -33.90 -5.56
N ILE C 104 -24.56 -33.20 -5.25
CA ILE C 104 -23.78 -33.50 -4.06
C ILE C 104 -24.60 -33.00 -2.89
N ARG C 105 -24.87 -33.91 -1.98
CA ARG C 105 -25.74 -33.68 -0.85
C ARG C 105 -24.87 -33.17 0.28
N HIS C 106 -24.89 -31.85 0.53
CA HIS C 106 -24.11 -31.24 1.61
C HIS C 106 -25.02 -31.21 2.83
N VAL C 107 -24.45 -31.44 4.03
CA VAL C 107 -25.23 -31.72 5.22
C VAL C 107 -25.05 -30.71 6.34
N TYR C 108 -26.10 -30.00 6.78
CA TYR C 108 -26.00 -29.04 7.88
C TYR C 108 -26.85 -29.59 9.01
N LEU C 109 -26.39 -29.65 10.24
CA LEU C 109 -27.13 -30.26 11.35
C LEU C 109 -27.06 -29.27 12.52
N GLU C 110 -27.91 -29.48 13.54
CA GLU C 110 -28.00 -28.61 14.73
C GLU C 110 -28.22 -27.12 14.38
N LYS C 111 -27.60 -26.10 15.00
CA LYS C 111 -27.84 -24.72 14.64
C LYS C 111 -27.33 -24.35 13.25
N ALA C 112 -26.45 -25.18 12.70
CA ALA C 112 -25.90 -24.99 11.36
C ALA C 112 -26.90 -25.09 10.20
N VAL C 113 -28.14 -25.54 10.45
CA VAL C 113 -29.21 -25.53 9.45
C VAL C 113 -29.48 -24.12 8.90
N VAL C 114 -28.97 -23.11 9.58
CA VAL C 114 -29.11 -21.73 9.20
C VAL C 114 -28.16 -21.32 8.11
N LEU C 115 -27.00 -21.97 8.06
CA LEU C 115 -25.87 -21.52 7.26
C LEU C 115 -26.10 -21.56 5.76
N ARG C 116 -26.72 -22.60 5.19
CA ARG C 116 -26.96 -22.59 3.75
C ARG C 116 -28.28 -23.33 3.53
N PRO C 117 -29.43 -22.69 3.77
CA PRO C 117 -30.74 -23.29 3.60
C PRO C 117 -31.03 -23.73 2.15
N ASP C 118 -30.35 -23.13 1.16
CA ASP C 118 -30.57 -23.49 -0.23
C ASP C 118 -30.08 -24.89 -0.60
N LEU C 119 -29.39 -25.51 0.34
CA LEU C 119 -28.87 -26.85 0.26
C LEU C 119 -29.51 -27.38 1.53
N SER C 120 -30.61 -28.05 1.30
CA SER C 120 -31.38 -28.59 2.37
C SER C 120 -32.00 -29.89 1.88
N MET D 2 39.40 -37.25 -29.85
CA MET D 2 38.64 -36.43 -28.96
C MET D 2 39.66 -35.41 -28.49
N ILE D 3 39.26 -34.47 -27.65
CA ILE D 3 40.18 -33.55 -27.04
C ILE D 3 40.05 -33.92 -25.57
N ARG D 4 41.04 -33.68 -24.72
CA ARG D 4 41.03 -34.17 -23.35
C ARG D 4 41.78 -33.13 -22.53
N GLY D 5 41.44 -32.88 -21.26
CA GLY D 5 42.24 -31.97 -20.44
C GLY D 5 43.36 -32.69 -19.69
N ILE D 6 44.56 -32.11 -19.66
CA ILE D 6 45.62 -32.62 -18.83
C ILE D 6 45.83 -31.63 -17.68
N ARG D 7 46.01 -32.14 -16.48
CA ARG D 7 46.08 -31.37 -15.22
C ARG D 7 47.51 -31.42 -14.71
N GLY D 8 47.87 -30.33 -14.04
CA GLY D 8 49.12 -30.16 -13.38
C GLY D 8 48.92 -29.32 -12.13
N ALA D 9 49.78 -29.46 -11.14
CA ALA D 9 49.81 -28.65 -9.93
C ALA D 9 51.26 -28.63 -9.43
N THR D 10 51.66 -27.51 -8.83
CA THR D 10 52.97 -27.28 -8.26
C THR D 10 52.81 -26.13 -7.23
N THR D 11 53.79 -25.85 -6.36
CA THR D 11 53.68 -24.85 -5.31
C THR D 11 54.95 -24.02 -5.31
N VAL D 12 55.03 -22.73 -4.92
CA VAL D 12 56.33 -22.10 -4.87
C VAL D 12 56.70 -21.83 -3.43
N GLU D 13 57.90 -21.35 -3.14
CA GLU D 13 58.28 -21.10 -1.75
C GLU D 13 58.14 -19.63 -1.37
N ARG D 14 58.30 -18.77 -2.36
CA ARG D 14 58.30 -17.36 -2.15
C ARG D 14 57.48 -16.85 -3.31
N ASP D 15 56.82 -15.76 -3.05
CA ASP D 15 56.06 -15.14 -4.09
C ASP D 15 57.03 -14.20 -4.79
N THR D 16 57.70 -14.71 -5.81
CA THR D 16 58.63 -13.90 -6.56
C THR D 16 58.49 -14.37 -7.99
N GLU D 17 58.87 -13.53 -8.94
CA GLU D 17 58.73 -13.80 -10.36
C GLU D 17 59.53 -15.02 -10.77
N GLU D 18 60.82 -14.96 -10.43
CA GLU D 18 61.81 -15.99 -10.65
C GLU D 18 61.34 -17.39 -10.25
N GLU D 19 60.91 -17.55 -9.00
CA GLU D 19 60.42 -18.80 -8.46
C GLU D 19 59.08 -19.19 -9.04
N ILE D 20 58.12 -18.27 -9.28
CA ILE D 20 56.83 -18.62 -9.88
C ILE D 20 57.04 -19.09 -11.30
N LEU D 21 57.81 -18.36 -12.11
CA LEU D 21 58.10 -18.78 -13.46
C LEU D 21 58.95 -20.04 -13.55
N GLN D 22 60.00 -20.25 -12.74
CA GLN D 22 60.79 -21.46 -12.82
C GLN D 22 59.97 -22.65 -12.38
N LYS D 23 59.26 -22.70 -11.27
CA LYS D 23 58.44 -23.88 -10.99
C LYS D 23 57.30 -24.09 -12.01
N THR D 24 56.74 -23.07 -12.70
CA THR D 24 55.68 -23.30 -13.70
C THR D 24 56.30 -23.82 -14.98
N LYS D 25 57.49 -23.38 -15.36
CA LYS D 25 58.19 -23.88 -16.54
C LYS D 25 58.41 -25.37 -16.35
N GLN D 26 58.88 -25.69 -15.14
CA GLN D 26 59.14 -27.06 -14.78
C GLN D 26 57.90 -27.91 -14.84
N LEU D 27 56.76 -27.48 -14.30
CA LEU D 27 55.52 -28.27 -14.35
C LEU D 27 55.10 -28.55 -15.78
N LEU D 28 55.20 -27.56 -16.65
CA LEU D 28 54.76 -27.72 -18.02
C LEU D 28 55.67 -28.68 -18.76
N GLU D 29 56.99 -28.52 -18.60
CA GLU D 29 57.95 -29.43 -19.18
C GLU D 29 57.66 -30.87 -18.75
N LYS D 30 57.31 -31.09 -17.50
CA LYS D 30 57.06 -32.43 -17.06
C LYS D 30 55.78 -32.96 -17.72
N ILE D 31 54.70 -32.16 -17.93
CA ILE D 31 53.48 -32.63 -18.58
C ILE D 31 53.74 -32.97 -20.06
N ILE D 32 54.53 -32.15 -20.73
CA ILE D 32 54.84 -32.39 -22.12
C ILE D 32 55.56 -33.72 -22.25
N GLU D 33 56.64 -33.84 -21.51
CA GLU D 33 57.48 -35.01 -21.49
C GLU D 33 56.68 -36.24 -21.14
N GLU D 34 55.75 -36.13 -20.21
CA GLU D 34 55.00 -37.29 -19.87
C GLU D 34 53.91 -37.59 -20.87
N ASN D 35 53.42 -36.59 -21.61
CA ASN D 35 52.27 -36.86 -22.49
C ASN D 35 52.53 -36.64 -23.96
N HIS D 36 53.80 -36.40 -24.28
CA HIS D 36 54.35 -36.26 -25.63
C HIS D 36 53.51 -35.25 -26.39
N THR D 37 53.21 -34.15 -25.69
CA THR D 37 52.31 -33.14 -26.15
C THR D 37 52.95 -32.30 -27.22
N LYS D 38 52.41 -32.18 -28.45
CA LYS D 38 53.00 -31.25 -29.41
C LYS D 38 52.24 -29.93 -29.34
N PRO D 39 52.84 -28.76 -29.53
CA PRO D 39 52.14 -27.49 -29.39
C PRO D 39 50.90 -27.37 -30.27
N GLU D 40 50.95 -27.83 -31.53
CA GLU D 40 49.82 -27.71 -32.45
C GLU D 40 48.61 -28.59 -32.15
N ASP D 41 48.72 -29.40 -31.11
CA ASP D 41 47.59 -30.19 -30.70
C ASP D 41 47.01 -29.68 -29.40
N VAL D 42 47.54 -28.58 -28.87
CA VAL D 42 47.00 -28.03 -27.65
C VAL D 42 45.94 -27.05 -28.14
N VAL D 43 44.69 -27.24 -27.72
CA VAL D 43 43.58 -26.31 -28.02
C VAL D 43 43.81 -24.94 -27.36
N GLN D 44 44.10 -24.93 -26.05
CA GLN D 44 44.27 -23.76 -25.20
C GLN D 44 44.76 -24.23 -23.82
N MET D 45 45.27 -23.38 -22.94
CA MET D 45 45.72 -23.74 -21.61
C MET D 45 45.22 -22.68 -20.61
N LEU D 46 44.89 -23.07 -19.40
CA LEU D 46 44.43 -22.17 -18.37
C LEU D 46 45.32 -22.53 -17.19
N LEU D 47 45.80 -21.46 -16.55
CA LEU D 47 46.66 -21.55 -15.40
C LEU D 47 45.99 -20.78 -14.28
N SER D 48 45.92 -21.30 -13.06
CA SER D 48 45.33 -20.62 -11.91
C SER D 48 46.39 -20.43 -10.84
N ALA D 49 46.17 -19.55 -9.87
CA ALA D 49 47.10 -19.42 -8.77
C ALA D 49 46.29 -19.19 -7.54
N THR D 50 46.82 -19.44 -6.36
CA THR D 50 46.07 -19.17 -5.13
C THR D 50 46.19 -17.68 -4.81
N PRO D 51 45.32 -16.99 -4.06
CA PRO D 51 45.40 -15.53 -3.78
C PRO D 51 46.61 -14.94 -3.02
N ASP D 52 47.63 -15.76 -2.78
CA ASP D 52 48.85 -15.31 -2.13
C ASP D 52 50.00 -15.13 -3.13
N LEU D 53 49.75 -15.50 -4.39
CA LEU D 53 50.77 -15.28 -5.38
C LEU D 53 50.33 -14.05 -6.15
N HIS D 54 51.26 -13.11 -6.22
CA HIS D 54 51.02 -11.83 -6.83
C HIS D 54 52.14 -11.42 -7.70
N ALA D 55 53.25 -12.13 -7.75
CA ALA D 55 54.44 -11.53 -8.34
C ALA D 55 54.50 -11.48 -9.84
N VAL D 56 53.93 -12.48 -10.52
CA VAL D 56 53.90 -12.51 -11.96
C VAL D 56 52.75 -13.46 -12.29
N PHE D 57 52.30 -13.42 -13.52
CA PHE D 57 51.30 -14.31 -14.05
C PHE D 57 52.06 -15.59 -14.44
N PRO D 58 51.68 -16.82 -14.05
CA PRO D 58 52.19 -18.07 -14.59
C PRO D 58 52.33 -18.20 -16.09
N ALA D 59 51.40 -17.64 -16.87
CA ALA D 59 51.41 -17.78 -18.32
C ALA D 59 52.66 -17.27 -19.01
N LYS D 60 53.51 -16.56 -18.25
CA LYS D 60 54.67 -15.98 -18.84
C LYS D 60 55.64 -17.11 -19.12
N ALA D 61 55.59 -18.13 -18.26
CA ALA D 61 56.41 -19.32 -18.36
C ALA D 61 56.16 -20.09 -19.65
N VAL D 62 54.93 -20.07 -20.19
CA VAL D 62 54.62 -20.83 -21.39
C VAL D 62 55.39 -20.28 -22.59
N ARG D 63 55.63 -18.98 -22.59
CA ARG D 63 56.34 -18.43 -23.71
C ARG D 63 57.84 -18.70 -23.61
N GLU D 64 58.29 -19.44 -22.59
CA GLU D 64 59.66 -19.95 -22.53
C GLU D 64 59.76 -21.30 -23.20
N LEU D 65 58.66 -22.06 -23.35
CA LEU D 65 58.75 -23.40 -23.92
C LEU D 65 58.84 -23.15 -25.40
N SER D 66 59.89 -23.73 -25.94
CA SER D 66 60.26 -23.74 -27.34
C SER D 66 59.10 -23.97 -28.31
N GLY D 67 58.65 -22.94 -28.99
CA GLY D 67 57.63 -23.13 -30.01
C GLY D 67 56.17 -23.04 -29.55
N TRP D 68 55.95 -22.58 -28.33
CA TRP D 68 54.60 -22.47 -27.81
C TRP D 68 54.03 -21.07 -27.95
N GLN D 69 54.66 -20.21 -28.75
CA GLN D 69 54.19 -18.84 -28.96
C GLN D 69 52.79 -18.66 -29.53
N TYR D 70 52.15 -19.67 -30.09
CA TYR D 70 50.82 -19.46 -30.60
C TYR D 70 49.79 -20.20 -29.81
N VAL D 71 50.20 -20.79 -28.68
CA VAL D 71 49.26 -21.57 -27.89
C VAL D 71 48.51 -20.52 -27.10
N PRO D 72 47.19 -20.55 -27.09
CA PRO D 72 46.46 -19.59 -26.31
C PRO D 72 46.34 -19.95 -24.82
N VAL D 73 46.69 -19.04 -23.92
CA VAL D 73 46.71 -19.25 -22.48
C VAL D 73 46.04 -18.07 -21.76
N THR D 74 45.47 -18.35 -20.59
CA THR D 74 45.02 -17.26 -19.76
C THR D 74 44.98 -17.83 -18.34
N CYS D 75 45.22 -16.90 -17.42
CA CYS D 75 45.23 -17.20 -16.02
C CYS D 75 43.90 -16.88 -15.33
N MET D 76 43.72 -17.34 -14.11
CA MET D 76 42.51 -17.15 -13.36
C MET D 76 42.91 -17.28 -11.89
N GLN D 77 42.09 -16.85 -10.97
CA GLN D 77 42.43 -17.01 -9.59
C GLN D 77 41.67 -18.20 -9.08
N GLU D 78 42.37 -19.02 -8.33
CA GLU D 78 41.81 -20.19 -7.72
C GLU D 78 41.06 -19.70 -6.49
N MET D 79 40.08 -20.46 -6.08
CA MET D 79 39.30 -20.05 -4.95
C MET D 79 40.07 -20.34 -3.69
N ASP D 80 39.88 -19.48 -2.70
CA ASP D 80 40.60 -19.60 -1.45
C ASP D 80 39.85 -20.57 -0.54
N VAL D 81 40.38 -21.78 -0.31
CA VAL D 81 39.70 -22.75 0.51
C VAL D 81 40.36 -22.88 1.88
N THR D 82 39.58 -23.12 2.91
CA THR D 82 40.08 -23.37 4.25
C THR D 82 40.89 -24.67 4.19
N GLY D 83 42.17 -24.57 4.56
CA GLY D 83 43.02 -25.75 4.67
C GLY D 83 43.55 -26.25 3.33
N GLY D 84 43.38 -25.44 2.29
CA GLY D 84 43.87 -25.75 0.97
C GLY D 84 45.34 -25.42 0.87
N LEU D 85 45.91 -25.80 -0.25
CA LEU D 85 47.33 -25.66 -0.48
C LEU D 85 47.61 -24.21 -0.80
N LYS D 86 48.58 -23.66 -0.09
CA LYS D 86 48.96 -22.28 -0.25
C LYS D 86 50.02 -22.29 -1.34
N LYS D 87 50.24 -21.14 -1.95
CA LYS D 87 51.22 -20.91 -3.01
C LYS D 87 51.25 -21.92 -4.15
N CYS D 88 50.07 -22.48 -4.43
CA CYS D 88 49.81 -23.44 -5.47
C CYS D 88 49.41 -22.80 -6.81
N ILE D 89 50.09 -23.26 -7.88
CA ILE D 89 49.92 -22.87 -9.28
C ILE D 89 49.37 -24.13 -9.93
N ARG D 90 48.17 -24.13 -10.51
CA ARG D 90 47.55 -25.28 -11.17
C ARG D 90 47.38 -25.05 -12.69
N VAL D 91 47.37 -26.06 -13.58
CA VAL D 91 47.16 -25.86 -15.03
C VAL D 91 46.17 -26.90 -15.51
N MET D 92 45.38 -26.50 -16.51
CA MET D 92 44.41 -27.33 -17.20
C MET D 92 44.77 -27.01 -18.65
N MET D 93 45.44 -27.94 -19.31
CA MET D 93 45.91 -27.80 -20.70
C MET D 93 44.96 -28.62 -21.58
N THR D 94 44.37 -28.17 -22.69
CA THR D 94 43.39 -29.00 -23.41
C THR D 94 44.03 -29.52 -24.69
N VAL D 95 44.06 -30.84 -24.95
CA VAL D 95 44.75 -31.33 -26.12
C VAL D 95 43.95 -32.30 -26.95
N GLN D 96 44.25 -32.27 -28.25
CA GLN D 96 43.68 -33.21 -29.21
C GLN D 96 44.35 -34.56 -28.97
N THR D 97 43.72 -35.67 -28.60
CA THR D 97 44.48 -36.88 -28.31
C THR D 97 43.51 -38.07 -28.33
N ASP D 98 43.97 -39.30 -28.63
CA ASP D 98 43.01 -40.38 -28.44
C ASP D 98 43.45 -41.41 -27.40
N VAL D 99 44.50 -41.02 -26.66
CA VAL D 99 44.97 -41.77 -25.52
C VAL D 99 43.78 -41.75 -24.58
N PRO D 100 43.30 -42.86 -24.04
CA PRO D 100 42.06 -42.92 -23.27
C PRO D 100 42.17 -42.07 -22.02
N GLN D 101 41.00 -41.73 -21.51
CA GLN D 101 40.89 -40.84 -20.35
C GLN D 101 41.67 -41.35 -19.16
N ASP D 102 41.55 -42.65 -18.81
CA ASP D 102 42.28 -43.13 -17.66
C ASP D 102 43.79 -43.16 -17.85
N GLN D 103 44.31 -42.89 -19.04
CA GLN D 103 45.70 -43.04 -19.32
C GLN D 103 46.46 -41.74 -19.48
N ILE D 104 45.75 -40.61 -19.45
CA ILE D 104 46.42 -39.30 -19.57
C ILE D 104 47.31 -39.15 -18.32
N ARG D 105 48.47 -38.54 -18.39
CA ARG D 105 49.28 -38.44 -17.19
C ARG D 105 49.16 -37.05 -16.57
N HIS D 106 48.54 -36.92 -15.42
CA HIS D 106 48.46 -35.61 -14.79
C HIS D 106 49.70 -35.47 -13.88
N VAL D 107 50.31 -34.29 -13.72
CA VAL D 107 51.56 -34.09 -12.98
C VAL D 107 51.32 -33.30 -11.70
N TYR D 108 51.84 -33.69 -10.54
CA TYR D 108 51.62 -33.01 -9.28
C TYR D 108 53.01 -32.89 -8.70
N LEU D 109 53.54 -31.70 -8.54
CA LEU D 109 54.91 -31.51 -8.15
C LEU D 109 55.02 -30.72 -6.87
N GLU D 110 56.25 -30.59 -6.39
CA GLU D 110 56.59 -29.89 -5.15
C GLU D 110 55.65 -30.27 -4.02
N LYS D 111 55.02 -29.37 -3.27
CA LYS D 111 54.13 -29.79 -2.20
C LYS D 111 52.85 -30.37 -2.72
N ALA D 112 52.60 -30.22 -4.02
CA ALA D 112 51.35 -30.75 -4.51
C ALA D 112 51.42 -32.25 -4.71
N VAL D 113 52.56 -32.95 -4.45
CA VAL D 113 52.66 -34.41 -4.61
C VAL D 113 51.68 -35.20 -3.75
N VAL D 114 50.98 -34.53 -2.86
CA VAL D 114 50.00 -35.13 -1.98
C VAL D 114 48.66 -35.34 -2.73
N LEU D 115 48.68 -35.54 -4.06
CA LEU D 115 47.48 -35.61 -4.89
C LEU D 115 47.54 -36.81 -5.85
N MET E 2 39.16 -29.41 -36.18
CA MET E 2 39.91 -29.41 -34.94
C MET E 2 39.16 -28.38 -34.06
N ILE E 3 39.43 -28.18 -32.75
CA ILE E 3 38.87 -27.02 -32.07
C ILE E 3 40.07 -26.31 -31.47
N ARG E 4 40.07 -24.97 -31.51
CA ARG E 4 41.16 -24.12 -31.05
C ARG E 4 40.64 -23.01 -30.16
N GLY E 5 41.50 -22.35 -29.39
CA GLY E 5 41.08 -21.27 -28.52
C GLY E 5 41.42 -19.89 -29.12
N ILE E 6 40.55 -18.88 -29.03
CA ILE E 6 40.89 -17.55 -29.52
C ILE E 6 40.89 -16.62 -28.32
N ARG E 7 41.98 -15.86 -28.25
CA ARG E 7 42.20 -14.96 -27.15
C ARG E 7 41.82 -13.55 -27.56
N GLY E 8 41.38 -12.80 -26.60
CA GLY E 8 41.07 -11.40 -26.83
C GLY E 8 41.37 -10.66 -25.55
N ALA E 9 41.61 -9.35 -25.59
CA ALA E 9 41.74 -8.56 -24.39
C ALA E 9 41.47 -7.10 -24.69
N THR E 10 40.78 -6.38 -23.82
CA THR E 10 40.52 -4.95 -23.99
C THR E 10 40.48 -4.34 -22.57
N THR E 11 40.56 -3.02 -22.48
CA THR E 11 40.45 -2.34 -21.20
C THR E 11 39.22 -1.45 -21.20
N VAL E 12 38.69 -1.13 -20.01
CA VAL E 12 37.60 -0.14 -19.88
C VAL E 12 38.15 1.08 -19.12
N GLU E 13 37.75 2.30 -19.44
CA GLU E 13 38.22 3.47 -18.69
C GLU E 13 37.65 3.59 -17.29
N ARG E 14 36.40 3.18 -17.11
CA ARG E 14 35.67 3.32 -15.87
C ARG E 14 34.95 2.01 -15.63
N ASP E 15 34.74 1.67 -14.37
CA ASP E 15 34.04 0.46 -13.98
C ASP E 15 32.52 0.68 -14.04
N THR E 16 31.98 0.69 -15.24
CA THR E 16 30.59 1.00 -15.40
C THR E 16 30.01 -0.04 -16.31
N GLU E 17 28.79 -0.50 -16.06
CA GLU E 17 28.09 -1.38 -16.94
C GLU E 17 28.11 -0.95 -18.41
N GLU E 18 27.80 0.29 -18.77
CA GLU E 18 27.74 0.70 -20.15
C GLU E 18 29.09 0.53 -20.86
N GLU E 19 30.14 0.80 -20.11
CA GLU E 19 31.54 0.78 -20.54
C GLU E 19 32.04 -0.66 -20.68
N ILE E 20 31.90 -1.48 -19.65
CA ILE E 20 32.25 -2.89 -19.72
C ILE E 20 31.45 -3.61 -20.81
N LEU E 21 30.13 -3.48 -20.95
CA LEU E 21 29.42 -4.13 -22.05
C LEU E 21 29.77 -3.52 -23.42
N GLN E 22 30.10 -2.24 -23.59
CA GLN E 22 30.48 -1.71 -24.89
C GLN E 22 31.84 -2.29 -25.27
N LYS E 23 32.87 -2.27 -24.44
CA LYS E 23 34.19 -2.75 -24.85
C LYS E 23 34.25 -4.27 -24.97
N THR E 24 33.50 -5.04 -24.17
CA THR E 24 33.43 -6.48 -24.34
C THR E 24 32.76 -6.79 -25.68
N LYS E 25 31.57 -6.21 -25.95
CA LYS E 25 30.84 -6.43 -27.20
C LYS E 25 31.72 -6.06 -28.37
N GLN E 26 32.46 -4.97 -28.27
CA GLN E 26 33.37 -4.61 -29.36
C GLN E 26 34.53 -5.59 -29.51
N LEU E 27 35.02 -6.20 -28.43
CA LEU E 27 36.11 -7.18 -28.50
C LEU E 27 35.61 -8.44 -29.19
N LEU E 28 34.50 -8.98 -28.72
CA LEU E 28 33.86 -10.13 -29.33
C LEU E 28 33.72 -9.89 -30.83
N GLU E 29 33.08 -8.79 -31.20
CA GLU E 29 32.85 -8.44 -32.59
C GLU E 29 34.06 -8.51 -33.49
N LYS E 30 35.18 -8.02 -32.98
CA LYS E 30 36.39 -8.05 -33.74
C LYS E 30 36.90 -9.49 -33.80
N ILE E 31 36.82 -10.31 -32.74
CA ILE E 31 37.28 -11.70 -32.79
C ILE E 31 36.50 -12.44 -33.86
N ILE E 32 35.18 -12.24 -33.92
CA ILE E 32 34.28 -12.86 -34.88
C ILE E 32 34.52 -12.38 -36.31
N GLU E 33 34.87 -11.13 -36.53
CA GLU E 33 35.07 -10.63 -37.87
C GLU E 33 36.34 -11.25 -38.45
N GLU E 34 37.40 -11.11 -37.67
CA GLU E 34 38.73 -11.62 -37.96
C GLU E 34 38.80 -13.12 -38.25
N ASN E 35 38.05 -13.85 -37.42
CA ASN E 35 38.07 -15.29 -37.49
C ASN E 35 36.85 -15.87 -38.20
N HIS E 36 35.86 -15.02 -38.60
CA HIS E 36 34.64 -15.44 -39.30
C HIS E 36 33.87 -16.44 -38.45
N THR E 37 33.87 -16.27 -37.14
CA THR E 37 33.27 -17.27 -36.26
C THR E 37 31.75 -17.23 -36.42
N LYS E 38 31.10 -18.39 -36.43
CA LYS E 38 29.67 -18.49 -36.55
C LYS E 38 29.27 -19.03 -35.20
N PRO E 39 28.20 -18.61 -34.51
CA PRO E 39 27.82 -19.08 -33.19
C PRO E 39 27.80 -20.57 -33.03
N GLU E 40 27.25 -21.35 -33.96
CA GLU E 40 27.20 -22.83 -33.86
C GLU E 40 28.54 -23.62 -33.84
N ASP E 41 29.64 -22.94 -34.14
CA ASP E 41 30.98 -23.45 -34.01
C ASP E 41 31.56 -23.21 -32.61
N VAL E 42 31.00 -22.36 -31.75
CA VAL E 42 31.70 -22.05 -30.52
C VAL E 42 31.33 -23.11 -29.50
N VAL E 43 32.38 -23.82 -29.10
CA VAL E 43 32.25 -24.86 -28.11
C VAL E 43 31.76 -24.20 -26.84
N GLN E 44 32.56 -23.24 -26.40
CA GLN E 44 32.26 -22.50 -25.18
C GLN E 44 33.04 -21.21 -25.15
N MET E 45 32.88 -20.35 -24.14
CA MET E 45 33.65 -19.10 -24.06
C MET E 45 33.87 -18.77 -22.60
N LEU E 46 35.00 -18.21 -22.20
CA LEU E 46 35.28 -17.90 -20.80
C LEU E 46 35.76 -16.48 -20.77
N LEU E 47 35.26 -15.59 -19.91
CA LEU E 47 35.71 -14.19 -19.89
C LEU E 47 36.23 -13.89 -18.50
N SER E 48 37.38 -13.26 -18.37
CA SER E 48 37.82 -12.84 -17.08
C SER E 48 37.88 -11.33 -17.04
N ALA E 49 37.96 -10.87 -15.79
CA ALA E 49 38.21 -9.45 -15.55
C ALA E 49 38.94 -9.41 -14.25
N THR E 50 39.78 -8.39 -14.26
CA THR E 50 40.59 -8.03 -13.10
C THR E 50 39.81 -7.79 -11.80
N PRO E 51 40.36 -7.97 -10.59
CA PRO E 51 39.64 -7.76 -9.36
C PRO E 51 39.25 -6.29 -9.08
N ASP E 52 39.50 -5.34 -9.99
CA ASP E 52 39.02 -3.99 -9.86
C ASP E 52 37.72 -3.72 -10.64
N LEU E 53 37.06 -4.72 -11.22
CA LEU E 53 35.83 -4.45 -11.96
C LEU E 53 34.66 -5.18 -11.32
N HIS E 54 33.58 -4.49 -10.90
CA HIS E 54 32.50 -5.19 -10.21
C HIS E 54 31.12 -4.83 -10.73
N ALA E 55 31.06 -3.98 -11.76
CA ALA E 55 29.78 -3.43 -12.18
C ALA E 55 28.87 -4.40 -12.88
N VAL E 56 29.39 -5.15 -13.84
CA VAL E 56 28.53 -6.07 -14.55
C VAL E 56 29.41 -7.27 -14.90
N PHE E 57 28.78 -8.41 -15.14
CA PHE E 57 29.47 -9.59 -15.64
C PHE E 57 29.59 -9.36 -17.13
N PRO E 58 30.80 -9.35 -17.67
CA PRO E 58 31.05 -9.00 -19.05
C PRO E 58 30.29 -9.93 -19.96
N ALA E 59 29.85 -11.09 -19.47
CA ALA E 59 29.18 -12.06 -20.30
C ALA E 59 27.81 -11.54 -20.75
N LYS E 60 27.30 -10.51 -20.04
CA LYS E 60 26.03 -9.86 -20.38
C LYS E 60 26.02 -9.32 -21.79
N ALA E 61 27.17 -8.86 -22.28
CA ALA E 61 27.34 -8.35 -23.62
C ALA E 61 27.07 -9.35 -24.74
N VAL E 62 27.10 -10.65 -24.45
CA VAL E 62 26.97 -11.68 -25.48
C VAL E 62 25.53 -11.75 -25.95
N ARG E 63 24.58 -11.34 -25.11
CA ARG E 63 23.21 -11.36 -25.57
C ARG E 63 22.95 -10.33 -26.67
N GLU E 64 23.84 -9.39 -27.00
CA GLU E 64 23.53 -8.45 -28.06
C GLU E 64 24.16 -8.84 -29.38
N LEU E 65 24.47 -10.12 -29.54
CA LEU E 65 25.09 -10.63 -30.74
C LEU E 65 24.04 -11.62 -31.16
N SER E 66 23.41 -11.36 -32.30
CA SER E 66 22.39 -12.24 -32.85
C SER E 66 22.94 -13.60 -33.14
N GLY E 67 22.13 -14.60 -32.82
CA GLY E 67 22.50 -15.97 -33.05
C GLY E 67 23.28 -16.57 -31.89
N TRP E 68 23.72 -15.85 -30.83
CA TRP E 68 24.55 -16.44 -29.78
C TRP E 68 23.89 -16.80 -28.48
N GLN E 69 22.57 -17.03 -28.46
CA GLN E 69 21.84 -17.33 -27.23
C GLN E 69 22.33 -18.59 -26.55
N TYR E 70 22.60 -19.63 -27.33
CA TYR E 70 22.92 -20.93 -26.79
C TYR E 70 24.43 -21.14 -26.65
N VAL E 71 25.26 -20.14 -26.90
CA VAL E 71 26.70 -20.31 -26.76
C VAL E 71 27.05 -20.28 -25.27
N PRO E 72 27.58 -21.35 -24.64
CA PRO E 72 27.82 -21.37 -23.20
C PRO E 72 29.00 -20.51 -22.87
N VAL E 73 28.90 -19.67 -21.85
CA VAL E 73 30.01 -18.83 -21.44
C VAL E 73 29.94 -18.77 -19.91
N THR E 74 31.05 -18.45 -19.25
CA THR E 74 31.06 -18.25 -17.82
C THR E 74 32.24 -17.33 -17.60
N CYS E 75 32.21 -16.60 -16.47
CA CYS E 75 33.22 -15.59 -16.13
C CYS E 75 34.11 -16.06 -14.98
N MET E 76 35.19 -15.34 -14.71
CA MET E 76 36.14 -15.70 -13.69
C MET E 76 36.90 -14.44 -13.37
N GLN E 77 37.51 -14.50 -12.21
CA GLN E 77 38.33 -13.42 -11.76
C GLN E 77 39.73 -13.70 -12.27
N GLU E 78 40.36 -12.70 -12.80
CA GLU E 78 41.75 -12.82 -13.18
C GLU E 78 42.57 -12.79 -11.90
N MET E 79 43.81 -13.29 -11.89
CA MET E 79 44.62 -13.25 -10.70
C MET E 79 45.20 -11.87 -10.56
N ASP E 80 45.37 -11.51 -9.31
CA ASP E 80 45.79 -10.15 -9.02
C ASP E 80 47.30 -10.06 -8.98
N VAL E 81 47.90 -9.50 -10.02
CA VAL E 81 49.34 -9.43 -10.08
C VAL E 81 49.70 -7.98 -10.03
N THR E 82 50.67 -7.77 -9.15
CA THR E 82 51.21 -6.47 -8.86
C THR E 82 51.72 -5.96 -10.17
N GLY E 83 51.18 -4.79 -10.54
CA GLY E 83 51.53 -4.15 -11.79
C GLY E 83 50.89 -4.80 -13.01
N GLY E 84 49.90 -5.68 -12.87
CA GLY E 84 49.25 -6.26 -14.02
C GLY E 84 48.27 -5.21 -14.54
N LEU E 85 48.15 -5.07 -15.87
CA LEU E 85 47.21 -4.17 -16.54
C LEU E 85 45.88 -4.12 -15.83
N LYS E 86 45.41 -2.91 -15.55
CA LYS E 86 44.20 -2.70 -14.77
C LYS E 86 42.99 -2.73 -15.67
N LYS E 87 41.81 -3.01 -15.11
CA LYS E 87 40.55 -2.77 -15.80
C LYS E 87 40.45 -3.46 -17.15
N CYS E 88 40.96 -4.68 -17.12
CA CYS E 88 41.09 -5.46 -18.34
C CYS E 88 40.13 -6.64 -18.43
N ILE E 89 39.41 -6.78 -19.55
CA ILE E 89 38.58 -7.97 -19.77
C ILE E 89 39.30 -8.86 -20.80
N ARG E 90 39.50 -10.14 -20.50
CA ARG E 90 40.20 -11.07 -21.41
C ARG E 90 39.20 -12.13 -21.86
N VAL E 91 39.23 -12.71 -23.06
CA VAL E 91 38.32 -13.81 -23.43
C VAL E 91 39.07 -15.08 -23.92
N MET E 92 38.54 -16.28 -23.73
CA MET E 92 39.07 -17.51 -24.30
C MET E 92 37.87 -18.12 -24.98
N MET E 93 37.86 -17.99 -26.26
CA MET E 93 36.73 -18.44 -27.03
C MET E 93 37.12 -19.76 -27.65
N THR E 94 36.41 -20.87 -27.50
CA THR E 94 36.88 -22.12 -28.07
C THR E 94 36.03 -22.39 -29.29
N VAL E 95 36.64 -22.33 -30.46
CA VAL E 95 35.95 -22.51 -31.72
C VAL E 95 36.37 -23.75 -32.47
N GLN E 96 35.37 -24.37 -33.10
CA GLN E 96 35.52 -25.46 -34.06
C GLN E 96 36.18 -24.80 -35.27
N THR E 97 37.39 -25.17 -35.66
CA THR E 97 38.07 -24.60 -36.82
C THR E 97 39.12 -25.61 -37.32
N ASP E 98 39.60 -25.40 -38.54
CA ASP E 98 40.69 -26.16 -39.14
C ASP E 98 41.70 -25.13 -39.62
N VAL E 99 41.63 -23.91 -39.08
CA VAL E 99 42.64 -22.91 -39.39
C VAL E 99 43.83 -23.31 -38.50
N PRO E 100 45.03 -23.28 -39.07
CA PRO E 100 46.26 -23.53 -38.36
C PRO E 100 46.44 -22.57 -37.21
N GLN E 101 46.93 -23.08 -36.07
CA GLN E 101 47.15 -22.33 -34.84
C GLN E 101 47.86 -20.99 -35.00
N ASP E 102 48.76 -20.98 -35.95
CA ASP E 102 49.58 -19.82 -36.23
C ASP E 102 48.83 -18.75 -37.01
N GLN E 103 47.61 -19.06 -37.44
CA GLN E 103 46.83 -18.21 -38.29
C GLN E 103 45.45 -17.88 -37.70
N ILE E 104 45.27 -18.13 -36.40
CA ILE E 104 44.08 -17.83 -35.60
C ILE E 104 44.38 -16.39 -35.19
N ARG E 105 43.44 -15.47 -35.31
CA ARG E 105 43.73 -14.07 -35.01
C ARG E 105 43.35 -13.71 -33.58
N HIS E 106 44.31 -13.31 -32.77
CA HIS E 106 44.06 -13.02 -31.39
C HIS E 106 43.91 -11.51 -31.30
N VAL E 107 42.89 -11.00 -30.58
CA VAL E 107 42.56 -9.58 -30.60
C VAL E 107 42.86 -8.87 -29.27
N TYR E 108 43.79 -7.94 -29.30
CA TYR E 108 44.19 -7.13 -28.15
C TYR E 108 43.79 -5.70 -28.47
N LEU E 109 42.72 -5.21 -27.86
CA LEU E 109 42.29 -3.83 -28.08
C LEU E 109 42.60 -2.92 -26.91
N GLU E 110 42.57 -1.60 -27.17
CA GLU E 110 42.68 -0.50 -26.21
C GLU E 110 44.01 -0.47 -25.49
N LYS E 111 44.14 -0.40 -24.18
CA LYS E 111 45.46 -0.45 -23.60
C LYS E 111 45.99 -1.88 -23.60
N ALA E 112 45.17 -2.91 -23.88
CA ALA E 112 45.61 -4.29 -23.91
C ALA E 112 46.54 -4.53 -25.08
N VAL E 113 46.68 -3.60 -26.03
CA VAL E 113 47.63 -3.79 -27.14
C VAL E 113 49.05 -4.03 -26.66
N VAL E 114 49.35 -3.62 -25.44
CA VAL E 114 50.66 -3.81 -24.82
C VAL E 114 50.91 -5.22 -24.29
N LEU E 115 49.86 -6.03 -24.11
CA LEU E 115 49.94 -7.35 -23.50
C LEU E 115 50.67 -8.41 -24.28
N ARG E 116 50.38 -8.49 -25.57
CA ARG E 116 51.11 -9.43 -26.38
C ARG E 116 51.62 -8.75 -27.62
N PRO E 117 52.60 -7.81 -27.58
CA PRO E 117 53.17 -7.17 -28.77
C PRO E 117 54.10 -8.15 -29.49
N ASP E 118 53.43 -9.01 -30.26
CA ASP E 118 54.02 -10.13 -31.00
C ASP E 118 52.91 -10.84 -31.76
N LEU E 119 51.70 -10.76 -31.17
CA LEU E 119 50.47 -11.32 -31.68
C LEU E 119 49.64 -10.33 -32.52
N MET F 2 31.27 -33.30 -32.26
CA MET F 2 31.74 -31.95 -32.10
C MET F 2 31.84 -31.87 -30.56
N ILE F 3 32.49 -30.81 -30.05
CA ILE F 3 32.67 -30.60 -28.63
C ILE F 3 31.77 -29.39 -28.30
N ARG F 4 31.03 -29.54 -27.21
CA ARG F 4 30.06 -28.58 -26.79
C ARG F 4 30.22 -28.33 -25.29
N GLY F 5 30.07 -27.08 -24.83
CA GLY F 5 30.04 -26.77 -23.41
C GLY F 5 28.64 -26.94 -22.85
N ILE F 6 28.47 -27.40 -21.62
CA ILE F 6 27.20 -27.54 -20.97
C ILE F 6 27.38 -26.79 -19.66
N ARG F 7 26.41 -25.97 -19.28
CA ARG F 7 26.53 -25.02 -18.19
C ARG F 7 25.65 -25.43 -17.04
N GLY F 8 26.01 -25.04 -15.84
CA GLY F 8 25.12 -25.28 -14.74
C GLY F 8 25.36 -24.27 -13.63
N ALA F 9 24.42 -24.18 -12.72
CA ALA F 9 24.64 -23.39 -11.53
C ALA F 9 23.71 -23.90 -10.45
N THR F 10 24.12 -23.74 -9.20
CA THR F 10 23.32 -24.14 -8.07
C THR F 10 23.72 -23.21 -6.92
N THR F 11 23.10 -23.25 -5.74
CA THR F 11 23.49 -22.36 -4.68
C THR F 11 23.56 -23.11 -3.39
N VAL F 12 24.31 -22.64 -2.41
CA VAL F 12 24.25 -23.26 -1.10
C VAL F 12 23.66 -22.23 -0.09
N GLU F 13 22.96 -22.72 0.94
CA GLU F 13 22.44 -21.93 2.03
C GLU F 13 23.55 -21.61 3.02
N ARG F 14 24.58 -22.48 3.13
CA ARG F 14 25.67 -22.36 4.09
C ARG F 14 27.01 -22.78 3.55
N ASP F 15 28.06 -22.05 3.88
CA ASP F 15 29.39 -22.44 3.52
C ASP F 15 29.93 -23.60 4.38
N THR F 16 29.45 -24.82 4.22
CA THR F 16 29.98 -25.96 4.92
C THR F 16 30.42 -26.95 3.86
N GLU F 17 31.26 -27.93 4.20
CA GLU F 17 31.68 -28.94 3.27
C GLU F 17 30.47 -29.75 2.81
N GLU F 18 29.70 -30.29 3.76
CA GLU F 18 28.54 -31.15 3.51
C GLU F 18 27.48 -30.63 2.52
N GLU F 19 27.25 -29.33 2.54
CA GLU F 19 26.26 -28.69 1.70
C GLU F 19 26.85 -28.43 0.34
N ILE F 20 28.09 -27.93 0.25
CA ILE F 20 28.77 -27.67 -1.01
C ILE F 20 28.88 -29.00 -1.76
N LEU F 21 29.45 -30.05 -1.17
CA LEU F 21 29.42 -31.33 -1.86
C LEU F 21 28.01 -31.81 -2.22
N GLN F 22 26.96 -31.71 -1.39
CA GLN F 22 25.62 -32.16 -1.75
C GLN F 22 25.01 -31.38 -2.89
N LYS F 23 25.06 -30.05 -2.88
CA LYS F 23 24.52 -29.23 -3.96
C LYS F 23 25.25 -29.47 -5.28
N THR F 24 26.59 -29.48 -5.31
CA THR F 24 27.32 -29.75 -6.50
C THR F 24 27.08 -31.12 -7.07
N LYS F 25 27.08 -32.16 -6.25
CA LYS F 25 26.88 -33.52 -6.76
C LYS F 25 25.50 -33.62 -7.40
N GLN F 26 24.46 -33.09 -6.76
CA GLN F 26 23.12 -33.16 -7.32
C GLN F 26 23.08 -32.43 -8.67
N LEU F 27 23.76 -31.29 -8.80
CA LEU F 27 23.84 -30.56 -10.05
C LEU F 27 24.53 -31.44 -11.05
N LEU F 28 25.64 -32.11 -10.70
CA LEU F 28 26.32 -33.00 -11.63
C LEU F 28 25.46 -34.14 -12.17
N GLU F 29 24.77 -34.82 -11.28
CA GLU F 29 23.86 -35.88 -11.65
C GLU F 29 22.72 -35.37 -12.50
N LYS F 30 22.22 -34.15 -12.29
CA LYS F 30 21.17 -33.59 -13.11
C LYS F 30 21.69 -33.23 -14.48
N ILE F 31 22.90 -32.66 -14.62
CA ILE F 31 23.48 -32.41 -15.93
C ILE F 31 23.61 -33.75 -16.65
N ILE F 32 24.18 -34.78 -16.00
CA ILE F 32 24.41 -36.09 -16.60
C ILE F 32 23.12 -36.73 -17.08
N GLU F 33 22.11 -36.79 -16.24
CA GLU F 33 20.81 -37.37 -16.52
C GLU F 33 20.18 -36.70 -17.74
N GLU F 34 20.26 -35.37 -17.82
CA GLU F 34 19.73 -34.60 -18.92
C GLU F 34 20.35 -34.81 -20.27
N ASN F 35 21.68 -34.76 -20.22
CA ASN F 35 22.47 -34.78 -21.43
C ASN F 35 23.00 -36.16 -21.78
N HIS F 36 22.70 -37.18 -20.99
CA HIS F 36 23.23 -38.51 -21.23
C HIS F 36 24.75 -38.48 -21.44
N THR F 37 25.44 -37.91 -20.46
CA THR F 37 26.89 -37.79 -20.52
C THR F 37 27.58 -39.00 -19.93
N LYS F 38 28.55 -39.61 -20.62
CA LYS F 38 29.28 -40.73 -20.03
C LYS F 38 30.56 -40.04 -19.56
N PRO F 39 31.26 -40.46 -18.49
CA PRO F 39 32.52 -39.87 -18.07
C PRO F 39 33.55 -39.79 -19.16
N GLU F 40 33.68 -40.75 -20.05
CA GLU F 40 34.71 -40.67 -21.07
C GLU F 40 34.51 -39.65 -22.15
N ASP F 41 33.30 -39.11 -22.27
CA ASP F 41 32.99 -38.13 -23.29
C ASP F 41 33.28 -36.73 -22.85
N VAL F 42 33.63 -36.59 -21.58
CA VAL F 42 33.81 -35.32 -20.91
C VAL F 42 35.26 -34.99 -21.08
N VAL F 43 35.56 -33.90 -21.76
CA VAL F 43 36.93 -33.43 -21.94
C VAL F 43 37.63 -33.06 -20.61
N GLN F 44 36.93 -32.17 -19.87
CA GLN F 44 37.35 -31.51 -18.65
C GLN F 44 36.14 -30.75 -18.04
N MET F 45 36.31 -30.28 -16.81
CA MET F 45 35.28 -29.57 -16.07
C MET F 45 35.92 -28.39 -15.42
N LEU F 46 35.19 -27.30 -15.29
CA LEU F 46 35.67 -26.16 -14.55
C LEU F 46 34.49 -25.83 -13.68
N LEU F 47 34.77 -25.53 -12.42
CA LEU F 47 33.73 -25.16 -11.49
C LEU F 47 34.08 -23.83 -10.84
N SER F 48 33.28 -22.77 -10.98
CA SER F 48 33.59 -21.55 -10.26
C SER F 48 32.75 -21.48 -8.99
N ALA F 49 33.12 -20.66 -8.03
CA ALA F 49 32.34 -20.41 -6.83
C ALA F 49 32.49 -18.91 -6.57
N THR F 50 31.44 -18.20 -6.14
CA THR F 50 31.59 -16.77 -5.79
C THR F 50 32.57 -16.56 -4.61
N PRO F 51 33.22 -15.43 -4.33
CA PRO F 51 34.22 -15.26 -3.27
C PRO F 51 33.88 -15.53 -1.77
N ASP F 52 32.64 -15.98 -1.55
CA ASP F 52 32.06 -16.18 -0.25
C ASP F 52 32.09 -17.64 0.13
N LEU F 53 32.55 -18.55 -0.74
CA LEU F 53 32.59 -19.94 -0.37
C LEU F 53 34.06 -20.29 -0.20
N HIS F 54 34.36 -20.93 0.93
CA HIS F 54 35.72 -21.27 1.35
C HIS F 54 35.86 -22.63 2.00
N ALA F 55 34.86 -23.28 2.59
CA ALA F 55 35.09 -24.56 3.26
C ALA F 55 35.67 -25.75 2.51
N VAL F 56 35.57 -25.85 1.18
CA VAL F 56 35.97 -27.05 0.47
C VAL F 56 35.99 -26.73 -1.03
N PHE F 57 36.83 -27.33 -1.88
CA PHE F 57 36.75 -27.08 -3.32
C PHE F 57 35.54 -27.83 -3.83
N PRO F 58 34.62 -27.28 -4.66
CA PRO F 58 33.52 -28.01 -5.30
C PRO F 58 33.99 -29.24 -6.08
N ALA F 59 35.18 -29.20 -6.69
CA ALA F 59 35.69 -30.29 -7.50
C ALA F 59 35.71 -31.63 -6.79
N LYS F 60 35.68 -31.58 -5.45
CA LYS F 60 35.75 -32.78 -4.69
C LYS F 60 34.52 -33.64 -4.92
N ALA F 61 33.36 -33.04 -5.24
CA ALA F 61 32.16 -33.80 -5.44
C ALA F 61 32.20 -34.70 -6.65
N VAL F 62 33.03 -34.34 -7.64
CA VAL F 62 33.14 -35.05 -8.91
C VAL F 62 33.63 -36.46 -8.64
N ARG F 63 34.47 -36.59 -7.63
CA ARG F 63 35.03 -37.88 -7.32
C ARG F 63 34.06 -38.71 -6.49
N GLU F 64 32.88 -38.20 -6.13
CA GLU F 64 31.90 -39.04 -5.50
C GLU F 64 30.97 -39.65 -6.57
N LEU F 65 31.28 -39.48 -7.86
CA LEU F 65 30.44 -40.05 -8.88
C LEU F 65 31.16 -41.21 -9.47
N SER F 66 30.49 -42.34 -9.61
CA SER F 66 31.12 -43.53 -10.14
C SER F 66 31.62 -43.35 -11.56
N GLY F 67 32.91 -43.61 -11.76
CA GLY F 67 33.51 -43.56 -13.09
C GLY F 67 34.03 -42.19 -13.46
N TRP F 68 33.71 -41.19 -12.67
CA TRP F 68 34.16 -39.84 -12.98
C TRP F 68 35.52 -39.62 -12.36
N GLN F 69 36.15 -40.65 -11.76
CA GLN F 69 37.41 -40.41 -11.09
C GLN F 69 38.57 -39.98 -11.97
N TYR F 70 38.51 -40.09 -13.30
CA TYR F 70 39.63 -39.66 -14.14
C TYR F 70 39.31 -38.41 -14.94
N VAL F 71 38.16 -37.78 -14.67
CA VAL F 71 37.67 -36.61 -15.40
C VAL F 71 38.41 -35.42 -14.82
N PRO F 72 39.21 -34.69 -15.61
CA PRO F 72 40.00 -33.59 -15.09
C PRO F 72 39.08 -32.44 -14.71
N VAL F 73 39.17 -32.00 -13.46
CA VAL F 73 38.35 -30.93 -12.92
C VAL F 73 39.28 -29.93 -12.28
N THR F 74 38.99 -28.64 -12.38
CA THR F 74 39.73 -27.63 -11.63
C THR F 74 38.70 -26.56 -11.27
N CYS F 75 39.04 -25.70 -10.29
CA CYS F 75 38.12 -24.65 -9.84
C CYS F 75 38.69 -23.27 -10.07
N MET F 76 37.84 -22.24 -10.04
CA MET F 76 38.37 -20.89 -10.10
C MET F 76 37.39 -19.97 -9.43
N GLN F 77 37.80 -18.74 -9.25
CA GLN F 77 36.96 -17.82 -8.55
C GLN F 77 36.09 -17.08 -9.54
N GLU F 78 34.79 -17.06 -9.24
CA GLU F 78 33.84 -16.26 -9.97
C GLU F 78 34.16 -14.83 -9.54
N MET F 79 34.03 -13.90 -10.46
CA MET F 79 34.25 -12.52 -10.12
C MET F 79 33.11 -11.99 -9.22
N ASP F 80 33.46 -11.00 -8.40
CA ASP F 80 32.55 -10.39 -7.47
C ASP F 80 32.01 -9.13 -8.11
N VAL F 81 30.78 -9.33 -8.52
CA VAL F 81 29.98 -8.39 -9.26
C VAL F 81 28.81 -8.01 -8.35
N THR F 82 28.57 -6.70 -8.20
CA THR F 82 27.49 -6.23 -7.34
C THR F 82 26.15 -6.69 -7.88
N GLY F 83 25.30 -7.30 -7.05
CA GLY F 83 24.04 -7.84 -7.51
C GLY F 83 24.20 -9.21 -8.17
N GLY F 84 25.37 -9.81 -8.06
CA GLY F 84 25.57 -11.15 -8.55
C GLY F 84 25.01 -12.11 -7.54
N LEU F 85 24.48 -13.23 -8.00
CA LEU F 85 23.93 -14.19 -7.08
C LEU F 85 25.00 -14.75 -6.13
N LYS F 86 24.65 -14.74 -4.85
CA LYS F 86 25.53 -15.18 -3.79
C LYS F 86 25.57 -16.68 -3.57
N LYS F 87 26.69 -17.16 -3.02
CA LYS F 87 26.92 -18.56 -2.66
C LYS F 87 26.54 -19.52 -3.76
N CYS F 88 26.96 -19.17 -4.95
CA CYS F 88 26.59 -19.85 -6.17
C CYS F 88 27.78 -20.58 -6.79
N ILE F 89 27.55 -21.85 -7.14
CA ILE F 89 28.57 -22.72 -7.71
C ILE F 89 28.26 -22.85 -9.19
N ARG F 90 29.20 -22.63 -10.10
CA ARG F 90 28.82 -22.76 -11.50
C ARG F 90 29.68 -23.82 -12.20
N VAL F 91 29.14 -24.63 -13.13
CA VAL F 91 29.97 -25.56 -13.89
C VAL F 91 29.95 -25.28 -15.39
N MET F 92 31.11 -25.42 -16.02
CA MET F 92 31.29 -25.40 -17.46
C MET F 92 31.80 -26.81 -17.73
N MET F 93 31.07 -27.68 -18.42
CA MET F 93 31.48 -29.07 -18.63
C MET F 93 31.64 -29.26 -20.14
N THR F 94 32.82 -29.61 -20.67
CA THR F 94 33.04 -29.68 -22.11
C THR F 94 32.79 -31.14 -22.49
N VAL F 95 31.92 -31.46 -23.44
CA VAL F 95 31.67 -32.85 -23.78
C VAL F 95 31.73 -33.02 -25.29
N GLN F 96 31.92 -34.27 -25.70
CA GLN F 96 31.91 -34.65 -27.10
C GLN F 96 30.47 -35.06 -27.31
N THR F 97 29.76 -34.42 -28.28
CA THR F 97 28.37 -34.72 -28.56
C THR F 97 27.99 -34.29 -29.97
N ASP F 98 26.93 -34.93 -30.43
CA ASP F 98 26.33 -34.72 -31.75
C ASP F 98 25.12 -33.81 -31.62
N VAL F 99 24.59 -33.70 -30.41
CA VAL F 99 23.36 -32.95 -30.20
C VAL F 99 23.56 -31.46 -30.55
N PRO F 100 22.72 -30.83 -31.40
CA PRO F 100 22.87 -29.47 -31.89
C PRO F 100 23.01 -28.52 -30.72
N GLN F 101 23.59 -27.34 -30.95
CA GLN F 101 23.80 -26.34 -29.92
C GLN F 101 22.55 -25.92 -29.17
N ASP F 102 21.46 -25.74 -29.90
CA ASP F 102 20.20 -25.32 -29.32
C ASP F 102 19.52 -26.45 -28.57
N GLN F 103 20.09 -27.65 -28.48
CA GLN F 103 19.44 -28.72 -27.76
C GLN F 103 20.17 -29.21 -26.52
N ILE F 104 21.30 -28.59 -26.21
CA ILE F 104 22.06 -28.93 -25.02
C ILE F 104 21.22 -28.54 -23.83
N ARG F 105 21.17 -29.39 -22.79
CA ARG F 105 20.37 -29.06 -21.63
C ARG F 105 21.20 -28.50 -20.48
N HIS F 106 21.34 -27.18 -20.46
CA HIS F 106 22.05 -26.53 -19.39
C HIS F 106 21.20 -26.62 -18.12
N VAL F 107 21.75 -26.70 -16.90
CA VAL F 107 20.96 -26.96 -15.70
C VAL F 107 21.17 -25.88 -14.65
N TYR F 108 20.13 -25.27 -14.11
CA TYR F 108 20.21 -24.19 -13.13
C TYR F 108 19.27 -24.75 -12.10
N LEU F 109 19.77 -24.95 -10.90
CA LEU F 109 18.99 -25.53 -9.82
C LEU F 109 19.07 -24.60 -8.66
N GLU F 110 18.26 -24.85 -7.65
CA GLU F 110 18.24 -24.08 -6.40
C GLU F 110 17.97 -22.60 -6.62
N LYS F 111 18.69 -21.61 -6.06
CA LYS F 111 18.26 -20.24 -6.27
C LYS F 111 18.86 -19.69 -7.54
N ALA F 112 19.57 -20.54 -8.26
CA ALA F 112 20.21 -20.16 -9.48
C ALA F 112 19.27 -20.13 -10.69
N VAL F 113 18.03 -20.59 -10.58
CA VAL F 113 17.06 -20.58 -11.70
C VAL F 113 16.81 -19.22 -12.33
N VAL F 114 17.05 -18.18 -11.55
CA VAL F 114 16.86 -16.84 -12.01
C VAL F 114 17.89 -16.42 -13.06
N LEU F 115 19.05 -17.09 -13.16
CA LEU F 115 20.16 -16.67 -14.00
C LEU F 115 19.96 -16.63 -15.51
N ARG F 116 19.29 -17.63 -16.08
CA ARG F 116 19.05 -17.67 -17.51
C ARG F 116 17.69 -18.31 -17.78
N PRO F 117 16.59 -17.58 -17.67
CA PRO F 117 15.28 -18.11 -18.01
C PRO F 117 14.90 -17.94 -19.50
N ASP F 118 15.71 -18.47 -20.41
CA ASP F 118 15.53 -18.36 -21.85
C ASP F 118 16.02 -19.61 -22.55
N MET G 2 -27.65 6.34 23.10
CA MET G 2 -27.46 7.77 23.25
C MET G 2 -28.83 8.28 22.77
N ILE G 3 -29.02 9.57 22.55
CA ILE G 3 -30.28 10.04 21.96
C ILE G 3 -29.83 10.70 20.67
N ARG G 4 -30.54 10.40 19.60
CA ARG G 4 -30.17 10.88 18.28
C ARG G 4 -31.39 11.34 17.50
N GLY G 5 -31.26 12.31 16.61
CA GLY G 5 -32.39 12.72 15.82
C GLY G 5 -32.37 12.13 14.43
N ILE G 6 -33.52 11.79 13.86
CA ILE G 6 -33.70 11.20 12.54
C ILE G 6 -34.57 12.16 11.72
N ARG G 7 -33.95 12.78 10.75
CA ARG G 7 -34.63 13.61 9.79
C ARG G 7 -35.32 12.78 8.71
N GLY G 8 -36.26 13.44 8.05
CA GLY G 8 -37.04 12.90 6.94
C GLY G 8 -37.86 14.01 6.30
N ALA G 9 -38.17 13.92 5.03
CA ALA G 9 -38.92 14.93 4.31
C ALA G 9 -39.61 14.31 3.10
N THR G 10 -40.77 14.84 2.70
CA THR G 10 -41.53 14.38 1.55
C THR G 10 -42.30 15.60 1.03
N THR G 11 -43.06 15.45 -0.04
CA THR G 11 -43.79 16.58 -0.59
C THR G 11 -45.15 16.05 -0.99
N VAL G 12 -46.25 16.82 -0.92
CA VAL G 12 -47.53 16.40 -1.49
C VAL G 12 -47.72 17.20 -2.79
N GLU G 13 -48.67 16.77 -3.64
CA GLU G 13 -48.98 17.46 -4.89
C GLU G 13 -50.19 18.35 -4.70
N ARG G 14 -51.12 17.97 -3.83
CA ARG G 14 -52.29 18.79 -3.57
C ARG G 14 -52.42 18.97 -2.09
N ASP G 15 -52.79 20.15 -1.60
CA ASP G 15 -53.06 20.32 -0.19
C ASP G 15 -54.45 19.75 0.11
N THR G 16 -54.44 18.45 0.37
CA THR G 16 -55.63 17.71 0.68
C THR G 16 -55.28 16.80 1.84
N GLU G 17 -56.26 16.52 2.66
CA GLU G 17 -56.11 15.75 3.86
C GLU G 17 -55.65 14.36 3.56
N GLU G 18 -56.28 13.73 2.57
CA GLU G 18 -55.91 12.41 2.10
C GLU G 18 -54.49 12.44 1.61
N GLU G 19 -53.99 13.51 1.00
CA GLU G 19 -52.64 13.40 0.48
C GLU G 19 -51.56 13.65 1.52
N ILE G 20 -51.77 14.67 2.38
CA ILE G 20 -50.88 14.97 3.49
C ILE G 20 -50.74 13.72 4.33
N LEU G 21 -51.82 13.16 4.86
CA LEU G 21 -51.71 11.97 5.67
C LEU G 21 -51.10 10.81 4.92
N GLN G 22 -51.38 10.56 3.64
CA GLN G 22 -50.77 9.45 2.89
C GLN G 22 -49.26 9.68 2.75
N LYS G 23 -48.73 10.82 2.27
CA LYS G 23 -47.30 11.01 2.16
C LYS G 23 -46.58 11.10 3.50
N THR G 24 -47.25 11.51 4.56
CA THR G 24 -46.67 11.55 5.89
C THR G 24 -46.56 10.12 6.45
N LYS G 25 -47.60 9.28 6.30
CA LYS G 25 -47.60 7.90 6.77
C LYS G 25 -46.46 7.18 6.06
N GLN G 26 -46.35 7.33 4.74
CA GLN G 26 -45.26 6.78 3.95
C GLN G 26 -43.87 7.12 4.50
N LEU G 27 -43.59 8.41 4.74
CA LEU G 27 -42.33 8.85 5.29
C LEU G 27 -42.08 8.18 6.63
N LEU G 28 -43.04 8.19 7.55
CA LEU G 28 -42.86 7.57 8.86
C LEU G 28 -42.53 6.09 8.77
N GLU G 29 -43.32 5.36 7.98
CA GLU G 29 -43.11 3.95 7.70
C GLU G 29 -41.73 3.66 7.13
N LYS G 30 -41.24 4.52 6.26
CA LYS G 30 -39.93 4.35 5.67
C LYS G 30 -38.84 4.52 6.73
N ILE G 31 -38.93 5.51 7.64
CA ILE G 31 -37.92 5.74 8.67
C ILE G 31 -37.91 4.60 9.67
N ILE G 32 -39.07 4.17 10.14
CA ILE G 32 -39.16 3.02 11.03
C ILE G 32 -38.52 1.79 10.38
N GLU G 33 -38.80 1.47 9.13
CA GLU G 33 -38.23 0.33 8.45
C GLU G 33 -36.71 0.42 8.37
N GLU G 34 -36.20 1.49 7.76
CA GLU G 34 -34.79 1.70 7.56
C GLU G 34 -34.03 2.00 8.82
N ASN G 35 -34.63 2.34 9.96
CA ASN G 35 -33.82 2.59 11.17
C ASN G 35 -34.27 1.68 12.28
N HIS G 36 -35.28 0.84 12.06
CA HIS G 36 -35.79 -0.14 13.03
C HIS G 36 -36.29 0.43 14.35
N THR G 37 -36.93 1.58 14.27
CA THR G 37 -37.47 2.25 15.44
C THR G 37 -38.65 1.51 16.04
N LYS G 38 -38.65 1.31 17.34
CA LYS G 38 -39.81 0.74 18.00
C LYS G 38 -40.39 1.92 18.77
N PRO G 39 -41.72 2.12 18.85
CA PRO G 39 -42.32 3.32 19.39
C PRO G 39 -41.79 3.80 20.74
N GLU G 40 -41.61 2.90 21.72
CA GLU G 40 -41.09 3.27 23.04
C GLU G 40 -39.64 3.78 23.06
N ASP G 41 -38.94 3.72 21.93
CA ASP G 41 -37.65 4.34 21.85
C ASP G 41 -37.77 5.77 21.36
N VAL G 42 -38.94 6.28 21.03
CA VAL G 42 -38.99 7.63 20.51
C VAL G 42 -39.28 8.56 21.67
N VAL G 43 -38.32 9.42 21.89
CA VAL G 43 -38.40 10.44 22.91
C VAL G 43 -39.57 11.37 22.60
N GLN G 44 -39.69 11.83 21.34
CA GLN G 44 -40.72 12.78 20.88
C GLN G 44 -40.48 13.01 19.39
N MET G 45 -41.36 13.68 18.65
CA MET G 45 -41.22 13.88 17.23
C MET G 45 -41.77 15.27 16.90
N LEU G 46 -41.07 16.05 16.12
CA LEU G 46 -41.57 17.30 15.62
C LEU G 46 -41.92 17.06 14.15
N LEU G 47 -43.03 17.60 13.66
CA LEU G 47 -43.40 17.54 12.24
C LEU G 47 -43.54 18.98 11.75
N SER G 48 -42.99 19.38 10.63
CA SER G 48 -43.18 20.71 10.15
C SER G 48 -43.78 20.62 8.74
N ALA G 49 -44.41 21.73 8.33
CA ALA G 49 -45.03 21.86 7.03
C ALA G 49 -44.68 23.24 6.55
N THR G 50 -44.46 23.43 5.25
CA THR G 50 -44.23 24.78 4.78
C THR G 50 -45.57 25.56 4.84
N PRO G 51 -45.57 26.89 4.80
CA PRO G 51 -46.77 27.69 4.98
C PRO G 51 -47.86 27.50 3.93
N ASP G 52 -47.75 26.60 2.96
CA ASP G 52 -48.72 26.45 1.91
C ASP G 52 -49.57 25.23 2.09
N LEU G 53 -49.64 24.66 3.30
CA LEU G 53 -50.41 23.46 3.52
C LEU G 53 -51.26 23.68 4.74
N HIS G 54 -52.56 23.41 4.66
CA HIS G 54 -53.47 23.66 5.78
C HIS G 54 -54.49 22.56 5.89
N ALA G 55 -54.45 21.53 5.07
CA ALA G 55 -55.54 20.57 5.11
C ALA G 55 -55.68 19.89 6.45
N VAL G 56 -54.59 19.44 7.08
CA VAL G 56 -54.70 18.68 8.31
C VAL G 56 -53.37 18.81 9.05
N PHE G 57 -53.23 18.50 10.35
CA PHE G 57 -51.88 18.44 10.90
C PHE G 57 -51.28 17.10 10.48
N PRO G 58 -50.04 16.98 9.96
CA PRO G 58 -49.38 15.73 9.65
C PRO G 58 -49.34 14.81 10.86
N ALA G 59 -49.30 15.36 12.07
CA ALA G 59 -49.29 14.57 13.29
C ALA G 59 -50.45 13.61 13.40
N LYS G 60 -51.53 13.82 12.67
CA LYS G 60 -52.68 12.92 12.69
C LYS G 60 -52.28 11.54 12.13
N ALA G 61 -51.37 11.51 11.16
CA ALA G 61 -50.92 10.30 10.51
C ALA G 61 -50.16 9.36 11.46
N VAL G 62 -49.59 9.83 12.57
CA VAL G 62 -48.88 8.95 13.51
C VAL G 62 -49.89 8.04 14.15
N ARG G 63 -51.15 8.43 14.22
CA ARG G 63 -52.19 7.58 14.78
C ARG G 63 -52.38 6.33 13.94
N GLU G 64 -52.06 6.44 12.66
CA GLU G 64 -52.22 5.35 11.71
C GLU G 64 -51.19 4.23 11.82
N LEU G 65 -50.21 4.29 12.73
CA LEU G 65 -49.18 3.28 12.86
C LEU G 65 -49.55 2.74 14.23
N SER G 66 -49.84 1.44 14.38
CA SER G 66 -50.27 0.90 15.68
C SER G 66 -49.12 0.84 16.67
N GLY G 67 -49.41 1.19 17.93
CA GLY G 67 -48.39 1.24 18.97
C GLY G 67 -47.86 2.65 19.20
N TRP G 68 -48.02 3.51 18.20
CA TRP G 68 -47.49 4.85 18.31
C TRP G 68 -48.42 5.80 19.01
N GLN G 69 -49.50 5.35 19.67
CA GLN G 69 -50.41 6.30 20.33
C GLN G 69 -49.88 7.15 21.50
N TYR G 70 -48.72 6.89 22.10
CA TYR G 70 -48.25 7.70 23.21
C TYR G 70 -46.92 8.29 22.80
N VAL G 71 -46.57 8.31 21.50
CA VAL G 71 -45.30 8.92 21.08
C VAL G 71 -45.55 10.46 21.07
N PRO G 72 -44.84 11.30 21.85
CA PRO G 72 -45.06 12.72 21.92
C PRO G 72 -44.93 13.33 20.55
N VAL G 73 -45.97 13.99 20.03
CA VAL G 73 -45.85 14.63 18.73
C VAL G 73 -46.44 16.00 18.81
N THR G 74 -45.80 16.94 18.13
CA THR G 74 -46.37 18.24 17.93
C THR G 74 -45.79 18.74 16.62
N CYS G 75 -46.53 19.61 15.90
CA CYS G 75 -46.14 20.20 14.63
C CYS G 75 -45.63 21.62 14.81
N MET G 76 -45.16 22.23 13.71
CA MET G 76 -44.66 23.60 13.73
C MET G 76 -44.64 24.05 12.28
N GLN G 77 -44.39 25.31 12.01
CA GLN G 77 -44.34 25.77 10.65
C GLN G 77 -42.88 25.96 10.30
N GLU G 78 -42.56 25.49 9.09
CA GLU G 78 -41.29 25.65 8.49
C GLU G 78 -41.15 27.14 8.17
N MET G 79 -39.94 27.71 8.21
CA MET G 79 -39.82 29.11 7.92
C MET G 79 -39.94 29.29 6.44
N ASP G 80 -40.55 30.39 6.00
CA ASP G 80 -40.75 30.57 4.58
C ASP G 80 -39.55 31.22 3.92
N VAL G 81 -38.81 30.41 3.18
CA VAL G 81 -37.63 30.83 2.45
C VAL G 81 -38.00 30.87 0.97
N THR G 82 -37.39 31.77 0.22
CA THR G 82 -37.60 31.90 -1.20
C THR G 82 -36.77 30.78 -1.82
N GLY G 83 -37.29 29.83 -2.58
CA GLY G 83 -36.40 28.84 -3.16
C GLY G 83 -36.42 27.55 -2.37
N GLY G 84 -36.76 27.62 -1.08
CA GLY G 84 -36.97 26.42 -0.32
C GLY G 84 -38.11 25.63 -0.99
N LEU G 85 -38.05 24.32 -0.91
CA LEU G 85 -39.06 23.49 -1.51
C LEU G 85 -40.42 23.74 -0.86
N LYS G 86 -41.39 23.93 -1.74
CA LYS G 86 -42.77 24.16 -1.35
C LYS G 86 -43.44 22.82 -1.12
N LYS G 87 -44.61 22.89 -0.49
CA LYS G 87 -45.44 21.75 -0.15
C LYS G 87 -44.78 20.57 0.52
N CYS G 88 -43.87 20.98 1.38
CA CYS G 88 -42.94 20.07 2.01
C CYS G 88 -43.27 19.81 3.47
N ILE G 89 -43.27 18.55 3.88
CA ILE G 89 -43.51 18.12 5.26
C ILE G 89 -42.20 17.49 5.75
N ARG G 90 -41.64 18.00 6.85
CA ARG G 90 -40.39 17.51 7.38
C ARG G 90 -40.61 16.88 8.75
N VAL G 91 -39.76 15.97 9.21
CA VAL G 91 -39.96 15.35 10.51
C VAL G 91 -38.57 15.35 11.14
N MET G 92 -38.57 15.40 12.48
CA MET G 92 -37.39 15.33 13.31
C MET G 92 -37.79 14.39 14.44
N MET G 93 -37.40 13.13 14.32
CA MET G 93 -37.70 12.08 15.28
C MET G 93 -36.53 11.93 16.25
N THR G 94 -36.68 12.03 17.56
CA THR G 94 -35.55 11.94 18.48
C THR G 94 -35.64 10.56 19.06
N VAL G 95 -34.76 9.63 18.73
CA VAL G 95 -34.86 8.28 19.28
C VAL G 95 -33.67 7.88 20.16
N GLN G 96 -33.94 6.99 21.08
CA GLN G 96 -32.88 6.38 21.85
C GLN G 96 -32.23 5.31 20.92
N THR G 97 -30.96 5.47 20.56
CA THR G 97 -30.29 4.51 19.71
C THR G 97 -28.80 4.45 20.04
N ASP G 98 -28.22 3.27 19.81
CA ASP G 98 -26.77 3.11 19.95
C ASP G 98 -26.15 3.39 18.62
N VAL G 99 -26.94 3.39 17.53
CA VAL G 99 -26.34 3.58 16.23
C VAL G 99 -25.56 4.90 16.13
N PRO G 100 -24.31 4.92 15.70
CA PRO G 100 -23.54 6.11 15.48
C PRO G 100 -24.23 7.12 14.59
N GLN G 101 -23.84 8.37 14.82
CA GLN G 101 -24.38 9.49 14.11
C GLN G 101 -24.40 9.37 12.59
N ASP G 102 -23.28 8.92 12.01
CA ASP G 102 -23.17 8.85 10.56
C ASP G 102 -23.80 7.62 9.97
N GLN G 103 -24.49 6.83 10.77
CA GLN G 103 -25.12 5.61 10.32
C GLN G 103 -26.63 5.68 10.35
N ILE G 104 -27.21 6.74 10.94
CA ILE G 104 -28.64 6.98 11.00
C ILE G 104 -29.15 7.13 9.56
N ARG G 105 -30.24 6.47 9.19
CA ARG G 105 -30.76 6.59 7.83
C ARG G 105 -31.93 7.60 7.75
N HIS G 106 -31.60 8.76 7.19
CA HIS G 106 -32.46 9.93 7.08
C HIS G 106 -33.26 9.79 5.79
N VAL G 107 -34.60 9.84 5.74
CA VAL G 107 -35.32 9.53 4.53
C VAL G 107 -35.87 10.71 3.70
N TYR G 108 -35.65 10.88 2.41
CA TYR G 108 -36.22 12.00 1.67
C TYR G 108 -37.03 11.41 0.50
N LEU G 109 -38.36 11.48 0.52
CA LEU G 109 -39.17 10.91 -0.54
C LEU G 109 -39.68 11.96 -1.51
N GLU G 110 -40.30 11.52 -2.61
CA GLU G 110 -40.94 12.35 -3.63
C GLU G 110 -40.07 13.53 -4.12
N LYS G 111 -40.50 14.79 -4.13
CA LYS G 111 -39.65 15.87 -4.59
C LYS G 111 -38.58 16.25 -3.56
N ALA G 112 -38.65 15.74 -2.32
CA ALA G 112 -37.69 16.05 -1.28
C ALA G 112 -36.38 15.32 -1.54
N VAL G 113 -36.31 14.35 -2.46
CA VAL G 113 -35.02 13.76 -2.83
C VAL G 113 -34.05 14.81 -3.35
N VAL G 114 -34.42 16.03 -3.71
CA VAL G 114 -33.37 16.98 -4.09
C VAL G 114 -32.75 17.65 -2.82
N LEU G 115 -33.19 17.31 -1.60
CA LEU G 115 -32.60 17.80 -0.36
C LEU G 115 -31.60 16.70 0.08
N MET H 2 -33.84 7.25 30.75
CA MET H 2 -34.29 7.54 29.39
C MET H 2 -34.79 9.00 29.40
N ILE H 3 -35.06 9.65 28.25
CA ILE H 3 -35.62 10.97 28.27
C ILE H 3 -36.87 10.84 27.43
N ARG H 4 -37.94 11.47 27.87
CA ARG H 4 -39.21 11.41 27.20
C ARG H 4 -39.87 12.78 27.05
N GLY H 5 -40.75 12.99 26.06
CA GLY H 5 -41.48 14.23 25.90
C GLY H 5 -42.76 14.21 26.72
N ILE H 6 -43.13 15.38 27.24
CA ILE H 6 -44.38 15.59 27.93
C ILE H 6 -45.03 16.77 27.19
N ARG H 7 -46.14 16.41 26.57
CA ARG H 7 -47.06 17.30 25.87
C ARG H 7 -48.06 17.96 26.81
N GLY H 8 -48.48 19.15 26.41
CA GLY H 8 -49.54 19.87 27.09
C GLY H 8 -50.11 20.88 26.11
N ALA H 9 -51.40 21.20 26.18
CA ALA H 9 -51.91 22.29 25.37
C ALA H 9 -52.90 23.05 26.20
N THR H 10 -53.12 24.33 25.95
CA THR H 10 -54.09 25.16 26.66
C THR H 10 -54.55 26.26 25.69
N THR H 11 -55.67 26.91 25.96
CA THR H 11 -56.13 27.97 25.07
C THR H 11 -56.17 29.31 25.79
N VAL H 12 -56.30 30.41 25.07
CA VAL H 12 -56.49 31.70 25.72
C VAL H 12 -57.72 32.35 25.10
N GLU H 13 -58.23 33.26 25.89
CA GLU H 13 -59.41 34.04 25.56
C GLU H 13 -59.05 35.34 24.87
N ARG H 14 -58.00 35.94 25.38
CA ARG H 14 -57.60 37.25 24.93
C ARG H 14 -56.17 37.10 24.52
N ASP H 15 -55.82 37.67 23.39
CA ASP H 15 -54.41 37.69 23.04
C ASP H 15 -53.83 38.84 23.86
N THR H 16 -53.51 38.68 25.15
CA THR H 16 -52.84 39.74 25.88
C THR H 16 -51.73 39.11 26.69
N GLU H 17 -50.65 39.86 26.96
CA GLU H 17 -49.60 39.39 27.83
C GLU H 17 -50.12 38.72 29.12
N GLU H 18 -50.99 39.37 29.92
CA GLU H 18 -51.56 38.87 31.17
C GLU H 18 -52.02 37.42 31.07
N GLU H 19 -52.90 37.31 30.09
CA GLU H 19 -53.60 36.12 29.70
C GLU H 19 -52.70 34.96 29.26
N ILE H 20 -51.82 35.19 28.28
CA ILE H 20 -50.92 34.18 27.77
C ILE H 20 -50.00 33.77 28.92
N LEU H 21 -49.37 34.67 29.67
CA LEU H 21 -48.49 34.23 30.73
C LEU H 21 -49.25 33.53 31.84
N GLN H 22 -50.50 33.95 32.10
CA GLN H 22 -51.31 33.36 33.16
C GLN H 22 -51.64 31.92 32.82
N LYS H 23 -52.22 31.71 31.64
CA LYS H 23 -52.54 30.38 31.15
C LYS H 23 -51.32 29.49 30.92
N THR H 24 -50.17 30.02 30.47
CA THR H 24 -48.96 29.23 30.25
C THR H 24 -48.40 28.77 31.57
N LYS H 25 -48.15 29.64 32.56
CA LYS H 25 -47.66 29.29 33.88
C LYS H 25 -48.57 28.27 34.52
N GLN H 26 -49.88 28.33 34.28
CA GLN H 26 -50.82 27.32 34.76
C GLN H 26 -50.58 25.95 34.12
N LEU H 27 -50.41 25.84 32.78
CA LEU H 27 -50.21 24.56 32.12
C LEU H 27 -48.94 23.90 32.65
N LEU H 28 -47.89 24.73 32.73
CA LEU H 28 -46.59 24.28 33.17
C LEU H 28 -46.65 23.80 34.59
N GLU H 29 -47.32 24.53 35.47
CA GLU H 29 -47.49 24.08 36.84
C GLU H 29 -48.18 22.74 36.93
N LYS H 30 -49.24 22.58 36.14
CA LYS H 30 -49.98 21.34 36.17
C LYS H 30 -49.12 20.19 35.64
N ILE H 31 -48.35 20.38 34.55
CA ILE H 31 -47.43 19.36 34.02
C ILE H 31 -46.40 18.98 35.11
N ILE H 32 -45.82 19.98 35.78
CA ILE H 32 -44.85 19.74 36.83
C ILE H 32 -45.43 18.96 38.00
N GLU H 33 -46.64 19.31 38.42
CA GLU H 33 -47.33 18.66 39.51
C GLU H 33 -47.54 17.18 39.15
N GLU H 34 -48.18 16.98 38.01
CA GLU H 34 -48.54 15.69 37.50
C GLU H 34 -47.38 14.72 37.25
N ASN H 35 -46.25 15.24 36.77
CA ASN H 35 -45.15 14.39 36.42
C ASN H 35 -44.02 14.50 37.42
N HIS H 36 -44.18 15.33 38.47
CA HIS H 36 -43.23 15.45 39.56
C HIS H 36 -41.88 15.88 38.96
N THR H 37 -41.92 16.85 38.03
CA THR H 37 -40.75 17.29 37.27
C THR H 37 -39.91 18.21 38.14
N LYS H 38 -38.61 17.95 38.18
CA LYS H 38 -37.67 18.75 38.95
C LYS H 38 -36.94 19.47 37.83
N PRO H 39 -36.65 20.77 37.87
CA PRO H 39 -36.09 21.50 36.74
C PRO H 39 -34.82 20.89 36.15
N GLU H 40 -33.91 20.37 36.96
CA GLU H 40 -32.67 19.79 36.43
C GLU H 40 -32.85 18.46 35.67
N ASP H 41 -34.06 17.94 35.62
CA ASP H 41 -34.42 16.78 34.84
C ASP H 41 -34.86 17.31 33.48
N VAL H 42 -35.02 18.61 33.25
CA VAL H 42 -35.51 19.12 31.99
C VAL H 42 -34.35 19.44 31.10
N VAL H 43 -34.46 18.76 29.97
CA VAL H 43 -33.50 18.89 28.90
C VAL H 43 -33.70 20.25 28.28
N GLN H 44 -34.96 20.49 27.87
CA GLN H 44 -35.39 21.70 27.18
C GLN H 44 -36.89 21.68 27.06
N MET H 45 -37.41 22.82 26.68
CA MET H 45 -38.85 22.98 26.50
C MET H 45 -39.04 23.81 25.24
N LEU H 46 -40.01 23.42 24.43
CA LEU H 46 -40.34 24.16 23.24
C LEU H 46 -41.76 24.63 23.43
N LEU H 47 -42.18 25.84 23.00
CA LEU H 47 -43.58 26.24 23.17
C LEU H 47 -44.08 26.78 21.84
N SER H 48 -45.27 26.38 21.39
CA SER H 48 -45.75 26.92 20.14
C SER H 48 -47.05 27.64 20.46
N ALA H 49 -47.35 28.61 19.58
CA ALA H 49 -48.60 29.32 19.66
C ALA H 49 -49.15 29.29 18.24
N THR H 50 -50.46 29.13 18.07
CA THR H 50 -51.05 29.29 16.73
C THR H 50 -50.83 30.71 16.18
N PRO H 51 -50.89 31.00 14.88
CA PRO H 51 -50.50 32.31 14.32
C PRO H 51 -51.39 33.52 14.64
N ASP H 52 -52.41 33.30 15.42
CA ASP H 52 -53.29 34.33 15.94
C ASP H 52 -52.87 34.97 17.29
N LEU H 53 -51.77 34.57 17.95
CA LEU H 53 -51.36 35.13 19.23
C LEU H 53 -50.06 35.86 18.99
N HIS H 54 -50.04 37.16 19.22
CA HIS H 54 -48.85 37.98 18.99
C HIS H 54 -48.44 38.71 20.24
N ALA H 55 -49.05 38.50 21.41
CA ALA H 55 -48.82 39.40 22.54
C ALA H 55 -47.54 39.33 23.32
N VAL H 56 -47.09 38.13 23.67
CA VAL H 56 -45.88 37.93 24.44
C VAL H 56 -45.41 36.51 24.13
N PHE H 57 -44.09 36.28 24.18
CA PHE H 57 -43.57 34.94 24.00
C PHE H 57 -44.04 34.14 25.20
N PRO H 58 -44.84 33.06 25.01
CA PRO H 58 -45.31 32.21 26.11
C PRO H 58 -44.15 31.84 27.07
N ALA H 59 -42.94 31.61 26.55
CA ALA H 59 -41.77 31.19 27.31
C ALA H 59 -41.38 32.11 28.48
N LYS H 60 -41.85 33.36 28.49
CA LYS H 60 -41.60 34.32 29.57
C LYS H 60 -42.18 33.85 30.89
N ALA H 61 -43.23 33.04 30.89
CA ALA H 61 -43.82 32.54 32.13
C ALA H 61 -42.93 31.50 32.80
N VAL H 62 -41.96 30.88 32.09
CA VAL H 62 -41.09 29.88 32.70
C VAL H 62 -40.23 30.59 33.74
N ARG H 63 -39.89 31.83 33.43
CA ARG H 63 -39.14 32.66 34.33
C ARG H 63 -39.90 33.06 35.61
N GLU H 64 -41.20 32.72 35.69
CA GLU H 64 -41.97 32.93 36.91
C GLU H 64 -41.90 31.70 37.83
N LEU H 65 -41.58 30.51 37.30
CA LEU H 65 -41.54 29.27 38.07
C LEU H 65 -40.23 29.29 38.82
N SER H 66 -40.24 29.08 40.12
CA SER H 66 -39.02 29.19 40.89
C SER H 66 -38.16 27.96 40.75
N GLY H 67 -36.87 28.27 40.51
CA GLY H 67 -35.81 27.29 40.38
C GLY H 67 -35.71 26.74 38.97
N TRP H 68 -36.28 27.45 38.01
CA TRP H 68 -36.39 26.98 36.64
C TRP H 68 -35.75 27.96 35.72
N GLN H 69 -34.87 28.81 36.22
CA GLN H 69 -34.36 29.87 35.37
C GLN H 69 -33.23 29.46 34.48
N TYR H 70 -32.85 28.20 34.60
CA TYR H 70 -31.78 27.70 33.75
C TYR H 70 -32.33 26.70 32.75
N VAL H 71 -33.65 26.42 32.75
CA VAL H 71 -34.25 25.46 31.83
C VAL H 71 -34.31 26.17 30.48
N PRO H 72 -33.68 25.66 29.42
CA PRO H 72 -33.71 26.28 28.10
C PRO H 72 -35.07 26.10 27.39
N VAL H 73 -35.64 27.20 26.92
CA VAL H 73 -36.98 27.20 26.33
C VAL H 73 -36.91 28.04 25.07
N THR H 74 -37.63 27.69 24.02
CA THR H 74 -37.71 28.55 22.84
C THR H 74 -39.08 28.22 22.27
N CYS H 75 -39.53 29.14 21.43
CA CYS H 75 -40.87 29.11 20.91
C CYS H 75 -40.85 29.00 19.40
N MET H 76 -42.01 28.71 18.82
CA MET H 76 -42.15 28.61 17.38
C MET H 76 -43.63 28.71 17.06
N GLN H 77 -43.92 28.90 15.79
CA GLN H 77 -45.26 29.09 15.32
C GLN H 77 -45.90 27.79 14.93
N GLU H 78 -47.07 27.52 15.47
CA GLU H 78 -47.81 26.34 15.08
C GLU H 78 -48.33 26.63 13.66
N MET H 79 -48.41 25.60 12.82
CA MET H 79 -48.87 25.82 11.46
C MET H 79 -50.34 26.18 11.46
N ASP H 80 -50.84 26.94 10.49
CA ASP H 80 -52.25 27.24 10.45
C ASP H 80 -53.05 26.19 9.68
N VAL H 81 -54.01 25.50 10.31
CA VAL H 81 -54.77 24.46 9.68
C VAL H 81 -56.27 24.75 9.75
N THR H 82 -56.90 24.53 8.61
CA THR H 82 -58.33 24.59 8.41
C THR H 82 -59.00 23.78 9.50
N GLY H 83 -59.59 24.48 10.44
CA GLY H 83 -60.32 23.84 11.51
C GLY H 83 -59.47 23.63 12.75
N GLY H 84 -58.31 24.23 12.75
CA GLY H 84 -57.39 24.02 13.85
C GLY H 84 -57.89 24.79 15.06
N LEU H 85 -57.67 24.26 16.26
CA LEU H 85 -58.06 24.94 17.49
C LEU H 85 -57.31 26.26 17.46
N LYS H 86 -58.00 27.37 17.63
CA LYS H 86 -57.35 28.67 17.49
C LYS H 86 -56.95 29.13 18.91
N LYS H 87 -56.01 30.06 19.09
CA LYS H 87 -55.60 30.58 20.41
C LYS H 87 -55.23 29.42 21.31
N CYS H 88 -54.09 28.85 20.95
CA CYS H 88 -53.70 27.59 21.51
C CYS H 88 -52.20 27.60 21.54
N ILE H 89 -51.77 27.30 22.78
CA ILE H 89 -50.39 27.22 23.22
C ILE H 89 -50.14 25.74 23.44
N ARG H 90 -49.01 25.22 22.95
CA ARG H 90 -48.67 23.81 23.08
C ARG H 90 -47.25 23.73 23.62
N VAL H 91 -46.95 22.81 24.55
CA VAL H 91 -45.62 22.70 25.08
C VAL H 91 -45.15 21.27 24.74
N MET H 92 -43.87 21.12 24.46
CA MET H 92 -43.21 19.82 24.31
C MET H 92 -42.01 19.97 25.28
N MET H 93 -42.15 19.39 26.45
CA MET H 93 -41.14 19.43 27.49
C MET H 93 -40.42 18.12 27.40
N THR H 94 -39.10 18.10 27.24
CA THR H 94 -38.33 16.89 27.18
C THR H 94 -37.69 16.67 28.55
N VAL H 95 -38.09 15.61 29.24
CA VAL H 95 -37.60 15.33 30.58
C VAL H 95 -36.84 14.04 30.65
N GLN H 96 -35.85 14.00 31.53
CA GLN H 96 -35.16 12.75 31.80
C GLN H 96 -36.00 11.98 32.79
N THR H 97 -36.46 10.79 32.41
CA THR H 97 -37.34 10.01 33.25
C THR H 97 -37.32 8.56 32.79
N ASP H 98 -37.62 7.68 33.74
CA ASP H 98 -37.77 6.26 33.49
C ASP H 98 -39.24 5.89 33.72
N VAL H 99 -40.15 6.86 33.73
CA VAL H 99 -41.56 6.53 33.79
C VAL H 99 -41.85 6.00 32.39
N PRO H 100 -42.59 4.91 32.21
CA PRO H 100 -42.91 4.31 30.92
C PRO H 100 -43.61 5.31 30.04
N GLN H 101 -43.39 5.20 28.75
CA GLN H 101 -44.02 6.09 27.78
C GLN H 101 -45.53 6.08 27.91
N ASP H 102 -46.13 4.92 28.10
CA ASP H 102 -47.56 4.89 28.25
C ASP H 102 -48.07 5.48 29.56
N GLN H 103 -47.18 5.85 30.49
CA GLN H 103 -47.56 6.39 31.77
C GLN H 103 -47.20 7.86 31.95
N ILE H 104 -46.66 8.53 30.93
CA ILE H 104 -46.32 9.92 31.07
C ILE H 104 -47.67 10.61 31.08
N ARG H 105 -47.88 11.52 32.05
CA ARG H 105 -49.11 12.28 32.11
C ARG H 105 -49.00 13.54 31.27
N HIS H 106 -49.66 13.55 30.13
CA HIS H 106 -49.69 14.71 29.23
C HIS H 106 -50.91 15.56 29.63
N VAL H 107 -50.83 16.89 29.64
CA VAL H 107 -51.89 17.73 30.20
C VAL H 107 -52.62 18.57 29.14
N TYR H 108 -53.94 18.52 28.97
CA TYR H 108 -54.65 19.35 28.01
C TYR H 108 -55.74 19.97 28.86
N LEU H 109 -55.76 21.31 28.78
CA LEU H 109 -56.57 22.19 29.61
C LEU H 109 -57.43 23.08 28.75
N GLU H 110 -58.36 23.78 29.42
CA GLU H 110 -59.23 24.78 28.80
C GLU H 110 -59.87 24.23 27.52
N LYS H 111 -59.82 24.89 26.37
CA LYS H 111 -60.49 24.37 25.19
C LYS H 111 -59.71 23.22 24.55
N ALA H 112 -58.44 23.10 24.94
CA ALA H 112 -57.56 22.05 24.45
C ALA H 112 -57.91 20.68 24.97
N VAL H 113 -58.88 20.55 25.88
CA VAL H 113 -59.27 19.24 26.32
C VAL H 113 -59.83 18.47 25.13
N VAL H 114 -60.13 19.10 23.98
CA VAL H 114 -60.63 18.39 22.83
C VAL H 114 -59.54 17.86 21.90
N LEU H 115 -58.36 17.63 22.47
CA LEU H 115 -57.25 17.10 21.73
C LEU H 115 -56.85 15.86 22.54
N MET I 2 -26.28 13.43 31.02
CA MET I 2 -27.60 13.97 30.89
C MET I 2 -27.59 14.49 29.45
N ILE I 3 -28.74 14.93 28.96
CA ILE I 3 -28.94 15.51 27.65
C ILE I 3 -29.42 16.89 28.10
N ARG I 4 -28.80 17.97 27.66
CA ARG I 4 -29.11 19.33 28.08
C ARG I 4 -29.31 20.20 26.84
N GLY I 5 -30.23 21.17 26.81
CA GLY I 5 -30.34 22.08 25.68
C GLY I 5 -29.40 23.30 25.82
N ILE I 6 -28.91 23.90 24.74
CA ILE I 6 -28.08 25.10 24.81
C ILE I 6 -28.76 26.04 23.81
N ARG I 7 -28.92 27.30 24.20
CA ARG I 7 -29.68 28.26 23.42
C ARG I 7 -28.69 29.28 22.95
N GLY I 8 -29.10 29.89 21.89
CA GLY I 8 -28.35 30.99 21.33
C GLY I 8 -29.30 31.91 20.56
N ALA I 9 -28.93 33.15 20.30
CA ALA I 9 -29.73 34.02 19.49
C ALA I 9 -28.78 35.08 18.93
N THR I 10 -29.09 35.55 17.72
CA THR I 10 -28.32 36.63 17.10
C THR I 10 -29.23 37.36 16.11
N THR I 11 -28.76 38.49 15.55
CA THR I 11 -29.58 39.28 14.64
C THR I 11 -28.84 39.56 13.34
N VAL I 12 -29.54 39.80 12.21
CA VAL I 12 -28.88 40.29 11.00
C VAL I 12 -29.40 41.71 10.72
N GLU I 13 -28.65 42.52 10.01
CA GLU I 13 -29.12 43.82 9.60
C GLU I 13 -29.85 43.73 8.30
N ARG I 14 -29.64 42.72 7.47
CA ARG I 14 -30.34 42.64 6.20
C ARG I 14 -30.68 41.20 5.95
N ASP I 15 -31.82 41.03 5.28
CA ASP I 15 -32.23 39.73 4.84
C ASP I 15 -31.53 39.40 3.53
N THR I 16 -30.34 38.81 3.62
CA THR I 16 -29.58 38.39 2.46
C THR I 16 -29.00 37.03 2.85
N GLU I 17 -28.61 36.14 1.94
CA GLU I 17 -27.97 34.89 2.30
C GLU I 17 -26.64 35.15 3.05
N GLU I 18 -25.76 36.03 2.54
CA GLU I 18 -24.48 36.30 3.18
C GLU I 18 -24.56 36.64 4.66
N GLU I 19 -25.41 37.58 5.05
CA GLU I 19 -25.53 37.94 6.46
C GLU I 19 -26.16 36.83 7.26
N ILE I 20 -27.22 36.17 6.81
CA ILE I 20 -27.85 35.10 7.58
C ILE I 20 -26.84 34.02 7.84
N LEU I 21 -26.14 33.56 6.81
CA LEU I 21 -25.20 32.46 6.99
C LEU I 21 -24.02 32.92 7.82
N GLN I 22 -23.43 34.10 7.62
CA GLN I 22 -22.26 34.54 8.36
C GLN I 22 -22.62 34.68 9.85
N LYS I 23 -23.72 35.36 10.17
CA LYS I 23 -24.15 35.56 11.53
C LYS I 23 -24.59 34.26 12.17
N THR I 24 -25.20 33.33 11.43
CA THR I 24 -25.51 32.04 12.02
C THR I 24 -24.27 31.21 12.33
N LYS I 25 -23.27 31.25 11.42
CA LYS I 25 -22.05 30.49 11.58
C LYS I 25 -21.34 31.00 12.82
N GLN I 26 -21.24 32.33 12.93
CA GLN I 26 -20.63 32.97 14.09
C GLN I 26 -21.35 32.62 15.37
N LEU I 27 -22.67 32.55 15.43
CA LEU I 27 -23.36 32.17 16.65
C LEU I 27 -22.95 30.74 17.05
N LEU I 28 -23.22 29.73 16.22
CA LEU I 28 -22.86 28.34 16.45
C LEU I 28 -21.42 28.17 16.89
N GLU I 29 -20.47 28.86 16.25
CA GLU I 29 -19.09 28.82 16.65
C GLU I 29 -18.87 29.29 18.05
N LYS I 30 -19.61 30.29 18.50
CA LYS I 30 -19.45 30.79 19.85
C LYS I 30 -20.04 29.75 20.77
N ILE I 31 -21.18 29.15 20.44
CA ILE I 31 -21.73 28.11 21.31
C ILE I 31 -20.84 26.90 21.46
N ILE I 32 -20.22 26.49 20.36
CA ILE I 32 -19.31 25.38 20.36
C ILE I 32 -18.08 25.76 21.17
N GLU I 33 -17.55 26.94 21.02
CA GLU I 33 -16.38 27.39 21.75
C GLU I 33 -16.63 27.51 23.22
N GLU I 34 -17.77 28.04 23.62
CA GLU I 34 -18.11 28.22 25.02
C GLU I 34 -18.34 26.89 25.69
N ASN I 35 -18.96 25.95 25.01
CA ASN I 35 -19.35 24.73 25.68
C ASN I 35 -18.49 23.52 25.28
N HIS I 36 -17.48 23.73 24.43
CA HIS I 36 -16.53 22.72 23.94
C HIS I 36 -17.31 21.56 23.30
N THR I 37 -18.23 21.87 22.41
CA THR I 37 -19.10 20.83 21.88
C THR I 37 -18.45 20.00 20.76
N LYS I 38 -18.69 18.70 20.78
CA LYS I 38 -18.19 17.84 19.73
C LYS I 38 -19.39 17.44 18.90
N PRO I 39 -19.35 17.43 17.57
CA PRO I 39 -20.49 17.09 16.71
C PRO I 39 -21.24 15.83 17.08
N GLU I 40 -20.51 14.81 17.53
CA GLU I 40 -21.11 13.52 17.79
C GLU I 40 -21.87 13.50 19.08
N ASP I 41 -21.69 14.52 19.89
CA ASP I 41 -22.49 14.61 21.11
C ASP I 41 -23.78 15.44 20.97
N VAL I 42 -24.06 15.94 19.78
CA VAL I 42 -25.20 16.79 19.51
C VAL I 42 -26.31 15.92 19.03
N VAL I 43 -27.36 15.79 19.83
CA VAL I 43 -28.51 14.99 19.44
C VAL I 43 -29.13 15.52 18.12
N GLN I 44 -29.27 16.85 18.04
CA GLN I 44 -29.94 17.61 17.00
C GLN I 44 -29.79 19.09 17.31
N MET I 45 -30.29 19.89 16.39
CA MET I 45 -30.25 21.32 16.50
C MET I 45 -31.50 21.83 15.80
N LEU I 46 -32.19 22.83 16.38
CA LEU I 46 -33.37 23.48 15.78
C LEU I 46 -32.94 24.90 15.58
N LEU I 47 -33.36 25.52 14.50
CA LEU I 47 -33.01 26.92 14.24
C LEU I 47 -34.30 27.65 13.91
N SER I 48 -34.63 28.75 14.59
CA SER I 48 -35.82 29.52 14.26
C SER I 48 -35.38 30.82 13.64
N ALA I 49 -36.25 31.38 12.80
CA ALA I 49 -36.03 32.71 12.29
C ALA I 49 -37.37 33.40 12.37
N THR I 50 -37.33 34.69 12.67
CA THR I 50 -38.56 35.45 12.77
C THR I 50 -39.07 35.67 11.36
N PRO I 51 -40.38 35.88 11.14
CA PRO I 51 -40.96 35.91 9.79
C PRO I 51 -40.55 37.00 8.80
N ASP I 52 -39.54 37.78 9.14
CA ASP I 52 -39.06 38.82 8.26
C ASP I 52 -37.80 38.38 7.51
N LEU I 53 -37.43 37.08 7.63
CA LEU I 53 -36.23 36.57 6.97
C LEU I 53 -36.61 35.43 6.06
N HIS I 54 -36.39 35.68 4.78
CA HIS I 54 -36.76 34.74 3.74
C HIS I 54 -35.60 34.41 2.82
N ALA I 55 -34.39 34.95 2.96
CA ALA I 55 -33.39 34.76 1.92
C ALA I 55 -32.81 33.34 1.88
N VAL I 56 -32.55 32.72 3.03
CA VAL I 56 -31.93 31.41 3.06
C VAL I 56 -32.26 30.76 4.41
N PHE I 57 -32.23 29.42 4.47
CA PHE I 57 -32.42 28.69 5.70
C PHE I 57 -31.12 28.86 6.50
N PRO I 58 -31.11 29.29 7.79
CA PRO I 58 -29.89 29.45 8.56
C PRO I 58 -29.14 28.11 8.70
N ALA I 59 -29.89 26.99 8.59
CA ALA I 59 -29.43 25.61 8.68
C ALA I 59 -28.31 25.34 7.68
N LYS I 60 -28.29 26.06 6.54
CA LYS I 60 -27.23 25.92 5.58
C LYS I 60 -25.89 26.36 6.16
N ALA I 61 -25.85 27.08 7.29
CA ALA I 61 -24.57 27.51 7.85
C ALA I 61 -23.88 26.36 8.54
N VAL I 62 -24.66 25.38 9.01
CA VAL I 62 -24.10 24.25 9.69
C VAL I 62 -23.17 23.46 8.77
N ARG I 63 -23.43 23.54 7.47
CA ARG I 63 -22.64 22.87 6.45
C ARG I 63 -21.22 23.47 6.38
N GLU I 64 -21.02 24.73 6.77
CA GLU I 64 -19.67 25.28 6.77
C GLU I 64 -18.80 24.88 7.98
N LEU I 65 -19.22 23.97 8.87
CA LEU I 65 -18.42 23.57 10.02
C LEU I 65 -17.98 22.13 9.82
N SER I 66 -16.66 21.93 9.78
CA SER I 66 -16.14 20.59 9.53
C SER I 66 -16.48 19.65 10.66
N GLY I 67 -17.15 18.59 10.25
CA GLY I 67 -17.50 17.56 11.19
C GLY I 67 -18.97 17.62 11.45
N TRP I 68 -19.63 18.65 10.94
CA TRP I 68 -21.02 18.78 11.30
C TRP I 68 -22.00 18.24 10.29
N GLN I 69 -21.50 17.68 9.19
CA GLN I 69 -22.42 17.22 8.15
C GLN I 69 -23.44 16.18 8.56
N TYR I 70 -23.25 15.51 9.68
CA TYR I 70 -24.22 14.53 10.11
C TYR I 70 -25.10 14.96 11.26
N VAL I 71 -25.01 16.19 11.82
CA VAL I 71 -25.82 16.57 12.99
C VAL I 71 -27.22 16.80 12.43
N PRO I 72 -28.32 16.23 12.92
CA PRO I 72 -29.64 16.46 12.35
C PRO I 72 -30.13 17.84 12.80
N VAL I 73 -30.49 18.72 11.85
CA VAL I 73 -30.91 20.09 12.09
C VAL I 73 -32.16 20.41 11.30
N THR I 74 -33.05 21.23 11.83
CA THR I 74 -34.24 21.66 11.10
C THR I 74 -34.65 23.04 11.57
N CYS I 75 -35.26 23.76 10.66
CA CYS I 75 -35.74 25.09 10.95
C CYS I 75 -37.22 25.16 11.30
N MET I 76 -37.55 26.32 11.83
CA MET I 76 -38.92 26.62 12.17
C MET I 76 -39.00 28.12 12.20
N GLN I 77 -40.25 28.52 12.11
CA GLN I 77 -40.50 29.92 12.15
C GLN I 77 -40.87 30.25 13.58
N GLU I 78 -40.18 31.29 14.02
CA GLU I 78 -40.41 31.91 15.31
C GLU I 78 -41.74 32.62 15.19
N MET I 79 -42.45 32.66 16.31
CA MET I 79 -43.72 33.35 16.34
C MET I 79 -43.48 34.85 16.25
N ASP I 80 -44.37 35.56 15.54
CA ASP I 80 -44.29 37.00 15.47
C ASP I 80 -45.00 37.54 16.69
N VAL I 81 -44.23 38.15 17.55
CA VAL I 81 -44.73 38.80 18.73
C VAL I 81 -44.49 40.27 18.48
N THR I 82 -45.49 41.06 18.78
CA THR I 82 -45.47 42.50 18.61
C THR I 82 -44.46 43.05 19.62
N GLY I 83 -43.42 43.65 19.06
CA GLY I 83 -42.33 44.14 19.89
C GLY I 83 -41.17 43.14 20.01
N GLY I 84 -41.37 41.87 19.63
CA GLY I 84 -40.32 40.89 19.60
C GLY I 84 -39.18 41.40 18.73
N LEU I 85 -37.96 41.02 19.07
CA LEU I 85 -36.77 41.44 18.33
C LEU I 85 -36.84 40.95 16.89
N LYS I 86 -36.49 41.84 16.00
CA LYS I 86 -36.59 41.53 14.58
C LYS I 86 -35.27 41.02 14.05
N LYS I 87 -35.44 40.28 12.94
CA LYS I 87 -34.36 39.66 12.18
C LYS I 87 -33.56 38.78 13.09
N CYS I 88 -34.26 37.92 13.80
CA CYS I 88 -33.58 37.18 14.85
C CYS I 88 -33.61 35.68 14.58
N ILE I 89 -32.41 35.12 14.69
CA ILE I 89 -32.16 33.70 14.47
C ILE I 89 -31.81 33.17 15.84
N ARG I 90 -32.65 32.25 16.29
CA ARG I 90 -32.45 31.57 17.55
C ARG I 90 -32.09 30.11 17.31
N VAL I 91 -31.30 29.46 18.16
CA VAL I 91 -30.95 28.05 17.98
C VAL I 91 -31.20 27.31 19.30
N MET I 92 -31.62 26.06 19.22
CA MET I 92 -31.74 25.22 20.39
C MET I 92 -30.96 23.99 19.98
N MET I 93 -29.75 23.87 20.53
CA MET I 93 -28.81 22.75 20.27
C MET I 93 -28.91 21.75 21.41
N THR I 94 -29.42 20.55 21.19
CA THR I 94 -29.54 19.53 22.22
C THR I 94 -28.25 18.69 22.29
N VAL I 95 -27.58 18.54 23.44
CA VAL I 95 -26.35 17.81 23.49
C VAL I 95 -26.37 16.79 24.61
N GLN I 96 -25.49 15.79 24.56
CA GLN I 96 -25.27 14.90 25.69
C GLN I 96 -24.17 15.64 26.46
N THR I 97 -24.32 15.79 27.78
CA THR I 97 -23.33 16.47 28.58
C THR I 97 -23.66 16.18 30.02
N ASP I 98 -22.57 16.46 30.69
CA ASP I 98 -22.40 16.27 32.10
C ASP I 98 -22.41 17.52 32.97
N VAL I 99 -22.08 18.61 32.31
CA VAL I 99 -22.00 19.92 32.91
C VAL I 99 -23.38 20.26 33.51
N PRO I 100 -23.53 20.78 34.73
CA PRO I 100 -24.84 21.17 35.28
C PRO I 100 -25.57 22.30 34.53
N GLN I 101 -26.88 22.23 34.47
CA GLN I 101 -27.75 23.24 33.87
C GLN I 101 -27.34 24.71 34.06
N ASP I 102 -26.78 24.97 35.25
CA ASP I 102 -26.38 26.30 35.60
C ASP I 102 -24.99 26.68 35.18
N GLN I 103 -24.22 25.79 34.59
CA GLN I 103 -22.96 26.18 34.03
C GLN I 103 -23.00 26.13 32.52
N ILE I 104 -24.08 25.65 31.89
CA ILE I 104 -24.22 25.75 30.43
C ILE I 104 -24.18 27.21 29.98
N ARG I 105 -23.30 27.58 29.08
CA ARG I 105 -23.16 28.95 28.61
C ARG I 105 -24.05 29.12 27.39
N HIS I 106 -25.00 30.00 27.51
CA HIS I 106 -25.96 30.22 26.45
C HIS I 106 -25.43 31.47 25.76
N VAL I 107 -25.64 31.63 24.46
CA VAL I 107 -24.95 32.71 23.77
C VAL I 107 -25.94 33.64 23.10
N TYR I 108 -25.80 34.94 23.26
CA TYR I 108 -26.76 35.85 22.67
C TYR I 108 -25.87 36.91 22.08
N LEU I 109 -25.92 37.05 20.76
CA LEU I 109 -25.00 37.90 20.06
C LEU I 109 -25.71 39.05 19.39
N GLU I 110 -24.94 40.04 18.98
CA GLU I 110 -25.44 41.18 18.24
C GLU I 110 -26.52 41.94 19.04
N LYS I 111 -27.66 42.30 18.48
CA LYS I 111 -28.66 43.02 19.25
C LYS I 111 -29.37 42.03 20.13
N ALA I 112 -29.15 40.72 19.98
CA ALA I 112 -29.90 39.81 20.83
C ALA I 112 -29.34 39.84 22.23
N VAL I 113 -28.21 40.53 22.49
CA VAL I 113 -27.67 40.66 23.85
C VAL I 113 -28.72 41.11 24.83
N VAL I 114 -29.71 41.82 24.29
CA VAL I 114 -30.80 42.41 25.07
C VAL I 114 -31.86 41.40 25.56
N LEU I 115 -31.71 40.10 25.30
CA LEU I 115 -32.75 39.12 25.55
C LEU I 115 -32.42 38.29 26.79
N MET J 2 19.22 11.20 0.88
CA MET J 2 19.07 12.58 1.28
C MET J 2 17.68 12.85 0.68
N ILE J 3 17.39 14.06 0.25
CA ILE J 3 16.11 14.41 -0.32
C ILE J 3 16.58 15.17 -1.52
N ARG J 4 15.88 14.94 -2.61
CA ARG J 4 16.30 15.47 -3.88
C ARG J 4 15.02 15.96 -4.56
N GLY J 5 15.12 17.04 -5.31
CA GLY J 5 13.99 17.47 -6.10
C GLY J 5 14.08 16.83 -7.47
N ILE J 6 12.92 16.52 -8.03
CA ILE J 6 12.78 15.93 -9.34
C ILE J 6 11.93 16.89 -10.19
N ARG J 7 12.49 17.57 -11.17
CA ARG J 7 11.78 18.43 -12.12
C ARG J 7 11.05 17.70 -13.23
N GLY J 8 10.05 18.36 -13.78
CA GLY J 8 9.29 17.87 -14.94
C GLY J 8 8.59 19.03 -15.67
N ALA J 9 8.10 18.83 -16.91
CA ALA J 9 7.40 19.85 -17.65
C ALA J 9 6.64 19.27 -18.83
N THR J 10 5.47 19.83 -19.19
CA THR J 10 4.67 19.40 -20.33
C THR J 10 3.88 20.60 -20.82
N THR J 11 3.22 20.43 -21.97
CA THR J 11 2.41 21.46 -22.57
C THR J 11 1.04 20.89 -22.81
N VAL J 12 0.04 21.74 -22.85
CA VAL J 12 -1.27 21.36 -23.32
C VAL J 12 -1.50 22.26 -24.54
N GLU J 13 -2.44 21.88 -25.39
CA GLU J 13 -2.78 22.64 -26.56
C GLU J 13 -3.98 23.51 -26.28
N ARG J 14 -4.94 23.03 -25.49
CA ARG J 14 -6.09 23.83 -25.16
C ARG J 14 -6.20 23.91 -23.66
N ASP J 15 -6.65 25.08 -23.19
CA ASP J 15 -6.89 25.26 -21.79
C ASP J 15 -8.19 24.55 -21.48
N THR J 16 -8.17 23.29 -21.11
CA THR J 16 -9.38 22.54 -20.78
C THR J 16 -9.07 21.64 -19.61
N GLU J 17 -10.09 21.12 -18.95
CA GLU J 17 -9.86 20.28 -17.80
C GLU J 17 -9.28 18.96 -18.27
N GLU J 18 -9.88 18.37 -19.30
CA GLU J 18 -9.42 17.07 -19.82
C GLU J 18 -7.97 17.18 -20.23
N GLU J 19 -7.59 18.19 -21.02
CA GLU J 19 -6.22 18.25 -21.42
C GLU J 19 -5.26 18.52 -20.28
N ILE J 20 -5.55 19.39 -19.30
CA ILE J 20 -4.60 19.65 -18.24
C ILE J 20 -4.41 18.39 -17.43
N LEU J 21 -5.51 17.79 -17.06
CA LEU J 21 -5.45 16.64 -16.18
C LEU J 21 -4.76 15.42 -16.78
N GLN J 22 -5.14 15.12 -18.01
CA GLN J 22 -4.58 14.01 -18.76
C GLN J 22 -3.10 14.28 -18.96
N LYS J 23 -2.63 15.42 -19.48
CA LYS J 23 -1.22 15.62 -19.66
C LYS J 23 -0.50 15.72 -18.34
N THR J 24 -1.14 16.10 -17.23
CA THR J 24 -0.43 16.15 -15.97
C THR J 24 -0.21 14.77 -15.39
N LYS J 25 -1.23 13.93 -15.39
CA LYS J 25 -1.18 12.57 -14.89
C LYS J 25 -0.05 11.90 -15.62
N GLN J 26 -0.01 12.09 -16.94
CA GLN J 26 1.02 11.48 -17.74
C GLN J 26 2.41 11.96 -17.35
N LEU J 27 2.64 13.27 -17.15
CA LEU J 27 3.96 13.78 -16.76
C LEU J 27 4.44 13.04 -15.51
N LEU J 28 3.55 13.02 -14.53
CA LEU J 28 3.78 12.41 -13.24
C LEU J 28 4.08 10.94 -13.39
N GLU J 29 3.24 10.21 -14.13
CA GLU J 29 3.42 8.79 -14.33
C GLU J 29 4.78 8.54 -14.92
N LYS J 30 5.16 9.33 -15.91
CA LYS J 30 6.48 9.18 -16.51
C LYS J 30 7.52 9.47 -15.45
N ILE J 31 7.39 10.49 -14.55
CA ILE J 31 8.38 10.74 -13.49
C ILE J 31 8.50 9.56 -12.56
N ILE J 32 7.36 9.03 -12.15
CA ILE J 32 7.30 7.91 -11.22
C ILE J 32 8.03 6.70 -11.82
N GLU J 33 7.68 6.34 -13.07
CA GLU J 33 8.26 5.21 -13.80
C GLU J 33 9.79 5.23 -13.83
N GLU J 34 10.29 6.36 -14.31
CA GLU J 34 11.69 6.59 -14.45
C GLU J 34 12.50 6.77 -13.17
N ASN J 35 11.91 7.16 -12.06
CA ASN J 35 12.68 7.40 -10.85
C ASN J 35 12.38 6.39 -9.79
N HIS J 36 11.32 5.59 -9.99
CA HIS J 36 10.88 4.52 -9.09
C HIS J 36 10.43 5.01 -7.71
N THR J 37 9.63 6.09 -7.82
CA THR J 37 9.10 6.79 -6.67
C THR J 37 7.90 6.12 -6.04
N LYS J 38 7.94 5.97 -4.73
CA LYS J 38 6.76 5.46 -4.06
C LYS J 38 6.17 6.67 -3.34
N PRO J 39 4.85 6.79 -3.13
CA PRO J 39 4.24 7.94 -2.47
C PRO J 39 4.88 8.35 -1.16
N GLU J 40 5.12 7.39 -0.25
CA GLU J 40 5.70 7.68 1.06
C GLU J 40 7.14 8.18 1.07
N ASP J 41 7.75 8.31 -0.09
CA ASP J 41 9.06 8.90 -0.19
C ASP J 41 8.92 10.34 -0.68
N VAL J 42 7.71 10.87 -0.88
CA VAL J 42 7.52 12.21 -1.44
C VAL J 42 7.30 13.07 -0.22
N VAL J 43 8.28 13.93 0.02
CA VAL J 43 8.20 14.97 1.05
C VAL J 43 6.95 15.80 0.66
N GLN J 44 6.91 16.29 -0.59
CA GLN J 44 5.85 17.18 -1.06
C GLN J 44 6.02 17.44 -2.56
N MET J 45 5.02 17.99 -3.23
CA MET J 45 5.11 18.30 -4.64
C MET J 45 4.54 19.71 -4.87
N LEU J 46 5.16 20.47 -5.76
CA LEU J 46 4.69 21.77 -6.19
C LEU J 46 4.46 21.62 -7.71
N LEU J 47 3.33 22.14 -8.22
CA LEU J 47 3.02 22.15 -9.64
C LEU J 47 2.85 23.60 -10.08
N SER J 48 3.46 24.15 -11.13
CA SER J 48 3.23 25.50 -11.54
C SER J 48 2.62 25.48 -12.94
N ALA J 49 1.71 26.40 -13.27
CA ALA J 49 1.14 26.50 -14.60
C ALA J 49 1.52 27.90 -15.06
N THR J 50 1.65 28.15 -16.35
CA THR J 50 1.88 29.53 -16.80
C THR J 50 0.55 30.29 -16.69
N PRO J 51 0.52 31.63 -16.70
CA PRO J 51 -0.71 32.39 -16.49
C PRO J 51 -1.78 32.24 -17.57
N ASP J 52 -1.59 31.52 -18.66
CA ASP J 52 -2.58 31.34 -19.69
C ASP J 52 -3.38 30.08 -19.41
N LEU J 53 -3.22 29.39 -18.27
CA LEU J 53 -3.98 28.17 -18.03
C LEU J 53 -4.88 28.39 -16.83
N HIS J 54 -6.19 28.17 -17.00
CA HIS J 54 -7.17 28.49 -15.98
C HIS J 54 -8.19 27.42 -15.72
N ALA J 55 -8.22 26.29 -16.42
CA ALA J 55 -9.33 25.36 -16.33
C ALA J 55 -9.49 24.55 -15.07
N VAL J 56 -8.40 23.98 -14.55
CA VAL J 56 -8.46 23.12 -13.38
C VAL J 56 -7.11 23.27 -12.67
N PHE J 57 -6.98 22.95 -11.39
CA PHE J 57 -5.66 22.92 -10.77
C PHE J 57 -4.95 21.63 -11.25
N PRO J 58 -3.69 21.60 -11.72
CA PRO J 58 -3.02 20.37 -12.18
C PRO J 58 -2.96 19.35 -11.05
N ALA J 59 -2.98 19.83 -9.79
CA ALA J 59 -2.90 18.99 -8.63
C ALA J 59 -4.04 18.02 -8.48
N LYS J 60 -5.15 18.28 -9.15
CA LYS J 60 -6.30 17.37 -9.10
C LYS J 60 -5.96 16.01 -9.71
N ALA J 61 -4.92 16.01 -10.55
CA ALA J 61 -4.47 14.85 -11.28
C ALA J 61 -3.68 13.88 -10.43
N VAL J 62 -3.01 14.39 -9.39
CA VAL J 62 -2.15 13.58 -8.54
C VAL J 62 -2.98 12.51 -7.88
N ARG J 63 -4.20 12.85 -7.54
CA ARG J 63 -5.03 11.98 -6.72
C ARG J 63 -5.73 10.90 -7.50
N GLU J 64 -5.54 10.94 -8.83
CA GLU J 64 -5.97 9.90 -9.74
C GLU J 64 -4.97 8.74 -9.73
N LEU J 65 -3.80 8.94 -9.13
CA LEU J 65 -2.82 7.90 -8.99
C LEU J 65 -3.21 7.28 -7.65
N SER J 66 -3.38 5.97 -7.52
CA SER J 66 -3.83 5.41 -6.23
C SER J 66 -2.71 5.46 -5.21
N GLY J 67 -3.06 5.66 -3.93
CA GLY J 67 -2.05 5.69 -2.88
C GLY J 67 -1.27 7.01 -2.81
N TRP J 68 -1.66 8.01 -3.60
CA TRP J 68 -1.04 9.30 -3.58
C TRP J 68 -1.86 10.31 -2.83
N GLN J 69 -2.95 9.96 -2.14
CA GLN J 69 -3.75 11.00 -1.49
C GLN J 69 -3.18 11.71 -0.27
N TYR J 70 -2.04 11.28 0.27
CA TYR J 70 -1.39 11.92 1.41
C TYR J 70 -0.18 12.72 1.03
N VAL J 71 0.12 12.75 -0.27
CA VAL J 71 1.29 13.44 -0.79
C VAL J 71 0.94 14.94 -0.78
N PRO J 72 1.62 15.75 0.02
CA PRO J 72 1.40 17.18 0.12
C PRO J 72 1.62 17.81 -1.24
N VAL J 73 0.61 18.44 -1.84
CA VAL J 73 0.73 19.12 -3.13
C VAL J 73 0.20 20.54 -2.98
N THR J 74 0.74 21.47 -3.77
CA THR J 74 0.25 22.83 -3.79
C THR J 74 0.66 23.38 -5.14
N CYS J 75 -0.14 24.22 -5.79
CA CYS J 75 0.21 24.85 -7.07
C CYS J 75 0.78 26.25 -6.91
N MET J 76 1.12 26.86 -8.02
CA MET J 76 1.69 28.20 -8.00
C MET J 76 1.71 28.70 -9.42
N GLN J 77 1.98 29.97 -9.53
CA GLN J 77 2.01 30.55 -10.84
C GLN J 77 3.44 30.71 -11.32
N GLU J 78 3.67 30.19 -12.51
CA GLU J 78 4.92 30.36 -13.15
C GLU J 78 4.99 31.82 -13.50
N MET J 79 6.17 32.38 -13.29
CA MET J 79 6.41 33.77 -13.60
C MET J 79 6.30 33.89 -15.11
N ASP J 80 5.65 34.95 -15.53
CA ASP J 80 5.43 35.21 -16.91
C ASP J 80 6.61 35.97 -17.51
N VAL J 81 7.32 35.17 -18.29
CA VAL J 81 8.49 35.58 -19.02
C VAL J 81 8.13 35.62 -20.49
N THR J 82 8.63 36.67 -21.13
CA THR J 82 8.49 36.87 -22.55
C THR J 82 9.42 35.78 -23.01
N GLY J 83 9.00 34.77 -23.77
CA GLY J 83 9.99 33.79 -24.17
C GLY J 83 9.95 32.53 -23.33
N GLY J 84 9.11 32.43 -22.32
CA GLY J 84 8.92 31.15 -21.72
C GLY J 84 7.90 30.43 -22.60
N LEU J 85 7.82 29.12 -22.43
CA LEU J 85 6.92 28.28 -23.18
C LEU J 85 5.50 28.54 -22.71
N LYS J 86 4.53 28.72 -23.61
CA LYS J 86 3.15 28.95 -23.22
C LYS J 86 2.50 27.60 -23.01
N LYS J 87 1.42 27.67 -22.24
CA LYS J 87 0.62 26.51 -21.87
C LYS J 87 1.38 25.35 -21.27
N CYS J 88 2.37 25.81 -20.48
CA CYS J 88 3.31 24.98 -19.76
C CYS J 88 2.96 24.71 -18.31
N ILE J 89 2.99 23.42 -17.95
CA ILE J 89 2.80 22.95 -16.60
C ILE J 89 4.19 22.43 -16.18
N ARG J 90 4.71 22.77 -15.01
CA ARG J 90 6.00 22.32 -14.50
C ARG J 90 5.82 21.61 -13.17
N VAL J 91 6.67 20.72 -12.69
CA VAL J 91 6.46 20.09 -11.38
C VAL J 91 7.86 19.99 -10.77
N MET J 92 7.90 20.06 -9.44
CA MET J 92 9.10 19.88 -8.64
C MET J 92 8.60 18.88 -7.63
N MET J 93 9.13 17.66 -7.64
CA MET J 93 8.72 16.65 -6.67
C MET J 93 9.86 16.48 -5.68
N THR J 94 9.68 16.57 -4.37
CA THR J 94 10.79 16.44 -3.44
C THR J 94 10.72 15.05 -2.88
N VAL J 95 11.69 14.20 -3.14
CA VAL J 95 11.65 12.80 -2.69
C VAL J 95 12.84 12.46 -1.78
N GLN J 96 12.64 11.49 -0.89
CA GLN J 96 13.73 10.93 -0.08
C GLN J 96 14.38 9.89 -0.99
N THR J 97 15.64 10.10 -1.39
CA THR J 97 16.33 9.14 -2.23
C THR J 97 17.83 9.18 -2.02
N ASP J 98 18.46 8.00 -2.16
CA ASP J 98 19.91 7.89 -2.13
C ASP J 98 20.45 8.00 -3.55
N VAL J 99 19.59 8.03 -4.58
CA VAL J 99 20.10 8.21 -5.94
C VAL J 99 20.80 9.57 -6.03
N PRO J 100 22.02 9.74 -6.51
CA PRO J 100 22.70 11.02 -6.51
C PRO J 100 22.16 12.03 -7.49
N GLN J 101 22.61 13.28 -7.35
CA GLN J 101 22.11 14.39 -8.15
C GLN J 101 22.17 14.18 -9.66
N ASP J 102 23.33 13.83 -10.22
CA ASP J 102 23.41 13.69 -11.65
C ASP J 102 22.72 12.49 -12.27
N GLN J 103 22.14 11.66 -11.43
CA GLN J 103 21.48 10.47 -11.88
C GLN J 103 19.98 10.56 -11.75
N ILE J 104 19.42 11.69 -11.28
CA ILE J 104 17.98 11.89 -11.13
C ILE J 104 17.42 12.09 -12.53
N ARG J 105 16.30 11.47 -12.91
CA ARG J 105 15.78 11.59 -14.26
C ARG J 105 14.68 12.65 -14.27
N HIS J 106 14.93 13.74 -14.94
CA HIS J 106 13.96 14.83 -15.04
C HIS J 106 13.19 14.66 -16.36
N VAL J 107 11.86 14.66 -16.34
CA VAL J 107 11.05 14.36 -17.52
C VAL J 107 10.50 15.58 -18.28
N TYR J 108 10.81 15.79 -19.56
CA TYR J 108 10.25 16.87 -20.36
C TYR J 108 9.37 16.33 -21.50
N LEU J 109 8.04 16.45 -21.41
CA LEU J 109 7.16 15.92 -22.43
C LEU J 109 6.59 17.00 -23.34
N GLU J 110 5.98 16.54 -24.45
CA GLU J 110 5.26 17.37 -25.42
C GLU J 110 6.06 18.60 -25.89
N LYS J 111 5.63 19.87 -26.03
CA LYS J 111 6.57 20.90 -26.48
C LYS J 111 7.70 21.19 -25.48
N ALA J 112 7.62 20.73 -24.21
CA ALA J 112 8.66 21.01 -23.23
C ALA J 112 9.89 20.17 -23.46
N VAL J 113 9.89 19.25 -24.43
CA VAL J 113 11.12 18.54 -24.78
C VAL J 113 12.18 19.54 -25.23
N VAL J 114 11.89 20.81 -25.50
CA VAL J 114 12.94 21.71 -25.92
C VAL J 114 13.70 22.26 -24.72
N LEU J 115 13.45 21.73 -23.51
CA LEU J 115 14.07 22.19 -22.27
C LEU J 115 15.08 21.16 -21.71
N MET K 2 12.46 11.68 8.83
CA MET K 2 12.29 11.97 7.42
C MET K 2 11.97 13.48 7.45
N ILE K 3 11.64 14.10 6.31
CA ILE K 3 11.26 15.49 6.17
C ILE K 3 9.90 15.26 5.49
N ARG K 4 8.87 16.02 5.91
CA ARG K 4 7.52 15.86 5.39
C ARG K 4 6.87 17.22 5.17
N GLY K 5 5.89 17.32 4.26
CA GLY K 5 5.16 18.53 4.02
C GLY K 5 3.82 18.56 4.77
N ILE K 6 3.52 19.71 5.38
CA ILE K 6 2.26 19.87 6.06
C ILE K 6 1.62 21.07 5.35
N ARG K 7 0.44 20.76 4.86
CA ARG K 7 -0.41 21.68 4.15
C ARG K 7 -1.40 22.36 5.09
N GLY K 8 -1.75 23.59 4.76
CA GLY K 8 -2.81 24.24 5.47
C GLY K 8 -3.46 25.22 4.53
N ALA K 9 -4.70 25.64 4.78
CA ALA K 9 -5.35 26.68 3.97
C ALA K 9 -6.43 27.37 4.79
N THR K 10 -6.73 28.60 4.41
CA THR K 10 -7.72 29.42 5.08
C THR K 10 -8.16 30.47 4.09
N THR K 11 -9.21 31.21 4.43
CA THR K 11 -9.71 32.28 3.59
C THR K 11 -9.87 33.53 4.44
N VAL K 12 -9.72 34.71 3.88
CA VAL K 12 -9.97 35.93 4.63
C VAL K 12 -11.29 36.46 4.11
N GLU K 13 -11.97 37.30 4.86
CA GLU K 13 -13.19 37.86 4.32
C GLU K 13 -12.88 39.11 3.53
N ARG K 14 -11.84 39.86 3.86
CA ARG K 14 -11.57 41.06 3.13
C ARG K 14 -10.07 41.09 3.05
N ASP K 15 -9.61 41.68 1.95
CA ASP K 15 -8.21 41.89 1.73
C ASP K 15 -7.67 43.10 2.54
N THR K 16 -7.32 42.81 3.79
CA THR K 16 -6.79 43.80 4.68
C THR K 16 -5.68 43.14 5.44
N GLU K 17 -4.75 43.99 5.83
CA GLU K 17 -3.60 43.57 6.59
C GLU K 17 -3.98 42.83 7.86
N GLU K 18 -4.91 43.39 8.64
CA GLU K 18 -5.32 42.83 9.90
C GLU K 18 -5.77 41.38 9.78
N GLU K 19 -6.66 41.17 8.83
CA GLU K 19 -7.24 39.88 8.57
C GLU K 19 -6.26 38.92 8.02
N ILE K 20 -5.46 39.30 7.02
CA ILE K 20 -4.53 38.34 6.45
C ILE K 20 -3.57 37.93 7.56
N LEU K 21 -3.02 38.87 8.35
CA LEU K 21 -2.08 38.51 9.40
C LEU K 21 -2.73 37.68 10.49
N GLN K 22 -3.98 37.94 10.89
CA GLN K 22 -4.59 37.14 11.93
C GLN K 22 -5.10 35.79 11.47
N LYS K 23 -5.59 35.65 10.24
CA LYS K 23 -6.05 34.37 9.75
C LYS K 23 -4.87 33.42 9.55
N THR K 24 -3.78 33.91 8.95
CA THR K 24 -2.55 33.16 8.78
C THR K 24 -1.95 32.77 10.13
N LYS K 25 -1.96 33.66 11.14
CA LYS K 25 -1.46 33.40 12.48
C LYS K 25 -2.15 32.18 13.09
N GLN K 26 -3.46 32.26 13.05
CA GLN K 26 -4.34 31.21 13.52
C GLN K 26 -4.06 29.88 12.83
N LEU K 27 -3.89 29.90 11.51
CA LEU K 27 -3.65 28.69 10.71
C LEU K 27 -2.35 28.04 11.16
N LEU K 28 -1.24 28.77 11.17
CA LEU K 28 0.06 28.23 11.59
C LEU K 28 0.01 27.75 12.99
N GLU K 29 -0.64 28.47 13.89
CA GLU K 29 -0.80 28.05 15.28
C GLU K 29 -1.54 26.74 15.39
N LYS K 30 -2.60 26.56 14.63
CA LYS K 30 -3.32 25.31 14.66
C LYS K 30 -2.45 24.21 14.04
N ILE K 31 -1.62 24.52 13.04
CA ILE K 31 -0.75 23.51 12.49
C ILE K 31 0.28 23.12 13.58
N ILE K 32 0.86 24.09 14.28
CA ILE K 32 1.89 23.84 15.27
C ILE K 32 1.31 22.98 16.41
N GLU K 33 0.06 23.26 16.79
CA GLU K 33 -0.66 22.58 17.85
C GLU K 33 -0.94 21.12 17.48
N GLU K 34 -1.42 20.91 16.28
CA GLU K 34 -1.81 19.59 15.84
C GLU K 34 -0.59 18.73 15.58
N ASN K 35 0.40 19.34 14.95
CA ASN K 35 1.60 18.62 14.59
C ASN K 35 2.75 18.69 15.57
N HIS K 36 2.58 19.49 16.64
CA HIS K 36 3.53 19.68 17.73
C HIS K 36 4.87 20.11 17.12
N THR K 37 4.80 21.14 16.31
CA THR K 37 5.94 21.56 15.51
C THR K 37 6.89 22.42 16.30
N LYS K 38 8.20 22.19 16.18
CA LYS K 38 9.19 23.04 16.83
C LYS K 38 9.83 23.86 15.75
N PRO K 39 10.14 25.14 16.02
CA PRO K 39 10.75 26.02 15.04
C PRO K 39 12.03 25.47 14.44
N GLU K 40 12.75 24.65 15.20
CA GLU K 40 14.05 24.17 14.76
C GLU K 40 13.96 22.93 13.92
N ASP K 41 12.75 22.44 13.74
CA ASP K 41 12.58 21.29 12.89
C ASP K 41 11.97 21.71 11.58
N VAL K 42 11.73 23.02 11.38
CA VAL K 42 11.14 23.44 10.15
C VAL K 42 12.31 23.83 9.27
N VAL K 43 12.25 23.15 8.13
CA VAL K 43 13.21 23.36 7.07
C VAL K 43 12.88 24.73 6.47
N GLN K 44 11.60 24.91 6.09
CA GLN K 44 11.11 26.10 5.40
C GLN K 44 9.60 26.04 5.29
N MET K 45 9.06 27.18 4.88
CA MET K 45 7.62 27.30 4.73
C MET K 45 7.37 28.15 3.47
N LEU K 46 6.31 27.79 2.73
CA LEU K 46 5.93 28.50 1.53
C LEU K 46 4.54 29.01 1.71
N LEU K 47 4.18 30.27 1.41
CA LEU K 47 2.78 30.64 1.66
C LEU K 47 2.23 31.17 0.38
N SER K 48 1.11 30.65 -0.13
CA SER K 48 0.60 31.26 -1.32
C SER K 48 -0.68 32.07 -1.10
N ALA K 49 -0.91 33.11 -1.90
CA ALA K 49 -2.14 33.89 -1.78
C ALA K 49 -2.78 33.86 -3.15
N THR K 50 -4.09 33.68 -3.24
CA THR K 50 -4.77 33.75 -4.54
C THR K 50 -4.64 35.14 -5.13
N PRO K 51 -4.66 35.39 -6.44
CA PRO K 51 -4.28 36.67 -7.06
C PRO K 51 -5.12 37.92 -6.74
N ASP K 52 -6.12 37.71 -5.90
CA ASP K 52 -6.98 38.73 -5.40
C ASP K 52 -6.45 39.32 -4.07
N LEU K 53 -5.38 38.84 -3.39
CA LEU K 53 -4.93 39.43 -2.13
C LEU K 53 -3.66 40.22 -2.33
N HIS K 54 -3.72 41.53 -2.09
CA HIS K 54 -2.59 42.45 -2.25
C HIS K 54 -2.14 43.21 -1.01
N ALA K 55 -2.80 43.12 0.12
CA ALA K 55 -2.49 43.97 1.28
C ALA K 55 -1.21 43.75 2.07
N VAL K 56 -0.98 42.50 2.46
CA VAL K 56 0.24 42.16 3.19
C VAL K 56 0.72 40.77 2.71
N PHE K 57 2.03 40.52 2.85
CA PHE K 57 2.58 39.20 2.63
C PHE K 57 2.10 38.38 3.81
N PRO K 58 1.40 37.26 3.63
CA PRO K 58 1.00 36.35 4.71
C PRO K 58 2.17 35.99 5.64
N ALA K 59 3.37 36.02 5.04
CA ALA K 59 4.65 35.81 5.69
C ALA K 59 4.90 36.64 6.95
N LYS K 60 4.33 37.85 7.09
CA LYS K 60 4.65 38.74 8.19
C LYS K 60 4.15 38.17 9.50
N ALA K 61 3.06 37.40 9.45
CA ALA K 61 2.48 36.80 10.64
C ALA K 61 3.38 35.81 11.36
N VAL K 62 4.40 35.26 10.67
CA VAL K 62 5.30 34.23 11.19
C VAL K 62 6.06 34.83 12.36
N ARG K 63 6.47 36.09 12.29
CA ARG K 63 7.19 36.75 13.37
C ARG K 63 6.40 36.96 14.69
N GLU K 64 5.08 36.71 14.72
CA GLU K 64 4.27 36.76 15.93
C GLU K 64 4.44 35.51 16.79
N LEU K 65 5.02 34.47 16.22
CA LEU K 65 5.24 33.23 16.90
C LEU K 65 6.65 33.29 17.50
N SER K 66 6.74 33.03 18.78
CA SER K 66 8.03 33.08 19.45
C SER K 66 8.80 31.83 19.10
N GLY K 67 10.07 32.08 18.78
CA GLY K 67 10.99 31.03 18.40
C GLY K 67 11.07 30.88 16.89
N TRP K 68 10.15 31.46 16.09
CA TRP K 68 10.09 31.22 14.66
C TRP K 68 10.79 32.25 13.81
N GLN K 69 11.59 33.10 14.45
CA GLN K 69 12.27 34.17 13.75
C GLN K 69 13.39 33.80 12.81
N TYR K 70 13.80 32.54 12.86
CA TYR K 70 14.87 32.05 12.01
C TYR K 70 14.39 31.01 11.00
N VAL K 71 13.06 30.87 10.87
CA VAL K 71 12.40 29.87 10.02
C VAL K 71 12.29 30.58 8.69
N PRO K 72 12.87 30.11 7.58
CA PRO K 72 12.77 30.82 6.29
C PRO K 72 11.38 30.60 5.67
N VAL K 73 10.80 31.71 5.22
CA VAL K 73 9.49 31.66 4.61
C VAL K 73 9.51 32.39 3.32
N THR K 74 8.77 31.98 2.31
CA THR K 74 8.69 32.85 1.16
C THR K 74 7.30 32.65 0.64
N CYS K 75 6.79 33.70 0.01
CA CYS K 75 5.42 33.73 -0.46
C CYS K 75 5.45 33.56 -1.95
N MET K 76 4.33 33.13 -2.52
CA MET K 76 4.21 32.85 -3.96
C MET K 76 2.78 33.14 -4.40
N GLN K 77 2.55 33.41 -5.67
CA GLN K 77 1.21 33.68 -6.15
C GLN K 77 0.57 32.38 -6.61
N GLU K 78 -0.54 32.04 -5.99
CA GLU K 78 -1.31 30.89 -6.42
C GLU K 78 -1.92 31.17 -7.81
N MET K 79 -2.10 30.15 -8.64
CA MET K 79 -2.68 30.34 -9.95
C MET K 79 -4.14 30.63 -9.85
N ASP K 80 -4.54 31.39 -10.86
CA ASP K 80 -5.91 31.82 -10.97
C ASP K 80 -6.69 30.78 -11.75
N VAL K 81 -7.52 29.97 -11.12
CA VAL K 81 -8.28 28.95 -11.80
C VAL K 81 -9.74 29.30 -11.79
N THR K 82 -10.36 29.10 -12.92
CA THR K 82 -11.79 29.27 -13.12
C THR K 82 -12.58 28.51 -12.05
N GLY K 83 -13.33 29.25 -11.25
CA GLY K 83 -14.12 28.61 -10.23
C GLY K 83 -13.27 28.16 -9.04
N GLY K 84 -12.14 28.81 -8.75
CA GLY K 84 -11.32 28.48 -7.60
C GLY K 84 -11.84 29.18 -6.35
N LEU K 85 -11.23 28.90 -5.21
CA LEU K 85 -11.64 29.51 -3.98
C LEU K 85 -10.83 30.78 -3.89
N LYS K 86 -11.58 31.85 -3.88
CA LYS K 86 -10.98 33.16 -3.83
C LYS K 86 -10.66 33.57 -2.39
N LYS K 87 -9.77 34.53 -2.20
CA LYS K 87 -9.36 35.02 -0.88
C LYS K 87 -8.78 33.90 -0.01
N CYS K 88 -8.01 33.00 -0.64
CA CYS K 88 -7.49 31.79 0.00
C CYS K 88 -5.98 31.84 0.13
N ILE K 89 -5.50 31.47 1.32
CA ILE K 89 -4.08 31.50 1.69
C ILE K 89 -3.69 30.07 1.97
N ARG K 90 -2.65 29.52 1.36
CA ARG K 90 -2.26 28.13 1.58
C ARG K 90 -0.84 28.04 2.12
N VAL K 91 -0.54 27.12 3.01
CA VAL K 91 0.84 27.02 3.48
C VAL K 91 1.33 25.61 3.11
N MET K 92 2.61 25.53 2.69
CA MET K 92 3.32 24.27 2.53
C MET K 92 4.49 24.38 3.50
N MET K 93 4.45 23.70 4.64
CA MET K 93 5.48 23.80 5.65
C MET K 93 6.26 22.49 5.65
N THR K 94 7.58 22.53 5.49
CA THR K 94 8.35 21.31 5.39
C THR K 94 9.02 21.05 6.72
N VAL K 95 8.66 19.97 7.41
CA VAL K 95 9.22 19.67 8.72
C VAL K 95 9.99 18.37 8.80
N GLN K 96 10.98 18.35 9.69
CA GLN K 96 11.75 17.16 10.02
C GLN K 96 10.86 16.35 10.94
N THR K 97 10.44 15.19 10.49
CA THR K 97 9.56 14.40 11.30
C THR K 97 9.64 12.94 10.92
N ASP K 98 9.26 12.21 11.94
CA ASP K 98 9.29 10.77 11.95
C ASP K 98 7.93 10.19 11.70
N VAL K 99 6.89 10.99 11.93
CA VAL K 99 5.50 10.58 11.87
C VAL K 99 5.15 10.23 10.44
N PRO K 100 4.41 9.13 10.26
CA PRO K 100 3.98 8.63 8.97
C PRO K 100 3.26 9.70 8.17
N GLN K 101 3.45 9.56 6.86
CA GLN K 101 2.83 10.44 5.89
C GLN K 101 1.33 10.52 6.09
N ASP K 102 0.71 9.44 6.54
CA ASP K 102 -0.74 9.41 6.67
C ASP K 102 -1.25 9.86 8.01
N GLN K 103 -0.36 10.29 8.93
CA GLN K 103 -0.74 10.75 10.28
C GLN K 103 -0.33 12.23 10.52
N ILE K 104 0.28 12.87 9.52
CA ILE K 104 0.54 14.30 9.54
C ILE K 104 -0.84 14.95 9.42
N ARG K 105 -1.10 16.01 10.20
CA ARG K 105 -2.42 16.60 10.18
C ARG K 105 -2.41 17.91 9.41
N HIS K 106 -3.06 17.91 8.25
CA HIS K 106 -3.02 19.10 7.39
C HIS K 106 -4.20 19.96 7.87
N VAL K 107 -4.13 21.28 8.01
CA VAL K 107 -5.20 22.07 8.63
C VAL K 107 -5.92 22.93 7.61
N TYR K 108 -7.23 22.80 7.45
CA TYR K 108 -8.03 23.56 6.51
C TYR K 108 -9.10 24.15 7.37
N LEU K 109 -9.20 25.49 7.26
CA LEU K 109 -10.10 26.31 8.05
C LEU K 109 -10.90 27.23 7.15
N GLU K 110 -11.87 27.90 7.76
CA GLU K 110 -12.77 28.87 7.14
C GLU K 110 -13.44 28.24 5.95
N LYS K 111 -13.53 28.89 4.80
CA LYS K 111 -14.16 28.26 3.65
C LYS K 111 -13.21 27.23 3.08
N ALA K 112 -11.91 27.24 3.40
CA ALA K 112 -10.97 26.25 2.86
C ALA K 112 -11.30 24.84 3.32
N VAL K 113 -12.25 24.69 4.25
CA VAL K 113 -12.75 23.39 4.66
C VAL K 113 -13.22 22.58 3.46
N VAL K 114 -13.63 23.29 2.42
CA VAL K 114 -14.17 22.64 1.24
C VAL K 114 -13.08 22.09 0.32
N LEU K 115 -11.81 22.35 0.57
CA LEU K 115 -10.76 21.97 -0.35
C LEU K 115 -10.38 20.50 -0.37
N ARG K 116 -10.18 19.91 0.81
CA ARG K 116 -9.88 18.49 0.92
C ARG K 116 -10.72 18.13 2.13
N PRO K 117 -11.91 17.53 1.95
CA PRO K 117 -12.63 16.82 3.01
C PRO K 117 -11.97 15.48 3.40
N MET L 2 20.14 17.40 8.89
CA MET L 2 18.91 18.16 8.86
C MET L 2 18.94 18.88 7.52
N ILE L 3 17.80 19.36 7.02
CA ILE L 3 17.70 20.07 5.75
C ILE L 3 17.23 21.47 6.19
N ARG L 4 17.72 22.56 5.62
CA ARG L 4 17.37 23.87 6.07
C ARG L 4 17.24 24.79 4.88
N GLY L 5 16.26 25.69 4.90
CA GLY L 5 16.14 26.64 3.82
C GLY L 5 17.12 27.76 3.99
N ILE L 6 17.62 28.33 2.90
CA ILE L 6 18.47 29.51 2.95
C ILE L 6 17.74 30.47 2.02
N ARG L 7 17.68 31.73 2.39
CA ARG L 7 16.87 32.73 1.71
C ARG L 7 17.83 33.80 1.30
N GLY L 8 17.42 34.45 0.26
CA GLY L 8 18.12 35.60 -0.23
C GLY L 8 17.11 36.43 -1.01
N ALA L 9 17.40 37.69 -1.29
CA ALA L 9 16.56 38.57 -2.08
C ALA L 9 17.47 39.62 -2.66
N THR L 10 17.23 40.04 -3.90
CA THR L 10 17.98 41.13 -4.49
C THR L 10 17.10 41.97 -5.43
N THR L 11 17.49 43.15 -5.92
CA THR L 11 16.62 43.89 -6.83
C THR L 11 17.39 44.21 -8.09
N VAL L 12 16.67 44.46 -9.21
CA VAL L 12 17.27 44.97 -10.45
C VAL L 12 16.68 46.37 -10.73
N GLU L 13 17.47 47.25 -11.33
CA GLU L 13 16.99 48.55 -11.70
C GLU L 13 16.13 48.52 -12.94
N ARG L 14 16.46 47.74 -13.95
CA ARG L 14 15.70 47.67 -15.19
C ARG L 14 15.42 46.22 -15.55
N ASP L 15 14.28 45.98 -16.18
CA ASP L 15 13.86 44.68 -16.64
C ASP L 15 14.50 44.31 -17.98
N THR L 16 15.77 43.89 -17.95
CA THR L 16 16.51 43.46 -19.10
C THR L 16 17.03 42.08 -18.76
N GLU L 17 17.52 41.26 -19.70
CA GLU L 17 18.01 39.92 -19.41
C GLU L 17 19.35 39.92 -18.65
N GLU L 18 20.20 40.81 -19.14
CA GLU L 18 21.52 41.04 -18.62
C GLU L 18 21.43 41.35 -17.15
N GLU L 19 20.71 42.39 -16.73
CA GLU L 19 20.60 42.75 -15.32
C GLU L 19 19.99 41.67 -14.45
N ILE L 20 18.96 40.96 -14.87
CA ILE L 20 18.35 39.95 -14.05
C ILE L 20 19.34 38.82 -13.85
N LEU L 21 20.11 38.42 -14.86
CA LEU L 21 21.01 37.29 -14.69
C LEU L 21 22.18 37.76 -13.85
N GLN L 22 22.65 38.98 -14.07
CA GLN L 22 23.77 39.55 -13.38
C GLN L 22 23.47 39.68 -11.88
N LYS L 23 22.31 40.20 -11.49
CA LYS L 23 22.05 40.32 -10.07
C LYS L 23 21.74 38.99 -9.44
N THR L 24 20.96 38.10 -10.05
CA THR L 24 20.72 36.78 -9.49
C THR L 24 22.02 35.98 -9.28
N LYS L 25 22.95 36.02 -10.26
CA LYS L 25 24.17 35.26 -10.15
C LYS L 25 24.96 35.75 -8.94
N GLN L 26 25.04 37.06 -8.81
CA GLN L 26 25.69 37.68 -7.67
C GLN L 26 25.02 37.43 -6.34
N LEU L 27 23.69 37.33 -6.27
CA LEU L 27 23.04 37.02 -5.01
C LEU L 27 23.44 35.57 -4.66
N LEU L 28 23.30 34.59 -5.57
CA LEU L 28 23.73 33.20 -5.38
C LEU L 28 25.21 33.08 -4.97
N GLU L 29 26.20 33.59 -5.71
CA GLU L 29 27.60 33.62 -5.27
C GLU L 29 27.79 34.03 -3.83
N LYS L 30 27.00 35.03 -3.38
CA LYS L 30 27.05 35.51 -2.00
C LYS L 30 26.41 34.52 -1.06
N ILE L 31 25.28 33.90 -1.37
CA ILE L 31 24.72 32.88 -0.49
C ILE L 31 25.72 31.75 -0.27
N ILE L 32 26.15 31.22 -1.41
CA ILE L 32 27.14 30.15 -1.47
C ILE L 32 28.38 30.51 -0.64
N GLU L 33 29.02 31.65 -0.85
CA GLU L 33 30.15 32.07 -0.05
C GLU L 33 29.83 32.01 1.42
N GLU L 34 28.74 32.64 1.82
CA GLU L 34 28.45 32.76 3.22
C GLU L 34 28.03 31.47 3.87
N ASN L 35 27.48 30.52 3.13
CA ASN L 35 26.99 29.30 3.76
C ASN L 35 27.83 28.08 3.40
N HIS L 36 28.85 28.35 2.54
CA HIS L 36 29.88 27.42 2.06
C HIS L 36 29.11 26.31 1.36
N THR L 37 28.09 26.64 0.60
CA THR L 37 27.21 25.63 -0.01
C THR L 37 27.86 24.88 -1.17
N LYS L 38 27.66 23.55 -1.20
CA LYS L 38 28.20 22.71 -2.27
C LYS L 38 27.02 22.31 -3.10
N PRO L 39 27.03 22.32 -4.44
CA PRO L 39 25.86 21.97 -5.25
C PRO L 39 25.17 20.65 -4.94
N GLU L 40 25.95 19.61 -4.63
CA GLU L 40 25.40 18.28 -4.34
C GLU L 40 24.67 18.18 -3.05
N ASP L 41 24.85 19.15 -2.17
CA ASP L 41 24.10 19.17 -0.92
C ASP L 41 22.84 20.01 -1.03
N VAL L 42 22.52 20.51 -2.22
CA VAL L 42 21.34 21.31 -2.44
C VAL L 42 20.25 20.38 -2.93
N VAL L 43 19.16 20.37 -2.18
CA VAL L 43 17.99 19.60 -2.53
C VAL L 43 17.24 20.13 -3.78
N GLN L 44 17.21 21.48 -3.99
CA GLN L 44 16.36 22.18 -4.97
C GLN L 44 16.39 23.66 -4.62
N MET L 45 16.01 24.49 -5.55
CA MET L 45 16.02 25.91 -5.37
C MET L 45 14.79 26.47 -6.07
N LEU L 46 14.10 27.37 -5.39
CA LEU L 46 12.94 28.12 -5.88
C LEU L 46 13.35 29.56 -6.07
N LEU L 47 12.95 30.15 -7.17
CA LEU L 47 13.25 31.55 -7.41
C LEU L 47 11.95 32.25 -7.73
N SER L 48 11.63 33.38 -7.06
CA SER L 48 10.41 34.11 -7.37
C SER L 48 10.86 35.48 -7.85
N ALA L 49 10.10 36.05 -8.78
CA ALA L 49 10.33 37.41 -9.24
C ALA L 49 8.96 38.09 -9.17
N THR L 50 8.97 39.38 -8.84
CA THR L 50 7.72 40.15 -8.80
C THR L 50 7.12 40.35 -10.19
N PRO L 51 5.80 40.57 -10.38
CA PRO L 51 5.09 40.54 -11.67
C PRO L 51 5.52 41.56 -12.72
N ASP L 52 6.36 42.51 -12.30
CA ASP L 52 6.91 43.57 -13.13
C ASP L 52 8.12 43.12 -13.91
N LEU L 53 8.62 41.91 -13.70
CA LEU L 53 9.80 41.42 -14.39
C LEU L 53 9.35 40.31 -15.36
N HIS L 54 9.76 40.49 -16.61
CA HIS L 54 9.30 39.70 -17.73
C HIS L 54 10.40 39.35 -18.68
N ALA L 55 11.60 39.89 -18.57
CA ALA L 55 12.60 39.70 -19.59
C ALA L 55 13.20 38.29 -19.67
N VAL L 56 13.41 37.58 -18.56
CA VAL L 56 14.03 36.26 -18.59
C VAL L 56 13.74 35.58 -17.27
N PHE L 57 13.77 34.27 -17.27
CA PHE L 57 13.75 33.47 -16.04
C PHE L 57 15.04 33.65 -15.22
N PRO L 58 15.05 33.98 -13.92
CA PRO L 58 16.28 34.19 -13.14
C PRO L 58 17.04 32.86 -12.96
N ALA L 59 16.30 31.72 -13.04
CA ALA L 59 16.85 30.36 -13.01
C ALA L 59 17.97 30.18 -14.03
N LYS L 60 17.90 30.85 -15.17
CA LYS L 60 18.93 30.73 -16.16
C LYS L 60 20.31 31.15 -15.65
N ALA L 61 20.41 31.95 -14.59
CA ALA L 61 21.72 32.32 -14.05
C ALA L 61 22.37 31.20 -13.26
N VAL L 62 21.59 30.22 -12.83
CA VAL L 62 22.11 29.06 -12.13
C VAL L 62 23.05 28.32 -13.09
N ARG L 63 22.73 28.23 -14.37
CA ARG L 63 23.61 27.59 -15.34
C ARG L 63 24.97 28.28 -15.53
N GLU L 64 25.18 29.49 -15.02
CA GLU L 64 26.46 30.13 -15.16
C GLU L 64 27.32 29.81 -13.93
N LEU L 65 26.88 28.86 -13.08
CA LEU L 65 27.62 28.42 -11.91
C LEU L 65 28.07 26.97 -12.13
N SER L 66 29.38 26.81 -12.29
CA SER L 66 30.00 25.54 -12.58
C SER L 66 29.72 24.50 -11.51
N GLY L 67 29.13 23.38 -11.92
CA GLY L 67 28.85 22.29 -11.02
C GLY L 67 27.38 22.29 -10.68
N TRP L 68 26.73 23.42 -10.93
CA TRP L 68 25.37 23.53 -10.53
C TRP L 68 24.40 23.06 -11.60
N GLN L 69 24.88 22.42 -12.68
CA GLN L 69 23.99 21.95 -13.72
C GLN L 69 23.02 20.83 -13.34
N TYR L 70 23.22 20.17 -12.20
CA TYR L 70 22.27 19.12 -11.83
C TYR L 70 21.31 19.51 -10.72
N VAL L 71 21.44 20.75 -10.20
CA VAL L 71 20.62 21.26 -9.10
C VAL L 71 19.25 21.64 -9.69
N PRO L 72 18.13 21.13 -9.16
CA PRO L 72 16.84 21.43 -9.71
C PRO L 72 16.31 22.77 -9.17
N VAL L 73 15.88 23.60 -10.11
CA VAL L 73 15.37 24.94 -9.86
C VAL L 73 14.05 25.08 -10.60
N THR L 74 13.11 25.88 -10.08
CA THR L 74 11.92 26.26 -10.82
C THR L 74 11.59 27.70 -10.35
N CYS L 75 10.98 28.46 -11.26
CA CYS L 75 10.64 29.84 -10.97
C CYS L 75 9.18 29.98 -10.59
N MET L 76 8.82 31.04 -9.90
CA MET L 76 7.46 31.20 -9.48
C MET L 76 7.20 32.68 -9.38
N GLN L 77 5.90 33.02 -9.41
CA GLN L 77 5.52 34.40 -9.33
C GLN L 77 5.31 34.76 -7.88
N GLU L 78 6.00 35.82 -7.48
CA GLU L 78 5.86 36.35 -6.15
C GLU L 78 4.53 37.07 -6.18
N MET L 79 3.82 37.11 -5.05
CA MET L 79 2.59 37.85 -5.00
C MET L 79 2.78 39.35 -5.04
N ASP L 80 1.76 39.93 -5.64
CA ASP L 80 1.73 41.35 -5.86
C ASP L 80 1.16 42.01 -4.61
N VAL L 81 1.98 42.62 -3.79
CA VAL L 81 1.51 43.33 -2.61
C VAL L 81 1.61 44.81 -2.86
N THR L 82 0.61 45.58 -2.42
CA THR L 82 0.58 47.01 -2.65
C THR L 82 1.71 47.59 -1.83
N GLY L 83 2.68 48.25 -2.46
CA GLY L 83 3.79 48.81 -1.71
C GLY L 83 4.94 47.83 -1.38
N GLY L 84 4.88 46.55 -1.77
CA GLY L 84 5.98 45.61 -1.56
C GLY L 84 7.10 46.00 -2.52
N LEU L 85 8.33 45.63 -2.22
CA LEU L 85 9.49 45.97 -3.03
C LEU L 85 9.33 45.53 -4.48
N LYS L 86 9.59 46.46 -5.37
CA LYS L 86 9.45 46.21 -6.79
C LYS L 86 10.73 45.68 -7.31
N LYS L 87 10.59 44.92 -8.39
CA LYS L 87 11.69 44.33 -9.18
C LYS L 87 12.65 43.50 -8.34
N CYS L 88 12.04 42.58 -7.64
CA CYS L 88 12.78 41.89 -6.65
C CYS L 88 12.63 40.40 -6.90
N ILE L 89 13.82 39.83 -6.78
CA ILE L 89 14.09 38.41 -6.94
C ILE L 89 14.37 37.82 -5.57
N ARG L 90 13.66 36.77 -5.22
CA ARG L 90 13.86 36.07 -3.98
C ARG L 90 14.24 34.61 -4.28
N VAL L 91 15.10 34.01 -3.48
CA VAL L 91 15.51 32.61 -3.62
C VAL L 91 15.25 31.93 -2.30
N MET L 92 14.84 30.67 -2.42
CA MET L 92 14.70 29.75 -1.31
C MET L 92 15.43 28.48 -1.78
N MET L 93 16.61 28.22 -1.19
CA MET L 93 17.51 27.14 -1.53
C MET L 93 17.47 26.13 -0.41
N THR L 94 16.96 24.94 -0.65
CA THR L 94 16.87 23.90 0.37
C THR L 94 18.22 23.18 0.43
N VAL L 95 18.95 23.13 1.54
CA VAL L 95 20.25 22.50 1.55
C VAL L 95 20.29 21.46 2.65
N GLN L 96 21.14 20.44 2.55
CA GLN L 96 21.34 19.51 3.64
C GLN L 96 22.37 20.26 4.49
N THR L 97 22.12 20.45 5.78
CA THR L 97 23.06 21.16 6.60
C THR L 97 22.74 20.79 8.00
N ASP L 98 23.86 21.05 8.63
CA ASP L 98 24.07 20.73 10.02
C ASP L 98 24.10 21.97 10.92
N VAL L 99 24.42 23.13 10.33
CA VAL L 99 24.50 24.40 11.04
C VAL L 99 23.13 24.64 11.66
N PRO L 100 23.01 25.10 12.92
CA PRO L 100 21.76 25.49 13.55
C PRO L 100 21.11 26.62 12.83
N GLN L 101 19.78 26.56 12.85
CA GLN L 101 18.92 27.51 12.20
C GLN L 101 19.30 28.97 12.50
N ASP L 102 19.71 29.28 13.73
CA ASP L 102 20.12 30.65 14.01
C ASP L 102 21.52 31.01 13.54
N GLN L 103 22.22 30.20 12.75
CA GLN L 103 23.52 30.57 12.22
C GLN L 103 23.58 30.44 10.70
N ILE L 104 22.44 30.14 10.05
CA ILE L 104 22.36 30.15 8.58
C ILE L 104 22.42 31.63 8.14
N ARG L 105 23.19 31.95 7.14
CA ARG L 105 23.38 33.31 6.72
C ARG L 105 22.48 33.56 5.54
N HIS L 106 21.30 34.12 5.76
CA HIS L 106 20.36 34.43 4.69
C HIS L 106 20.86 35.75 4.08
N VAL L 107 20.84 36.03 2.77
CA VAL L 107 21.52 37.20 2.21
C VAL L 107 20.53 38.19 1.55
N TYR L 108 20.65 39.51 1.71
CA TYR L 108 19.67 40.45 1.22
C TYR L 108 20.50 41.50 0.54
N LEU L 109 20.40 41.69 -0.76
CA LEU L 109 21.30 42.60 -1.45
C LEU L 109 20.53 43.65 -2.21
N GLU L 110 21.27 44.67 -2.66
CA GLU L 110 20.74 45.81 -3.39
C GLU L 110 19.64 46.52 -2.60
N LYS L 111 18.43 46.77 -3.08
CA LYS L 111 17.41 47.46 -2.29
C LYS L 111 16.75 46.48 -1.32
N ALA L 112 17.00 45.17 -1.44
CA ALA L 112 16.29 44.27 -0.55
C ALA L 112 16.91 44.34 0.84
N VAL L 113 17.99 45.09 1.09
CA VAL L 113 18.53 45.26 2.43
C VAL L 113 17.48 45.70 3.43
N VAL L 114 16.42 46.28 2.87
CA VAL L 114 15.26 46.76 3.57
C VAL L 114 14.27 45.67 4.02
N LEU L 115 14.54 44.36 3.93
CA LEU L 115 13.55 43.32 4.23
C LEU L 115 14.01 42.30 5.32
#